data_6ROJ
#
_entry.id   6ROJ
#
_cell.length_a   1.00
_cell.length_b   1.00
_cell.length_c   1.00
_cell.angle_alpha   90.00
_cell.angle_beta   90.00
_cell.angle_gamma   90.00
#
_symmetry.space_group_name_H-M   'P 1'
#
loop_
_entity.id
_entity.type
_entity.pdbx_description
1 polymer 'Probable phospholipid-transporting ATPase DRS2,Oxaloacetate decarboxylase alpha chain'
2 polymer 'Cell division control protein 50'
3 branched beta-D-mannopyranose-(1-3)-beta-D-mannopyranose-(1-4)-2-acetamido-2-deoxy-beta-D-glucopyranose-(1-4)-2-acetamido-2-deoxy-beta-D-glucopyranose
4 branched 2-acetamido-2-deoxy-beta-D-glucopyranose-(1-4)-2-acetamido-2-deoxy-beta-D-glucopyranose
5 non-polymer 'MAGNESIUM ION'
6 non-polymer '(2R)-1-{[(R)-hydroxy{[(1R,2R,3R,4R,5S,6R)-2,3,5,6-tetrahydroxy-4-(phosphonooxy)cyclohexyl]oxy}phosphoryl]oxy}-3-(octadecanoyloxy)propan-2-yl (5Z,8Z,11Z,14Z)-icosa-5,8,11,14-tetraenoate'
7 water water
#
loop_
_entity_poly.entity_id
_entity_poly.type
_entity_poly.pdbx_seq_one_letter_code
_entity_poly.pdbx_strand_id
1 'polypeptide(L)'
;MNDDRETPPKRKPGEDDTLFDIDFLDDTTSHSGSRSKVTNSHANANYIPPSHVLPEETIDLDADDDNIENDVHENLFMSN
NHDDQTSWNANRFDSDAYQPQSLRAVKPPGLFARFGNGLKNAFTFKRKKGPESFEMNHYNAVTNNELDDNYLDSRNKFNI
KILFNRYILRKNVGDAEGNGEPRVIHINDSLANSSFGYSDNHISTTKYNFATFLPKFLFQEFSKYANLFFLCTSAIQQVP
HVSPTNRYTTIGTLLVVLIVSAMKECIEDIKRANSDKELNNSTAEIFSEAHDDFVEKRWIDIRVGDIIRVKSEEPIPADT
IILSSSEPEGLCYIETANLDGETNLKIKQSRVETAKFIDVKTLKNMNGKVVSEQPNSSLYTYEGTMTLNDRQIPLSPDQM
ILRGATLRNTAWIFGLVIFTGHETKLLRNATATPIKRTAVEKIINRQIIALFTVLIVLILISSIGNVIMSTADAKHLSYL
YLEGTNKAGLFFKDFLTFWILFSNLVPISLFVTVELIKYYQAFMIGSDLDLYYEKTDTPTVVRTSSLVEELGQIEYIFS
(BFD)KTGTLTRNIMEFKSCSIAGHCYIDKIPEDKTATVEDGIEVGYRKFDDLKKKLNDPSDEDSPIINDFLTLLATCHT
VIPEFQSDGSIKYQAASPDEGALVQGGADLGYKFIIRKPNSVTVLLEETGEEKEYQLLNICEFNSTRKRMSAIFRFPDGS
IKLFCKGADTVILERLDDEANQYVEATMRHLEDYASEGLRTLCLAMRDISEGEYEEWNSIYNEAATTLDNRAEKLDEAAN
LIEKNLILIGATAIEDKLQDGVPETIHTLQEAGIKIWVLTGDRQETAINIGMSCRLLSEDMNLLIINEETRDDTERNLLE
KINALNEHQLSTHDMNTLALVIDGKSLGFALEPELEDYLLTVAKLCKAVICCRVSPLQKALVVKMVKRKSSSLLLAIGDG
ANDVSMIQAAHVGVGISGMEGMQAARSADIAVGQFKFLKKLLLVHGSWSYQRISVAILYSFYKNTALYMTQFWYVFANAF
SGQSIMESWTMSFYNLFFTVWPPFVIGVFDQFVSSRLLERYPQLYKLGQKGQFFSVYIFWGWIINGFFHSAIVFIGTILI
YRYGFALNMHGELADHWSWGVTVYTTSVIIVLGKAALVTNQWTKFTLIAIPGSLLFWLIFFPIYASIFPHANISREYYGV
VKHTYGSGVFWLTLIVLPIFALVRDFLWKYYKRMYEPETYHVIQEMQKYNISLVPRGSDSRPHVQQFQNAIRKVRQVQRM
KKQRGFAFSQAEEGGQEKIVRMYDTTQKRGKYGELQDASANPFNDNNGLGSNDFESAEPFIENPFADGNQNSNRFSSSRD
DISFDIGGGGLVPRGSGGTAAAPGPAPAPAPASAPAAAAPAGAGTPVTAPLAGTIWKVLASEGQTVAAGEVLLILEAMKM
ETEIRAAQAGTVRGIAVKAGDAVAVGDTLM
;
A
2 'polypeptide(L)'
;MVSLFKRGKAPPLTKEGPTSKKPPNTAFRQQRLKAWQPILSPQSVLPLLIFVACIFTPIGIGLIVSATKVQDLTIDYSHC
DTKASTTAFEDIPKKYIKYHFKSKVENKPQWRLTENENGEQSCELQFEIPNDIKKSIFIYYKITNFYQNHRRYVQSFDTK
QILGEPIKKDDLDTSCSPIRSREDKIIYPCGLIANSMFNDTFSQVLSGIDDTEDYNLTNKHISWSIDRHRFKTTKYNASD
IVPPPNWMKKYPDGYTDENLPDIHTWEEFQVWMRTAAFPKFYKLTLKNESASLPKGKYQMNIELNYPISLFGGTKSFVLT
TNGAIGGRNMSLGVLYLIVAGLCALFGIIFLVKLIFQPRAMGDHTYLNFDDEENEDYEDVHAENTTLREILGGGGLVPRG
SGGHHHHHHHHHH
;
C
#
loop_
_chem_comp.id
_chem_comp.type
_chem_comp.name
_chem_comp.formula
2Y5 non-polymer '(2R)-1-{[(R)-hydroxy{[(1R,2R,3R,4R,5S,6R)-2,3,5,6-tetrahydroxy-4-(phosphonooxy)cyclohexyl]oxy}phosphoryl]oxy}-3-(octadecanoyloxy)propan-2-yl (5Z,8Z,11Z,14Z)-icosa-5,8,11,14-tetraenoate' 'C47 H84 O16 P2'
BMA D-saccharide, beta linking beta-D-mannopyranose 'C6 H12 O6'
MG non-polymer 'MAGNESIUM ION' 'Mg 2'
NAG D-saccharide, beta linking 2-acetamido-2-deoxy-beta-D-glucopyranose 'C8 H15 N O6'
#
# COMPACT_ATOMS: atom_id res chain seq x y z
N PRO A 182 31.52 9.16 -33.52
CA PRO A 182 30.84 9.12 -34.81
C PRO A 182 30.24 7.76 -35.14
N ARG A 183 28.98 7.75 -35.55
CA ARG A 183 28.25 6.52 -35.85
C ARG A 183 28.20 6.36 -37.37
N VAL A 184 29.20 5.66 -37.91
CA VAL A 184 29.29 5.49 -39.36
C VAL A 184 28.26 4.46 -39.80
N ILE A 185 27.35 4.88 -40.69
CA ILE A 185 26.17 4.09 -41.05
C ILE A 185 26.14 3.98 -42.56
N HIS A 186 26.33 2.76 -43.08
CA HIS A 186 26.21 2.54 -44.51
C HIS A 186 24.74 2.48 -44.93
N ILE A 187 24.52 2.63 -46.23
CA ILE A 187 23.17 2.95 -46.71
C ILE A 187 22.41 1.70 -47.14
N ASN A 188 23.09 0.68 -47.68
CA ASN A 188 22.40 -0.31 -48.49
C ASN A 188 22.96 -1.71 -48.32
N ASP A 189 23.41 -2.05 -47.11
CA ASP A 189 23.88 -3.40 -46.84
C ASP A 189 23.69 -3.72 -45.35
N SER A 190 22.73 -4.59 -45.05
CA SER A 190 22.42 -4.92 -43.67
C SER A 190 23.47 -5.83 -43.03
N LEU A 191 24.36 -6.42 -43.83
CA LEU A 191 25.44 -7.22 -43.26
C LEU A 191 26.60 -6.33 -42.82
N ALA A 192 26.72 -5.13 -43.39
CA ALA A 192 27.87 -4.29 -43.10
C ALA A 192 27.72 -3.55 -41.78
N ASN A 193 26.51 -3.03 -41.49
CA ASN A 193 26.32 -2.27 -40.26
C ASN A 193 26.11 -3.19 -39.06
N SER A 194 25.84 -4.48 -39.30
CA SER A 194 25.70 -5.41 -38.19
C SER A 194 27.04 -5.76 -37.58
N SER A 195 28.14 -5.51 -38.31
CA SER A 195 29.47 -5.74 -37.75
C SER A 195 29.80 -4.75 -36.64
N PHE A 196 29.19 -3.56 -36.70
CA PHE A 196 29.31 -2.62 -35.58
C PHE A 196 28.56 -3.12 -34.36
N GLY A 197 27.45 -3.83 -34.57
CA GLY A 197 26.65 -4.32 -33.47
C GLY A 197 25.87 -3.23 -32.78
N TYR A 198 25.03 -2.53 -33.54
CA TYR A 198 24.20 -1.49 -32.97
C TYR A 198 23.01 -2.09 -32.23
N SER A 199 22.26 -1.22 -31.57
CA SER A 199 21.09 -1.66 -30.81
C SER A 199 19.96 -2.11 -31.73
N ASP A 200 19.01 -2.85 -31.16
CA ASP A 200 17.82 -3.24 -31.89
C ASP A 200 16.74 -2.18 -31.71
N ASN A 201 15.50 -2.51 -32.08
CA ASN A 201 14.42 -1.53 -32.12
C ASN A 201 13.40 -1.75 -31.00
N HIS A 202 13.65 -2.67 -30.10
CA HIS A 202 12.67 -2.97 -29.06
C HIS A 202 12.69 -1.90 -27.99
N ILE A 203 11.53 -1.68 -27.37
CA ILE A 203 11.39 -0.77 -26.25
C ILE A 203 10.68 -1.55 -25.15
N SER A 204 11.37 -1.76 -24.04
CA SER A 204 10.86 -2.57 -22.94
C SER A 204 10.72 -1.72 -21.69
N THR A 205 9.51 -1.71 -21.13
CA THR A 205 9.24 -1.01 -19.89
C THR A 205 9.03 -1.99 -18.73
N THR A 206 9.74 -3.11 -18.77
CA THR A 206 9.61 -4.14 -17.75
C THR A 206 10.62 -3.89 -16.64
N LYS A 207 10.25 -4.27 -15.42
CA LYS A 207 11.15 -4.10 -14.29
C LYS A 207 12.30 -5.09 -14.36
N TYR A 208 12.00 -6.35 -14.68
CA TYR A 208 12.99 -7.41 -14.70
C TYR A 208 13.18 -7.94 -16.12
N ASN A 209 14.12 -8.85 -16.25
CA ASN A 209 14.26 -9.72 -17.41
C ASN A 209 14.84 -11.04 -16.89
N PHE A 210 15.38 -11.86 -17.79
CA PHE A 210 16.01 -13.09 -17.34
C PHE A 210 17.44 -12.88 -16.85
N ALA A 211 18.03 -11.72 -17.09
CA ALA A 211 19.42 -11.47 -16.72
C ALA A 211 19.58 -10.78 -15.38
N THR A 212 18.54 -10.13 -14.85
CA THR A 212 18.64 -9.49 -13.55
C THR A 212 17.42 -9.66 -12.65
N PHE A 213 16.61 -10.69 -12.86
CA PHE A 213 15.49 -10.93 -11.94
C PHE A 213 15.97 -11.35 -10.56
N LEU A 214 17.08 -12.05 -10.47
CA LEU A 214 17.56 -12.48 -9.17
C LEU A 214 18.21 -11.37 -8.34
N PRO A 215 19.20 -10.59 -8.82
CA PRO A 215 19.79 -9.58 -7.91
C PRO A 215 18.96 -8.33 -7.73
N LYS A 216 17.79 -8.22 -8.36
CA LYS A 216 16.92 -7.07 -8.17
C LYS A 216 15.70 -7.39 -7.33
N PHE A 217 15.13 -8.59 -7.46
CA PHE A 217 14.01 -8.98 -6.61
C PHE A 217 14.46 -9.28 -5.20
N LEU A 218 15.66 -9.83 -5.04
CA LEU A 218 16.17 -10.10 -3.70
C LEU A 218 16.55 -8.81 -2.98
N PHE A 219 16.97 -7.78 -3.73
CA PHE A 219 17.33 -6.52 -3.11
C PHE A 219 16.12 -5.80 -2.55
N GLN A 220 14.98 -5.90 -3.21
CA GLN A 220 13.79 -5.24 -2.71
C GLN A 220 13.03 -6.07 -1.69
N GLU A 221 13.37 -7.35 -1.55
CA GLU A 221 12.82 -8.16 -0.46
C GLU A 221 13.68 -8.11 0.79
N PHE A 222 15.00 -8.12 0.62
CA PHE A 222 15.92 -8.02 1.74
C PHE A 222 16.36 -6.59 1.99
N SER A 223 15.55 -5.61 1.59
CA SER A 223 15.60 -4.28 2.17
C SER A 223 14.48 -4.05 3.17
N LYS A 224 13.45 -4.90 3.14
CA LYS A 224 12.53 -5.00 4.26
C LYS A 224 13.24 -5.66 5.43
N TYR A 225 12.96 -5.19 6.64
CA TYR A 225 13.78 -5.60 7.77
C TYR A 225 13.29 -6.89 8.39
N ALA A 226 12.03 -7.27 8.15
CA ALA A 226 11.54 -8.54 8.66
C ALA A 226 12.13 -9.72 7.89
N ASN A 227 12.32 -9.55 6.59
CA ASN A 227 12.92 -10.61 5.79
C ASN A 227 14.40 -10.76 6.11
N LEU A 228 15.04 -9.69 6.58
CA LEU A 228 16.38 -9.82 7.15
C LEU A 228 16.32 -10.52 8.50
N PHE A 229 15.21 -10.39 9.21
CA PHE A 229 15.10 -10.95 10.55
C PHE A 229 14.90 -12.47 10.50
N PHE A 230 14.02 -12.93 9.61
CA PHE A 230 13.79 -14.37 9.48
C PHE A 230 14.94 -15.07 8.76
N LEU A 231 15.80 -14.33 8.07
CA LEU A 231 17.00 -14.93 7.52
C LEU A 231 18.03 -15.19 8.60
N CYS A 232 18.06 -14.35 9.63
CA CYS A 232 18.95 -14.60 10.76
C CYS A 232 18.25 -15.32 11.89
N THR A 233 16.95 -15.59 11.75
CA THR A 233 16.28 -16.50 12.67
C THR A 233 16.47 -17.95 12.21
N SER A 234 16.40 -18.18 10.90
CA SER A 234 16.65 -19.51 10.37
C SER A 234 18.11 -19.88 10.44
N ALA A 235 19.01 -18.89 10.49
CA ALA A 235 20.43 -19.19 10.65
C ALA A 235 20.76 -19.56 12.09
N ILE A 236 19.89 -19.20 13.03
CA ILE A 236 20.05 -19.61 14.42
C ILE A 236 19.48 -21.02 14.65
N GLN A 237 18.50 -21.44 13.84
CA GLN A 237 18.00 -22.80 13.97
C GLN A 237 18.94 -23.86 13.40
N GLN A 238 20.06 -23.46 12.81
CA GLN A 238 20.98 -24.41 12.20
C GLN A 238 22.11 -24.85 13.12
N VAL A 239 22.39 -24.13 14.21
CA VAL A 239 23.29 -24.70 15.21
C VAL A 239 22.56 -25.81 15.96
N PRO A 240 23.24 -26.91 16.39
CA PRO A 240 22.55 -28.18 16.66
C PRO A 240 21.45 -28.23 17.72
N HIS A 241 21.75 -27.86 18.96
CA HIS A 241 20.93 -28.24 20.10
C HIS A 241 20.06 -27.10 20.63
N VAL A 242 19.43 -26.31 19.76
CA VAL A 242 18.69 -25.15 20.25
C VAL A 242 17.25 -25.53 20.64
N SER A 243 16.43 -25.95 19.69
CA SER A 243 15.00 -26.12 19.98
C SER A 243 14.51 -27.36 19.28
N PRO A 244 13.65 -28.16 19.94
CA PRO A 244 13.25 -29.46 19.37
C PRO A 244 12.25 -29.37 18.23
N THR A 245 11.74 -28.17 17.91
CA THR A 245 10.96 -27.98 16.69
C THR A 245 11.91 -28.04 15.50
N ASN A 246 11.35 -28.32 14.31
CA ASN A 246 12.13 -28.73 13.15
C ASN A 246 13.06 -27.62 12.66
N ARG A 247 14.18 -28.03 12.08
CA ARG A 247 15.19 -27.09 11.59
C ARG A 247 14.72 -26.33 10.36
N TYR A 248 13.67 -26.81 9.69
CA TYR A 248 13.18 -26.23 8.45
C TYR A 248 11.74 -25.78 8.57
N THR A 249 11.38 -25.14 9.69
CA THR A 249 10.03 -24.65 9.87
C THR A 249 9.95 -23.13 9.68
N THR A 250 11.07 -22.44 9.79
CA THR A 250 11.08 -21.01 9.51
C THR A 250 11.57 -20.72 8.10
N ILE A 251 12.61 -21.43 7.67
CA ILE A 251 13.12 -21.20 6.33
C ILE A 251 12.22 -21.85 5.28
N GLY A 252 11.34 -22.75 5.70
CA GLY A 252 10.32 -23.24 4.79
C GLY A 252 9.26 -22.18 4.53
N THR A 253 8.83 -21.49 5.59
CA THR A 253 7.88 -20.40 5.42
C THR A 253 8.54 -19.16 4.84
N LEU A 254 9.85 -19.00 5.02
CA LEU A 254 10.54 -17.87 4.42
C LEU A 254 10.63 -18.03 2.90
N LEU A 255 10.74 -19.27 2.42
CA LEU A 255 10.64 -19.47 0.98
C LEU A 255 9.20 -19.36 0.51
N VAL A 256 8.23 -19.64 1.37
CA VAL A 256 6.82 -19.49 1.01
C VAL A 256 6.45 -18.02 0.83
N VAL A 257 6.91 -17.14 1.72
CA VAL A 257 6.64 -15.71 1.57
C VAL A 257 7.51 -15.10 0.47
N LEU A 258 8.56 -15.80 0.04
CA LEU A 258 9.39 -15.30 -1.04
C LEU A 258 8.92 -15.83 -2.39
N ILE A 259 8.11 -16.89 -2.39
CA ILE A 259 7.52 -17.39 -3.63
C ILE A 259 6.29 -16.58 -4.00
N VAL A 260 5.47 -16.22 -3.01
CA VAL A 260 4.26 -15.45 -3.25
C VAL A 260 4.61 -14.05 -3.74
N SER A 261 5.65 -13.44 -3.17
CA SER A 261 6.07 -12.12 -3.62
C SER A 261 6.86 -12.19 -4.92
N ALA A 262 7.27 -13.38 -5.35
CA ALA A 262 7.91 -13.50 -6.65
C ALA A 262 6.89 -13.68 -7.76
N MET A 263 5.81 -14.42 -7.48
CA MET A 263 4.81 -14.65 -8.50
C MET A 263 3.96 -13.40 -8.74
N LYS A 264 3.89 -12.49 -7.77
CA LYS A 264 3.19 -11.24 -7.98
C LYS A 264 4.01 -10.30 -8.87
N GLU A 265 5.33 -10.25 -8.64
CA GLU A 265 6.19 -9.44 -9.48
C GLU A 265 6.51 -10.13 -10.81
N CYS A 266 6.11 -11.39 -10.98
CA CYS A 266 6.16 -12.00 -12.30
C CYS A 266 4.85 -11.82 -13.05
N ILE A 267 3.73 -11.74 -12.33
CA ILE A 267 2.44 -11.48 -12.98
C ILE A 267 2.43 -10.06 -13.55
N GLU A 268 2.97 -9.11 -12.80
CA GLU A 268 2.94 -7.72 -13.23
C GLU A 268 3.94 -7.45 -14.34
N ASP A 269 5.09 -8.12 -14.31
CA ASP A 269 6.09 -7.87 -15.32
C ASP A 269 5.81 -8.60 -16.63
N ILE A 270 4.87 -9.54 -16.62
CA ILE A 270 4.36 -10.10 -17.88
C ILE A 270 3.40 -9.12 -18.54
N LYS A 271 2.57 -8.45 -17.73
CA LYS A 271 1.63 -7.47 -18.26
C LYS A 271 2.35 -6.26 -18.83
N ARG A 272 3.51 -5.92 -18.29
CA ARG A 272 4.33 -4.87 -18.90
C ARG A 272 4.98 -5.37 -20.17
N ALA A 273 5.25 -6.67 -20.27
CA ALA A 273 5.87 -7.21 -21.48
C ALA A 273 4.84 -7.39 -22.58
N ASN A 274 3.57 -7.56 -22.21
CA ASN A 274 2.51 -7.66 -23.22
C ASN A 274 2.26 -6.31 -23.85
N SER A 275 2.32 -5.23 -23.06
CA SER A 275 2.13 -3.90 -23.60
C SER A 275 3.33 -3.43 -24.41
N ASP A 276 4.50 -4.02 -24.20
CA ASP A 276 5.63 -3.74 -25.08
C ASP A 276 5.52 -4.52 -26.38
N LYS A 277 4.78 -5.64 -26.37
CA LYS A 277 4.55 -6.38 -27.59
C LYS A 277 3.57 -5.67 -28.51
N GLU A 278 2.76 -4.77 -27.97
CA GLU A 278 1.89 -3.96 -28.80
C GLU A 278 2.65 -2.88 -29.56
N LEU A 279 3.87 -2.56 -29.14
CA LEU A 279 4.66 -1.54 -29.81
C LEU A 279 5.66 -2.13 -30.80
N ASN A 280 6.38 -3.19 -30.40
CA ASN A 280 7.41 -3.74 -31.26
C ASN A 280 6.83 -4.54 -32.43
N ASN A 281 5.56 -4.97 -32.34
CA ASN A 281 4.93 -5.74 -33.39
C ASN A 281 4.09 -4.89 -34.34
N SER A 282 4.18 -3.57 -34.25
CA SER A 282 3.46 -2.70 -35.17
C SER A 282 4.09 -2.77 -36.56
N THR A 283 3.37 -2.27 -37.56
CA THR A 283 3.80 -2.41 -38.94
C THR A 283 4.74 -1.28 -39.33
N ALA A 284 5.79 -1.63 -40.08
CA ALA A 284 6.76 -0.66 -40.56
C ALA A 284 7.34 -1.18 -41.86
N GLU A 285 7.16 -0.43 -42.95
CA GLU A 285 7.56 -0.85 -44.27
C GLU A 285 9.06 -0.65 -44.44
N ILE A 286 9.78 -1.74 -44.69
CA ILE A 286 11.23 -1.71 -44.84
C ILE A 286 11.60 -2.09 -46.27
N PHE A 287 12.64 -1.45 -46.80
CA PHE A 287 13.13 -1.78 -48.13
C PHE A 287 13.86 -3.10 -48.13
N SER A 288 13.82 -3.79 -49.28
CA SER A 288 14.54 -5.04 -49.48
C SER A 288 15.41 -4.90 -50.72
N GLU A 289 16.67 -5.31 -50.60
CA GLU A 289 17.57 -5.27 -51.76
C GLU A 289 17.21 -6.36 -52.76
N ALA A 290 16.87 -7.55 -52.28
CA ALA A 290 16.54 -8.65 -53.17
C ALA A 290 15.19 -8.45 -53.84
N HIS A 291 14.18 -8.03 -53.07
CA HIS A 291 12.85 -7.85 -53.62
C HIS A 291 12.74 -6.58 -54.46
N ASP A 292 13.65 -5.63 -54.25
CA ASP A 292 13.69 -4.32 -54.93
C ASP A 292 12.38 -3.55 -54.76
N ASP A 293 11.75 -3.71 -53.60
CA ASP A 293 10.51 -3.03 -53.25
C ASP A 293 10.36 -3.09 -51.74
N PHE A 294 9.53 -2.20 -51.20
CA PHE A 294 9.31 -2.12 -49.77
C PHE A 294 8.45 -3.29 -49.31
N VAL A 295 8.91 -4.01 -48.30
CA VAL A 295 8.17 -5.13 -47.72
C VAL A 295 7.61 -4.70 -46.37
N GLU A 296 6.43 -5.20 -46.03
CA GLU A 296 5.83 -4.90 -44.74
C GLU A 296 6.39 -5.85 -43.69
N LYS A 297 6.82 -5.28 -42.58
CA LYS A 297 7.49 -6.05 -41.53
C LYS A 297 7.04 -5.49 -40.18
N ARG A 298 7.74 -5.87 -39.12
CA ARG A 298 7.46 -5.38 -37.79
C ARG A 298 8.46 -4.30 -37.40
N TRP A 299 8.11 -3.55 -36.34
CA TRP A 299 8.98 -2.51 -35.83
C TRP A 299 10.29 -3.07 -35.32
N ILE A 300 10.24 -4.25 -34.69
CA ILE A 300 11.42 -4.83 -34.05
C ILE A 300 12.44 -5.35 -35.07
N ASP A 301 12.05 -5.48 -36.34
CA ASP A 301 12.99 -5.95 -37.36
C ASP A 301 13.83 -4.83 -37.94
N ILE A 302 13.58 -3.58 -37.55
CA ILE A 302 14.32 -2.45 -38.12
C ILE A 302 15.73 -2.41 -37.54
N ARG A 303 16.71 -2.31 -38.42
CA ARG A 303 18.10 -2.17 -38.03
C ARG A 303 18.58 -0.77 -38.39
N VAL A 304 19.73 -0.39 -37.83
CA VAL A 304 20.36 0.86 -38.22
C VAL A 304 20.86 0.75 -39.65
N GLY A 305 20.43 1.68 -40.50
CA GLY A 305 20.83 1.72 -41.88
C GLY A 305 19.76 1.33 -42.87
N ASP A 306 18.58 0.93 -42.38
CA ASP A 306 17.52 0.56 -43.29
C ASP A 306 16.88 1.81 -43.89
N ILE A 307 16.39 1.65 -45.12
CA ILE A 307 15.57 2.67 -45.77
C ILE A 307 14.13 2.29 -45.54
N ILE A 308 13.37 3.18 -44.88
CA ILE A 308 11.99 2.88 -44.54
C ILE A 308 11.09 3.91 -45.21
N ARG A 309 9.80 3.56 -45.29
CA ARG A 309 8.79 4.41 -45.90
C ARG A 309 7.60 4.46 -44.96
N VAL A 310 7.46 5.56 -44.23
CA VAL A 310 6.36 5.73 -43.29
C VAL A 310 5.29 6.58 -43.97
N LYS A 311 4.05 6.11 -43.88
CA LYS A 311 2.92 6.66 -44.63
C LYS A 311 2.39 7.91 -43.93
N SER A 312 1.18 8.30 -44.30
CA SER A 312 0.65 9.65 -44.07
C SER A 312 0.55 10.08 -42.62
N GLU A 313 -0.29 9.43 -41.82
CA GLU A 313 -0.54 9.87 -40.46
C GLU A 313 -0.21 8.79 -39.43
N GLU A 314 0.90 8.11 -39.64
CA GLU A 314 1.41 7.09 -38.74
C GLU A 314 2.76 7.52 -38.16
N PRO A 315 3.09 7.13 -36.93
CA PRO A 315 4.28 7.67 -36.27
C PRO A 315 5.58 7.15 -36.86
N ILE A 316 6.64 7.92 -36.58
CA ILE A 316 7.98 7.64 -37.08
C ILE A 316 8.56 6.48 -36.29
N PRO A 317 9.17 5.48 -36.93
CA PRO A 317 9.66 4.31 -36.18
C PRO A 317 10.98 4.54 -35.46
N ALA A 318 11.84 5.41 -35.97
CA ALA A 318 13.15 5.62 -35.39
C ALA A 318 13.65 7.00 -35.76
N ASP A 319 14.89 7.29 -35.38
CA ASP A 319 15.51 8.57 -35.71
C ASP A 319 16.01 8.53 -37.14
N THR A 320 15.19 9.03 -38.07
CA THR A 320 15.48 8.91 -39.49
C THR A 320 15.78 10.28 -40.09
N ILE A 321 16.70 10.31 -41.05
CA ILE A 321 16.91 11.48 -41.89
C ILE A 321 16.11 11.30 -43.18
N ILE A 322 15.28 12.30 -43.51
CA ILE A 322 14.38 12.20 -44.64
C ILE A 322 15.16 12.31 -45.94
N LEU A 323 14.87 11.42 -46.89
CA LEU A 323 15.51 11.45 -48.21
C LEU A 323 14.62 12.12 -49.24
N SER A 324 13.33 11.79 -49.24
CA SER A 324 12.39 12.35 -50.21
C SER A 324 11.01 12.42 -49.58
N SER A 325 10.06 12.93 -50.37
CA SER A 325 8.66 12.98 -49.96
C SER A 325 7.78 13.10 -51.19
N SER A 326 6.47 13.05 -50.95
CA SER A 326 5.51 13.25 -52.03
C SER A 326 5.38 14.72 -52.40
N GLU A 327 5.83 15.62 -51.55
CA GLU A 327 5.80 17.04 -51.84
C GLU A 327 6.89 17.38 -52.86
N PRO A 328 6.67 18.41 -53.72
CA PRO A 328 7.56 18.62 -54.88
C PRO A 328 9.00 18.99 -54.54
N GLU A 329 9.21 19.90 -53.59
CA GLU A 329 10.58 20.24 -53.22
C GLU A 329 11.22 19.15 -52.38
N GLY A 330 10.43 18.44 -51.58
CA GLY A 330 10.96 17.46 -50.66
C GLY A 330 10.69 17.75 -49.20
N LEU A 331 9.71 18.59 -48.88
CA LEU A 331 9.41 18.95 -47.50
C LEU A 331 8.34 18.02 -46.92
N CYS A 332 8.27 18.01 -45.59
CA CYS A 332 7.22 17.29 -44.90
C CYS A 332 6.91 18.04 -43.62
N TYR A 333 5.83 17.63 -42.96
CA TYR A 333 5.34 18.29 -41.76
C TYR A 333 5.22 17.25 -40.65
N ILE A 334 6.06 17.36 -39.63
CA ILE A 334 6.01 16.47 -38.49
C ILE A 334 5.37 17.21 -37.32
N GLU A 335 4.67 16.47 -36.46
CA GLU A 335 4.06 17.02 -35.26
C GLU A 335 4.84 16.54 -34.05
N THR A 336 5.32 17.49 -33.24
CA THR A 336 6.23 17.14 -32.16
C THR A 336 5.58 17.33 -30.79
N ALA A 337 4.31 16.95 -30.66
CA ALA A 337 3.61 17.06 -29.39
C ALA A 337 3.95 15.93 -28.43
N ASN A 338 4.76 14.96 -28.83
CA ASN A 338 5.21 13.94 -27.91
C ASN A 338 6.64 14.16 -27.43
N LEU A 339 7.49 14.73 -28.27
CA LEU A 339 8.84 15.06 -27.84
C LEU A 339 8.94 16.48 -27.29
N ASP A 340 7.91 17.29 -27.49
CA ASP A 340 7.79 18.59 -26.87
C ASP A 340 6.36 18.76 -26.40
N GLY A 341 6.00 19.98 -26.07
CA GLY A 341 4.62 20.34 -25.88
C GLY A 341 4.11 21.25 -26.97
N GLU A 342 4.93 21.54 -27.97
CA GLU A 342 4.58 22.52 -28.99
C GLU A 342 3.53 21.96 -29.94
N THR A 343 2.54 22.80 -30.25
CA THR A 343 1.36 22.36 -30.99
C THR A 343 1.45 22.66 -32.47
N ASN A 344 2.41 23.46 -32.90
CA ASN A 344 2.57 23.76 -34.31
C ASN A 344 3.28 22.61 -35.02
N LEU A 345 3.30 22.70 -36.35
CA LEU A 345 3.92 21.67 -37.18
C LEU A 345 5.26 22.17 -37.67
N LYS A 346 6.25 21.28 -37.68
CA LYS A 346 7.61 21.64 -38.05
C LYS A 346 7.88 21.32 -39.50
N ILE A 347 8.56 22.24 -40.18
CA ILE A 347 8.91 22.08 -41.59
C ILE A 347 10.22 21.30 -41.64
N LYS A 348 10.12 20.01 -41.88
CA LYS A 348 11.29 19.18 -42.14
C LYS A 348 11.37 18.99 -43.65
N GLN A 349 12.47 19.43 -44.24
CA GLN A 349 12.65 19.34 -45.67
C GLN A 349 13.82 18.43 -46.00
N SER A 350 13.71 17.72 -47.12
CA SER A 350 14.85 16.96 -47.60
C SER A 350 15.87 17.89 -48.24
N ARG A 351 17.10 17.38 -48.34
CA ARG A 351 18.11 18.07 -49.14
C ARG A 351 17.76 17.94 -50.61
N VAL A 352 18.08 18.99 -51.38
CA VAL A 352 17.76 18.97 -52.80
C VAL A 352 18.75 18.09 -53.55
N GLU A 353 19.89 17.78 -52.93
CA GLU A 353 20.87 16.88 -53.51
C GLU A 353 20.52 15.42 -53.30
N THR A 354 19.42 15.12 -52.62
CA THR A 354 18.95 13.75 -52.44
C THR A 354 17.45 13.58 -52.58
N ALA A 355 16.69 14.63 -52.93
CA ALA A 355 15.25 14.49 -53.10
C ALA A 355 14.87 13.95 -54.47
N LYS A 356 15.86 13.60 -55.31
CA LYS A 356 15.57 13.05 -56.63
C LYS A 356 15.30 11.56 -56.60
N PHE A 357 15.29 10.93 -55.42
CA PHE A 357 14.98 9.51 -55.29
C PHE A 357 13.52 9.37 -54.87
N ILE A 358 12.63 9.49 -55.87
CA ILE A 358 11.20 9.42 -55.65
C ILE A 358 10.68 8.00 -55.85
N ASP A 359 11.16 7.29 -56.86
CA ASP A 359 10.62 6.00 -57.25
C ASP A 359 11.29 4.91 -56.42
N VAL A 360 10.55 3.84 -56.17
CA VAL A 360 11.06 2.79 -55.28
C VAL A 360 12.08 1.91 -56.01
N LYS A 361 12.00 1.84 -57.34
CA LYS A 361 12.90 0.96 -58.09
C LYS A 361 14.30 1.53 -58.25
N THR A 362 14.50 2.83 -58.06
CA THR A 362 15.81 3.44 -58.23
C THR A 362 16.51 3.67 -56.89
N LEU A 363 15.99 3.14 -55.79
CA LEU A 363 16.61 3.31 -54.49
C LEU A 363 17.84 2.43 -54.30
N LYS A 364 18.07 1.47 -55.19
CA LYS A 364 19.16 0.50 -55.01
C LYS A 364 20.51 1.03 -55.47
N ASN A 365 20.54 2.07 -56.30
CA ASN A 365 21.76 2.49 -56.97
C ASN A 365 22.55 3.55 -56.21
N MET A 366 22.15 3.89 -54.99
CA MET A 366 22.86 4.89 -54.20
C MET A 366 23.72 4.19 -53.14
N ASN A 367 25.01 4.53 -53.11
CA ASN A 367 25.93 4.00 -52.12
C ASN A 367 26.61 5.16 -51.40
N GLY A 368 27.04 4.89 -50.18
CA GLY A 368 27.66 5.90 -49.35
C GLY A 368 27.40 5.62 -47.88
N LYS A 369 28.03 6.42 -47.03
CA LYS A 369 27.86 6.29 -45.59
C LYS A 369 27.42 7.60 -44.98
N VAL A 370 26.81 7.51 -43.81
CA VAL A 370 26.38 8.69 -43.05
C VAL A 370 27.18 8.73 -41.76
N VAL A 371 28.09 9.70 -41.65
CA VAL A 371 28.86 9.90 -40.44
C VAL A 371 27.97 10.70 -39.51
N SER A 372 27.29 10.00 -38.61
CA SER A 372 26.32 10.62 -37.72
C SER A 372 26.97 10.99 -36.39
N GLU A 373 26.22 11.70 -35.56
CA GLU A 373 26.69 12.05 -34.24
C GLU A 373 26.39 10.92 -33.26
N GLN A 374 26.83 11.12 -32.01
CA GLN A 374 26.54 10.16 -30.97
C GLN A 374 25.10 10.33 -30.48
N PRO A 375 24.55 9.35 -29.78
CA PRO A 375 23.23 9.54 -29.14
C PRO A 375 23.28 10.62 -28.08
N ASN A 376 22.27 11.50 -28.11
CA ASN A 376 22.15 12.60 -27.18
C ASN A 376 20.74 12.62 -26.61
N SER A 377 20.42 13.70 -25.90
CA SER A 377 19.04 14.00 -25.57
C SER A 377 18.66 15.44 -25.93
N SER A 378 19.59 16.22 -26.48
CA SER A 378 19.27 17.55 -26.99
C SER A 378 18.52 17.37 -28.30
N LEU A 379 17.24 17.74 -28.31
CA LEU A 379 16.36 17.36 -29.41
C LEU A 379 16.60 18.21 -30.65
N TYR A 380 16.79 19.51 -30.49
CA TYR A 380 16.79 20.44 -31.60
C TYR A 380 18.16 20.61 -32.23
N THR A 381 19.12 19.75 -31.93
CA THR A 381 20.46 19.85 -32.48
C THR A 381 20.90 18.50 -33.00
N TYR A 382 21.23 18.44 -34.29
CA TYR A 382 21.84 17.27 -34.89
C TYR A 382 23.00 17.74 -35.73
N GLU A 383 24.05 16.93 -35.84
CA GLU A 383 25.17 17.21 -36.73
C GLU A 383 25.61 15.91 -37.38
N GLY A 384 25.63 15.89 -38.71
CA GLY A 384 26.09 14.73 -39.44
C GLY A 384 26.72 15.15 -40.75
N THR A 385 27.14 14.16 -41.52
CA THR A 385 27.69 14.35 -42.86
C THR A 385 27.38 13.13 -43.70
N MET A 386 26.38 13.24 -44.55
CA MET A 386 25.99 12.14 -45.45
C MET A 386 26.80 12.28 -46.74
N THR A 387 27.73 11.36 -46.98
CA THR A 387 28.43 11.36 -48.27
C THR A 387 27.66 10.46 -49.23
N LEU A 388 27.34 11.00 -50.40
CA LEU A 388 26.66 10.26 -51.46
C LEU A 388 27.74 9.55 -52.29
N ASN A 389 27.39 9.12 -53.51
CA ASN A 389 28.28 8.36 -54.39
C ASN A 389 29.65 9.02 -54.62
N ASP A 390 29.68 10.33 -54.72
CA ASP A 390 30.95 11.00 -54.98
C ASP A 390 31.38 11.96 -53.89
N ARG A 391 30.54 12.91 -53.47
CA ARG A 391 30.93 13.93 -52.51
C ARG A 391 29.93 14.00 -51.36
N GLN A 392 30.34 14.72 -50.31
CA GLN A 392 29.57 14.77 -49.08
C GLN A 392 28.49 15.84 -49.14
N ILE A 393 27.37 15.57 -48.46
CA ILE A 393 26.36 16.61 -48.26
C ILE A 393 26.27 16.84 -46.76
N PRO A 394 26.01 18.08 -46.32
CA PRO A 394 25.88 18.33 -44.88
C PRO A 394 24.50 17.95 -44.38
N LEU A 395 24.43 17.67 -43.07
CA LEU A 395 23.18 17.40 -42.41
C LEU A 395 22.96 18.43 -41.32
N SER A 396 21.74 18.47 -40.82
CA SER A 396 21.27 19.53 -39.94
C SER A 396 19.97 19.06 -39.30
N PRO A 397 19.51 19.66 -38.19
CA PRO A 397 18.23 19.25 -37.61
C PRO A 397 17.00 19.65 -38.42
N ASP A 398 17.16 20.31 -39.57
CA ASP A 398 16.02 20.57 -40.43
C ASP A 398 15.64 19.35 -41.25
N GLN A 399 16.50 18.32 -41.30
CA GLN A 399 16.14 17.05 -41.90
C GLN A 399 16.38 15.88 -40.94
N MET A 400 16.13 16.11 -39.65
CA MET A 400 16.23 15.08 -38.64
C MET A 400 14.87 14.88 -38.01
N ILE A 401 14.36 13.65 -38.08
CA ILE A 401 13.04 13.31 -37.58
C ILE A 401 13.21 12.32 -36.44
N LEU A 402 12.78 12.71 -35.25
CA LEU A 402 12.96 11.87 -34.07
C LEU A 402 11.83 10.84 -33.97
N ARG A 403 11.98 9.93 -33.01
CA ARG A 403 11.10 8.77 -32.97
C ARG A 403 9.70 9.12 -32.45
N GLY A 404 9.61 10.02 -31.49
CA GLY A 404 8.29 10.37 -30.96
C GLY A 404 7.44 11.23 -31.86
N ALA A 405 7.96 11.67 -33.01
CA ALA A 405 7.24 12.53 -33.92
C ALA A 405 6.18 11.75 -34.69
N THR A 406 5.45 12.47 -35.52
CA THR A 406 4.36 11.90 -36.31
C THR A 406 4.26 12.67 -37.62
N LEU A 407 4.37 11.95 -38.73
CA LEU A 407 4.24 12.58 -40.04
C LEU A 407 2.80 13.05 -40.26
N ARG A 408 2.65 14.20 -40.91
CA ARG A 408 1.35 14.80 -41.12
C ARG A 408 1.35 15.59 -42.42
N ASN A 409 0.19 15.57 -43.10
CA ASN A 409 -0.08 16.38 -44.30
C ASN A 409 0.91 16.10 -45.43
N THR A 410 1.41 14.87 -45.48
CA THR A 410 2.31 14.40 -46.52
C THR A 410 1.95 12.94 -46.76
N ALA A 411 2.03 12.50 -48.01
CA ALA A 411 1.60 11.14 -48.32
C ALA A 411 2.59 10.11 -47.81
N TRP A 412 3.87 10.29 -48.10
CA TRP A 412 4.91 9.37 -47.66
C TRP A 412 6.25 10.11 -47.67
N ILE A 413 7.22 9.57 -46.94
CA ILE A 413 8.59 10.04 -46.99
C ILE A 413 9.52 8.84 -47.03
N PHE A 414 10.77 9.09 -47.37
CA PHE A 414 11.83 8.07 -47.36
C PHE A 414 12.85 8.45 -46.29
N GLY A 415 12.99 7.60 -45.28
CA GLY A 415 13.91 7.91 -44.20
C GLY A 415 15.01 6.87 -44.02
N LEU A 416 16.10 7.28 -43.38
CA LEU A 416 17.21 6.39 -43.10
C LEU A 416 17.43 6.30 -41.60
N VAL A 417 17.14 5.12 -41.03
CA VAL A 417 17.19 4.90 -39.59
C VAL A 417 18.62 5.03 -39.09
N ILE A 418 18.84 5.91 -38.13
CA ILE A 418 20.21 6.19 -37.68
C ILE A 418 20.37 5.92 -36.19
N PHE A 419 19.33 6.14 -35.41
CA PHE A 419 19.30 5.75 -34.01
C PHE A 419 18.02 4.97 -33.78
N THR A 420 18.11 3.86 -33.07
CA THR A 420 16.97 3.00 -32.89
C THR A 420 16.91 2.50 -31.45
N GLY A 421 15.72 2.08 -31.03
CA GLY A 421 15.52 1.50 -29.72
C GLY A 421 15.72 2.45 -28.57
N HIS A 422 16.60 2.11 -27.64
CA HIS A 422 16.94 2.97 -26.52
C HIS A 422 18.15 3.84 -26.82
N GLU A 423 18.53 3.97 -28.09
CA GLU A 423 19.61 4.84 -28.51
C GLU A 423 19.10 6.11 -29.18
N THR A 424 17.80 6.36 -29.14
CA THR A 424 17.19 7.53 -29.77
C THR A 424 17.52 8.81 -29.01
N LYS A 425 17.00 9.94 -29.47
CA LYS A 425 17.23 11.18 -28.74
C LYS A 425 16.27 11.32 -27.57
N LEU A 426 15.06 10.80 -27.71
CA LEU A 426 14.02 11.03 -26.71
C LEU A 426 13.96 9.93 -25.65
N LEU A 427 14.16 8.67 -26.03
CA LEU A 427 14.09 7.56 -25.09
C LEU A 427 15.46 7.09 -24.63
N ARG A 428 16.46 7.96 -24.66
CA ARG A 428 17.79 7.55 -24.24
C ARG A 428 17.91 7.44 -22.73
N ASN A 429 17.31 8.38 -21.99
CA ASN A 429 17.45 8.44 -20.55
C ASN A 429 16.29 7.77 -19.81
N ALA A 430 15.34 7.19 -20.54
CA ALA A 430 14.40 6.28 -19.90
C ALA A 430 15.11 4.97 -19.57
N THR A 431 14.72 4.38 -18.44
CA THR A 431 15.33 3.13 -17.98
C THR A 431 14.22 2.14 -17.66
N ALA A 432 14.61 1.02 -17.07
CA ALA A 432 13.63 0.08 -16.54
C ALA A 432 12.96 0.68 -15.32
N THR A 433 11.78 0.15 -15.01
CA THR A 433 10.96 0.59 -13.88
C THR A 433 11.72 0.41 -12.57
N PRO A 434 12.05 1.49 -11.87
CA PRO A 434 12.89 1.36 -10.68
C PRO A 434 12.09 0.87 -9.48
N ILE A 435 12.83 0.52 -8.42
CA ILE A 435 12.21 0.12 -7.17
C ILE A 435 11.68 1.36 -6.47
N LYS A 436 10.39 1.33 -6.12
CA LYS A 436 9.72 2.46 -5.50
C LYS A 436 9.16 2.02 -4.16
N ARG A 437 9.77 2.49 -3.08
CA ARG A 437 9.32 2.22 -1.72
C ARG A 437 8.40 3.34 -1.27
N THR A 438 7.33 3.00 -0.57
CA THR A 438 6.38 4.00 -0.13
C THR A 438 6.85 4.63 1.18
N ALA A 439 5.99 5.49 1.73
CA ALA A 439 6.24 6.06 3.04
C ALA A 439 5.65 5.21 4.15
N VAL A 440 4.60 4.43 3.85
CA VAL A 440 4.09 3.45 4.80
C VAL A 440 5.12 2.35 5.00
N GLU A 441 5.73 1.89 3.91
CA GLU A 441 6.75 0.86 3.99
C GLU A 441 8.00 1.34 4.70
N LYS A 442 8.30 2.65 4.64
CA LYS A 442 9.45 3.16 5.37
C LYS A 442 9.17 3.24 6.87
N ILE A 443 7.89 3.36 7.26
CA ILE A 443 7.55 3.39 8.66
C ILE A 443 7.63 1.99 9.27
N ILE A 444 7.29 0.96 8.48
CA ILE A 444 7.32 -0.42 8.95
C ILE A 444 8.75 -0.86 9.29
N ASN A 445 9.74 -0.37 8.55
CA ASN A 445 11.12 -0.63 8.91
C ASN A 445 11.56 0.11 10.17
N ARG A 446 10.79 1.09 10.64
CA ARG A 446 11.01 1.71 11.93
C ARG A 446 10.10 1.15 13.01
N GLN A 447 9.05 0.41 12.61
CA GLN A 447 8.24 -0.30 13.60
C GLN A 447 8.81 -1.68 13.87
N ILE A 448 9.61 -2.21 12.93
CA ILE A 448 10.28 -3.49 13.16
C ILE A 448 11.42 -3.30 14.15
N ILE A 449 12.17 -2.21 14.03
CA ILE A 449 13.25 -1.89 14.96
C ILE A 449 12.67 -1.62 16.35
N ALA A 450 11.47 -1.04 16.42
CA ALA A 450 10.77 -0.92 17.70
C ALA A 450 10.44 -2.30 18.26
N LEU A 451 9.93 -3.19 17.41
CA LEU A 451 9.60 -4.54 17.85
C LEU A 451 10.83 -5.40 18.06
N PHE A 452 11.96 -5.08 17.45
CA PHE A 452 13.15 -5.89 17.65
C PHE A 452 13.87 -5.54 18.93
N THR A 453 13.80 -4.29 19.40
CA THR A 453 14.41 -3.96 20.68
C THR A 453 13.49 -4.27 21.84
N VAL A 454 12.19 -4.44 21.57
CA VAL A 454 11.33 -5.11 22.54
C VAL A 454 11.73 -6.57 22.65
N LEU A 455 12.06 -7.20 21.52
CA LEU A 455 12.40 -8.61 21.48
C LEU A 455 13.69 -8.91 22.23
N ILE A 456 14.70 -8.05 22.09
CA ILE A 456 15.98 -8.27 22.76
C ILE A 456 15.84 -8.11 24.28
N VAL A 457 14.90 -7.28 24.74
CA VAL A 457 14.65 -7.13 26.16
C VAL A 457 14.07 -8.40 26.78
N LEU A 458 13.06 -8.98 26.14
CA LEU A 458 12.41 -10.18 26.69
C LEU A 458 13.30 -11.40 26.58
N ILE A 459 14.16 -11.46 25.57
CA ILE A 459 15.15 -12.53 25.51
C ILE A 459 16.20 -12.34 26.60
N LEU A 460 16.56 -11.09 26.89
CA LEU A 460 17.59 -10.84 27.90
C LEU A 460 17.06 -11.06 29.30
N ILE A 461 15.76 -10.88 29.51
CA ILE A 461 15.18 -11.14 30.82
C ILE A 461 15.12 -12.64 31.10
N SER A 462 14.66 -13.41 30.12
CA SER A 462 14.48 -14.84 30.33
C SER A 462 15.80 -15.59 30.34
N SER A 463 16.82 -15.05 29.67
CA SER A 463 18.10 -15.74 29.64
C SER A 463 18.99 -15.35 30.82
N ILE A 464 18.71 -14.24 31.48
CA ILE A 464 19.34 -13.95 32.76
C ILE A 464 18.60 -14.64 33.90
N GLY A 465 17.27 -14.69 33.82
CA GLY A 465 16.50 -15.41 34.82
C GLY A 465 16.68 -16.91 34.78
N ASN A 466 17.14 -17.45 33.65
CA ASN A 466 17.42 -18.88 33.58
C ASN A 466 18.77 -19.21 34.20
N VAL A 467 19.76 -18.34 33.99
CA VAL A 467 21.09 -18.63 34.49
C VAL A 467 21.20 -18.27 35.98
N ILE A 468 20.23 -17.49 36.47
CA ILE A 468 20.18 -17.21 37.90
C ILE A 468 19.48 -18.34 38.64
N MET A 469 18.35 -18.80 38.11
CA MET A 469 17.52 -19.79 38.78
C MET A 469 18.11 -21.20 38.72
N SER A 470 18.77 -21.56 37.62
CA SER A 470 19.40 -22.87 37.54
C SER A 470 20.78 -22.91 38.17
N THR A 471 21.18 -21.84 38.86
CA THR A 471 22.42 -21.81 39.63
C THR A 471 22.11 -21.63 41.12
N ALA A 472 21.22 -20.70 41.45
CA ALA A 472 20.84 -20.49 42.85
C ALA A 472 19.97 -21.63 43.38
N ASP A 473 19.19 -22.27 42.51
CA ASP A 473 18.34 -23.37 42.92
C ASP A 473 18.79 -24.67 42.28
N ALA A 474 20.10 -24.92 42.26
CA ALA A 474 20.60 -26.16 41.67
C ALA A 474 20.37 -27.35 42.59
N LYS A 475 20.12 -27.11 43.87
CA LYS A 475 19.87 -28.20 44.81
C LYS A 475 18.41 -28.59 44.85
N HIS A 476 17.51 -27.75 44.32
CA HIS A 476 16.09 -28.05 44.28
C HIS A 476 15.60 -28.34 42.87
N LEU A 477 16.52 -28.54 41.93
CA LEU A 477 16.16 -28.94 40.57
C LEU A 477 16.95 -30.16 40.13
N SER A 478 17.16 -31.13 41.01
CA SER A 478 17.93 -32.30 40.65
C SER A 478 17.07 -33.39 40.03
N TYR A 479 15.76 -33.18 39.94
CA TYR A 479 14.91 -34.14 39.25
C TYR A 479 14.91 -33.93 37.73
N LEU A 480 15.48 -32.83 37.26
CA LEU A 480 15.61 -32.58 35.83
C LEU A 480 16.94 -33.06 35.28
N TYR A 481 17.91 -33.36 36.15
CA TYR A 481 19.25 -33.82 35.80
C TYR A 481 19.95 -32.83 34.87
N LEU A 482 20.00 -31.57 35.28
CA LEU A 482 20.59 -30.53 34.46
C LEU A 482 22.09 -30.71 34.37
N GLU A 483 22.66 -30.34 33.22
CA GLU A 483 24.08 -30.55 32.99
C GLU A 483 24.92 -29.59 33.83
N GLY A 484 24.66 -28.29 33.69
CA GLY A 484 25.41 -27.28 34.42
C GLY A 484 26.83 -27.17 33.93
N THR A 485 27.01 -26.92 32.64
CA THR A 485 28.33 -26.74 32.05
C THR A 485 29.05 -25.52 32.62
N ASN A 486 28.50 -24.34 32.37
CA ASN A 486 29.08 -23.11 32.87
C ASN A 486 27.97 -22.10 33.09
N LYS A 487 28.35 -20.88 33.47
CA LYS A 487 27.40 -19.79 33.48
C LYS A 487 27.43 -19.02 32.16
N ALA A 488 28.54 -19.11 31.43
CA ALA A 488 28.62 -18.45 30.13
C ALA A 488 28.10 -19.35 29.02
N GLY A 489 28.44 -20.64 29.06
CA GLY A 489 27.99 -21.55 28.02
C GLY A 489 26.51 -21.86 28.12
N LEU A 490 25.95 -21.78 29.32
CA LEU A 490 24.51 -21.94 29.49
C LEU A 490 23.77 -20.70 29.04
N PHE A 491 24.33 -19.52 29.32
CA PHE A 491 23.68 -18.26 28.94
C PHE A 491 23.67 -18.07 27.44
N PHE A 492 24.76 -18.44 26.76
CA PHE A 492 24.79 -18.33 25.31
C PHE A 492 23.99 -19.42 24.63
N LYS A 493 23.55 -20.44 25.38
CA LYS A 493 22.74 -21.49 24.78
C LYS A 493 21.26 -21.14 24.82
N ASP A 494 20.75 -20.71 25.98
CA ASP A 494 19.34 -20.36 26.07
C ASP A 494 19.05 -18.95 25.56
N PHE A 495 20.08 -18.19 25.18
CA PHE A 495 19.85 -16.96 24.45
C PHE A 495 19.28 -17.25 23.07
N LEU A 496 19.60 -18.43 22.51
CA LEU A 496 19.06 -18.80 21.22
C LEU A 496 17.74 -19.54 21.35
N THR A 497 17.54 -20.30 22.43
CA THR A 497 16.28 -21.03 22.58
C THR A 497 15.14 -20.08 22.93
N PHE A 498 15.46 -18.91 23.49
CA PHE A 498 14.44 -17.90 23.69
C PHE A 498 14.33 -16.97 22.48
N TRP A 499 15.33 -16.98 21.59
CA TRP A 499 15.16 -16.33 20.30
C TRP A 499 14.13 -17.07 19.46
N ILE A 500 14.25 -18.40 19.39
CA ILE A 500 13.37 -19.19 18.54
C ILE A 500 11.95 -19.22 19.08
N LEU A 501 11.78 -19.22 20.41
CA LEU A 501 10.45 -19.24 20.98
C LEU A 501 9.74 -17.90 20.78
N PHE A 502 10.49 -16.80 20.88
CA PHE A 502 9.90 -15.48 20.77
C PHE A 502 10.07 -14.86 19.39
N SER A 503 10.54 -15.63 18.39
CA SER A 503 10.69 -15.07 17.05
C SER A 503 9.34 -14.84 16.37
N ASN A 504 8.27 -15.43 16.88
CA ASN A 504 6.95 -15.27 16.29
C ASN A 504 6.23 -14.01 16.77
N LEU A 505 6.94 -13.08 17.40
CA LEU A 505 6.36 -11.75 17.60
C LEU A 505 6.34 -10.96 16.31
N VAL A 506 7.42 -11.02 15.55
CA VAL A 506 7.47 -10.46 14.20
C VAL A 506 6.69 -11.40 13.29
N PRO A 507 5.57 -10.97 12.72
CA PRO A 507 4.75 -11.90 11.95
C PRO A 507 5.33 -12.12 10.56
N ILE A 508 5.29 -13.37 10.12
CA ILE A 508 5.77 -13.71 8.78
C ILE A 508 4.56 -13.74 7.86
N SER A 509 3.36 -13.84 8.44
CA SER A 509 2.15 -13.79 7.66
C SER A 509 1.67 -12.36 7.44
N LEU A 510 2.39 -11.37 7.94
CA LEU A 510 2.04 -9.98 7.64
C LEU A 510 2.49 -9.61 6.23
N PHE A 511 3.67 -10.06 5.86
CA PHE A 511 4.30 -9.58 4.63
C PHE A 511 3.86 -10.35 3.39
N VAL A 512 2.99 -11.36 3.55
CA VAL A 512 2.23 -11.83 2.40
C VAL A 512 0.90 -11.10 2.31
N THR A 513 0.27 -10.81 3.44
CA THR A 513 -1.00 -10.10 3.39
C THR A 513 -0.81 -8.59 3.29
N VAL A 514 0.41 -8.10 3.18
CA VAL A 514 0.59 -6.72 2.76
C VAL A 514 0.82 -6.66 1.24
N GLU A 515 1.27 -7.78 0.66
CA GLU A 515 1.45 -7.81 -0.79
C GLU A 515 0.17 -8.25 -1.49
N LEU A 516 -0.64 -9.06 -0.83
CA LEU A 516 -1.88 -9.52 -1.44
C LEU A 516 -3.02 -8.54 -1.22
N ILE A 517 -2.95 -7.71 -0.19
CA ILE A 517 -3.94 -6.64 -0.05
C ILE A 517 -3.66 -5.53 -1.05
N LYS A 518 -2.39 -5.17 -1.20
CA LYS A 518 -2.02 -4.11 -2.13
C LYS A 518 -2.19 -4.54 -3.58
N TYR A 519 -2.15 -5.86 -3.84
CA TYR A 519 -2.48 -6.34 -5.17
C TYR A 519 -3.99 -6.40 -5.38
N TYR A 520 -4.75 -6.66 -4.33
CA TYR A 520 -6.20 -6.74 -4.50
C TYR A 520 -6.85 -5.38 -4.32
N GLN A 521 -6.07 -4.37 -3.91
CA GLN A 521 -6.59 -3.01 -3.93
C GLN A 521 -6.39 -2.37 -5.30
N ALA A 522 -5.32 -2.75 -6.00
CA ALA A 522 -5.06 -2.22 -7.33
C ALA A 522 -6.00 -2.83 -8.35
N PHE A 523 -6.51 -4.04 -8.09
CA PHE A 523 -7.52 -4.63 -8.94
C PHE A 523 -8.85 -3.92 -8.77
N MET A 524 -9.14 -3.43 -7.56
CA MET A 524 -10.39 -2.75 -7.31
C MET A 524 -10.36 -1.29 -7.75
N ILE A 525 -9.17 -0.69 -7.84
CA ILE A 525 -9.06 0.66 -8.38
C ILE A 525 -9.33 0.65 -9.88
N GLY A 526 -8.72 -0.28 -10.60
CA GLY A 526 -8.91 -0.39 -12.03
C GLY A 526 -10.18 -1.08 -12.48
N SER A 527 -11.11 -1.28 -11.54
CA SER A 527 -12.42 -1.83 -11.83
C SER A 527 -13.53 -0.82 -11.62
N ASP A 528 -13.18 0.46 -11.46
CA ASP A 528 -14.19 1.48 -11.19
C ASP A 528 -14.66 2.13 -12.47
N LEU A 529 -15.97 2.28 -12.60
CA LEU A 529 -16.56 2.87 -13.79
C LEU A 529 -16.41 4.39 -13.82
N ASP A 530 -16.25 5.03 -12.67
CA ASP A 530 -16.01 6.46 -12.61
C ASP A 530 -14.59 6.84 -13.00
N LEU A 531 -13.71 5.86 -13.18
CA LEU A 531 -12.37 6.09 -13.70
C LEU A 531 -12.17 5.42 -15.05
N TYR A 532 -13.26 5.01 -15.70
CA TYR A 532 -13.20 4.40 -17.02
C TYR A 532 -13.58 5.45 -18.07
N TYR A 533 -12.77 5.55 -19.12
CA TYR A 533 -12.98 6.52 -20.19
C TYR A 533 -13.61 5.80 -21.36
N GLU A 534 -14.92 5.99 -21.54
CA GLU A 534 -15.69 5.23 -22.51
C GLU A 534 -15.40 5.63 -23.94
N LYS A 535 -14.86 6.82 -24.17
CA LYS A 535 -14.73 7.34 -25.53
C LYS A 535 -13.65 6.60 -26.31
N THR A 536 -12.48 6.39 -25.70
CA THR A 536 -11.41 5.66 -26.34
C THR A 536 -11.29 4.24 -25.81
N ASP A 537 -12.22 3.82 -24.94
CA ASP A 537 -12.31 2.47 -24.38
C ASP A 537 -11.02 2.05 -23.66
N THR A 538 -10.60 2.88 -22.72
CA THR A 538 -9.47 2.53 -21.89
C THR A 538 -9.83 2.73 -20.42
N PRO A 539 -9.88 1.67 -19.63
CA PRO A 539 -10.03 1.83 -18.19
C PRO A 539 -8.68 2.08 -17.54
N THR A 540 -8.73 2.52 -16.29
CA THR A 540 -7.50 2.78 -15.56
C THR A 540 -6.86 1.47 -15.15
N VAL A 541 -5.53 1.43 -15.20
CA VAL A 541 -4.77 0.25 -14.79
C VAL A 541 -3.69 0.69 -13.80
N VAL A 542 -3.55 -0.07 -12.72
CA VAL A 542 -2.48 0.15 -11.77
C VAL A 542 -1.42 -0.91 -12.04
N ARG A 543 -0.37 -0.51 -12.76
CA ARG A 543 0.66 -1.47 -13.16
C ARG A 543 1.56 -1.85 -11.98
N THR A 544 1.76 -0.93 -11.05
CA THR A 544 2.55 -1.19 -9.84
C THR A 544 1.60 -1.14 -8.65
N SER A 545 1.22 -2.31 -8.16
CA SER A 545 0.29 -2.41 -7.05
C SER A 545 0.91 -2.06 -5.71
N SER A 546 2.24 -1.94 -5.64
CA SER A 546 2.88 -1.65 -4.37
C SER A 546 2.83 -0.18 -3.99
N LEU A 547 2.20 0.68 -4.80
CA LEU A 547 2.13 2.10 -4.52
C LEU A 547 0.70 2.62 -4.42
N VAL A 548 -0.26 1.78 -4.02
CA VAL A 548 -1.64 2.26 -3.98
C VAL A 548 -1.94 3.04 -2.71
N GLU A 549 -1.03 3.03 -1.73
CA GLU A 549 -1.23 3.85 -0.54
C GLU A 549 -0.46 5.16 -0.58
N GLU A 550 0.41 5.33 -1.57
CA GLU A 550 1.07 6.62 -1.75
C GLU A 550 0.14 7.65 -2.37
N LEU A 551 -1.02 7.22 -2.91
CA LEU A 551 -2.02 8.15 -3.39
C LEU A 551 -2.82 8.78 -2.26
N GLY A 552 -2.66 8.31 -1.03
CA GLY A 552 -3.40 8.88 0.07
C GLY A 552 -2.74 10.05 0.74
N GLN A 553 -1.45 10.22 0.53
CA GLN A 553 -0.70 11.32 1.12
C GLN A 553 0.11 11.97 0.00
N ILE A 554 -0.50 12.91 -0.71
CA ILE A 554 0.15 13.58 -1.83
C ILE A 554 0.22 15.06 -1.49
N GLU A 555 1.44 15.61 -1.54
CA GLU A 555 1.69 17.01 -1.20
C GLU A 555 1.78 17.88 -2.45
N TYR A 556 2.39 17.38 -3.51
CA TYR A 556 2.57 18.12 -4.74
C TYR A 556 2.06 17.31 -5.93
N ILE A 557 1.70 18.03 -6.98
CA ILE A 557 1.38 17.43 -8.28
C ILE A 557 2.18 18.18 -9.33
N PHE A 558 2.99 17.45 -10.08
CA PHE A 558 3.83 18.03 -11.13
C PHE A 558 3.22 17.67 -12.47
N SER A 559 2.32 18.52 -12.96
CA SER A 559 1.58 18.22 -14.17
C SER A 559 2.36 18.54 -15.44
N BFD A 560 1.73 18.29 -16.58
CA BFD A 560 2.29 18.60 -17.88
C BFD A 560 1.10 19.36 -18.55
O BFD A 560 0.00 19.33 -18.02
CB BFD A 560 2.73 17.31 -18.61
CG BFD A 560 2.89 17.36 -20.12
OD1 BFD A 560 3.72 18.17 -20.61
OD2 BFD A 560 2.16 16.59 -20.76
BE BFD A 560 3.82 18.66 -22.05
F1 BFD A 560 5.27 18.64 -22.44
F2 BFD A 560 3.07 17.82 -23.06
F3 BFD A 560 3.30 20.09 -22.10
N LYS A 561 1.34 20.04 -19.66
CA LYS A 561 0.30 20.88 -20.22
C LYS A 561 -0.31 20.33 -21.50
N THR A 562 0.51 20.10 -22.52
CA THR A 562 -0.03 19.67 -23.81
C THR A 562 -0.40 18.19 -23.76
N GLY A 563 -1.67 17.89 -24.00
CA GLY A 563 -2.18 16.56 -23.91
C GLY A 563 -2.68 16.17 -22.53
N THR A 564 -1.99 16.61 -21.48
CA THR A 564 -2.44 16.36 -20.13
C THR A 564 -3.55 17.32 -19.74
N LEU A 565 -3.28 18.62 -19.83
CA LEU A 565 -4.28 19.63 -19.51
C LEU A 565 -5.09 20.08 -20.73
N THR A 566 -4.50 20.08 -21.91
CA THR A 566 -5.16 20.54 -23.12
C THR A 566 -5.54 19.36 -24.00
N ARG A 567 -6.52 19.59 -24.88
CA ARG A 567 -6.93 18.55 -25.83
C ARG A 567 -6.12 18.59 -27.12
N ASN A 568 -5.21 19.55 -27.25
CA ASN A 568 -4.45 19.83 -28.49
C ASN A 568 -5.37 20.07 -29.67
N ILE A 569 -6.42 20.85 -29.43
CA ILE A 569 -7.41 21.22 -30.45
C ILE A 569 -7.70 22.70 -30.28
N MET A 570 -7.44 23.49 -31.32
CA MET A 570 -7.73 24.92 -31.23
C MET A 570 -9.03 25.23 -31.97
N GLU A 571 -9.64 26.36 -31.63
CA GLU A 571 -10.96 26.69 -32.15
C GLU A 571 -11.15 28.19 -32.10
N PHE A 572 -11.64 28.74 -33.22
CA PHE A 572 -12.03 30.14 -33.28
C PHE A 572 -13.19 30.41 -32.34
N LYS A 573 -12.97 31.25 -31.34
CA LYS A 573 -13.94 31.46 -30.28
C LYS A 573 -14.67 32.79 -30.38
N SER A 574 -13.94 33.89 -30.52
CA SER A 574 -14.56 35.20 -30.45
C SER A 574 -13.93 36.13 -31.47
N CYS A 575 -14.74 37.06 -31.98
CA CYS A 575 -14.22 38.17 -32.75
C CYS A 575 -14.81 39.46 -32.21
N SER A 576 -14.08 40.54 -32.37
CA SER A 576 -14.54 41.85 -31.95
C SER A 576 -14.24 42.83 -33.07
N ILE A 577 -15.28 43.31 -33.75
CA ILE A 577 -15.10 44.20 -34.89
C ILE A 577 -16.12 45.33 -34.80
N ALA A 578 -15.70 46.51 -35.30
CA ALA A 578 -16.47 47.76 -35.24
C ALA A 578 -16.89 48.14 -33.83
N GLY A 579 -16.03 47.86 -32.85
CA GLY A 579 -16.33 48.17 -31.47
C GLY A 579 -17.31 47.26 -30.78
N HIS A 580 -17.74 46.19 -31.46
CA HIS A 580 -18.64 45.19 -30.89
C HIS A 580 -17.83 43.98 -30.45
N CYS A 581 -18.52 42.92 -30.02
CA CYS A 581 -17.89 41.66 -29.66
C CYS A 581 -18.89 40.53 -29.84
N TYR A 582 -18.42 39.40 -30.38
CA TYR A 582 -19.32 38.33 -30.80
C TYR A 582 -18.81 36.96 -30.36
N ILE A 583 -19.72 36.16 -29.77
CA ILE A 583 -19.55 34.72 -29.63
C ILE A 583 -20.88 34.05 -29.96
N ASP A 584 -20.80 32.76 -30.26
CA ASP A 584 -22.02 31.99 -30.53
C ASP A 584 -22.69 31.57 -29.23
N LYS A 585 -21.97 30.83 -28.39
CA LYS A 585 -22.47 30.38 -27.10
C LYS A 585 -22.21 31.50 -26.10
N ILE A 586 -23.21 32.37 -25.93
CA ILE A 586 -23.13 33.45 -24.95
C ILE A 586 -23.43 32.88 -23.57
N PRO A 587 -22.57 33.11 -22.58
CA PRO A 587 -22.92 32.74 -21.21
C PRO A 587 -23.75 33.84 -20.58
N GLU A 588 -24.51 33.46 -19.54
CA GLU A 588 -25.51 34.36 -19.00
C GLU A 588 -24.93 35.30 -17.94
N ASP A 589 -23.63 35.24 -17.67
CA ASP A 589 -23.04 36.18 -16.73
C ASP A 589 -22.95 37.59 -17.31
N LYS A 590 -22.65 37.71 -18.60
CA LYS A 590 -22.55 39.01 -19.25
C LYS A 590 -23.25 39.05 -20.61
N THR A 591 -24.38 38.36 -20.77
CA THR A 591 -25.19 38.47 -21.96
C THR A 591 -25.76 39.88 -22.12
N ALA A 592 -26.14 40.51 -21.01
CA ALA A 592 -26.58 41.89 -21.05
C ALA A 592 -25.40 42.81 -21.38
N THR A 593 -25.36 43.28 -22.62
CA THR A 593 -24.45 44.35 -23.02
C THR A 593 -24.92 45.58 -22.27
N VAL A 594 -24.05 46.09 -21.38
CA VAL A 594 -24.48 47.06 -20.37
C VAL A 594 -24.63 48.46 -20.97
N GLU A 595 -24.13 48.65 -22.20
CA GLU A 595 -24.14 49.93 -22.92
C GLU A 595 -23.46 51.05 -22.13
N ASP A 596 -22.34 50.73 -21.48
CA ASP A 596 -21.61 51.72 -20.71
C ASP A 596 -20.81 52.62 -21.66
N GLY A 597 -21.50 53.56 -22.30
CA GLY A 597 -20.87 54.38 -23.31
C GLY A 597 -20.48 53.55 -24.50
N ILE A 598 -19.19 53.26 -24.60
CA ILE A 598 -18.66 52.31 -25.56
C ILE A 598 -19.23 50.92 -25.25
N GLU A 599 -19.65 50.23 -26.31
CA GLU A 599 -20.29 48.93 -26.16
C GLU A 599 -19.28 47.86 -25.71
N VAL A 600 -19.60 47.23 -24.58
CA VAL A 600 -18.90 46.04 -24.09
C VAL A 600 -19.98 45.01 -23.79
N GLY A 601 -19.77 43.76 -24.22
CA GLY A 601 -20.73 42.69 -24.01
C GLY A 601 -20.57 41.61 -25.05
N TYR A 602 -21.61 40.78 -25.17
CA TYR A 602 -21.59 39.63 -26.06
C TYR A 602 -22.88 39.58 -26.89
N ARG A 603 -22.73 39.50 -28.21
CA ARG A 603 -23.83 39.29 -29.13
C ARG A 603 -23.57 38.04 -29.94
N LYS A 604 -24.62 37.50 -30.56
CA LYS A 604 -24.50 36.23 -31.24
C LYS A 604 -23.79 36.39 -32.59
N PHE A 605 -23.30 35.26 -33.13
CA PHE A 605 -22.73 35.26 -34.46
C PHE A 605 -23.80 35.39 -35.53
N ASP A 606 -25.06 35.08 -35.19
CA ASP A 606 -26.16 35.32 -36.11
C ASP A 606 -26.34 36.81 -36.35
N ASP A 607 -26.20 37.62 -35.30
CA ASP A 607 -26.32 39.07 -35.44
C ASP A 607 -25.11 39.67 -36.14
N LEU A 608 -24.01 38.92 -36.23
CA LEU A 608 -22.89 39.35 -37.05
C LEU A 608 -23.24 39.29 -38.53
N LYS A 609 -23.97 38.23 -38.94
CA LYS A 609 -24.33 38.09 -40.34
C LYS A 609 -25.48 39.01 -40.71
N LYS A 610 -26.33 39.37 -39.75
CA LYS A 610 -27.46 40.24 -40.05
C LYS A 610 -27.01 41.67 -40.29
N LYS A 611 -25.95 42.11 -39.62
CA LYS A 611 -25.36 43.39 -39.94
C LYS A 611 -24.40 43.31 -41.11
N LEU A 612 -24.19 42.10 -41.64
CA LEU A 612 -23.42 41.94 -42.87
C LEU A 612 -24.33 42.00 -44.09
N ASN A 613 -25.57 41.54 -43.95
CA ASN A 613 -26.46 41.36 -45.10
C ASN A 613 -26.92 42.70 -45.67
N ASP A 614 -27.62 43.50 -44.87
CA ASP A 614 -28.11 44.78 -45.37
C ASP A 614 -27.00 45.81 -45.53
N PRO A 615 -26.99 46.55 -46.65
CA PRO A 615 -25.87 47.47 -46.91
C PRO A 615 -25.98 48.79 -46.17
N SER A 616 -27.11 49.07 -45.51
CA SER A 616 -27.30 50.36 -44.85
C SER A 616 -26.44 50.50 -43.60
N ASP A 617 -25.96 49.39 -43.05
CA ASP A 617 -25.13 49.45 -41.86
C ASP A 617 -23.71 49.88 -42.19
N GLU A 618 -23.11 50.62 -41.25
CA GLU A 618 -21.74 51.09 -41.38
C GLU A 618 -20.70 49.97 -41.29
N ASP A 619 -20.95 48.95 -40.46
CA ASP A 619 -19.92 47.93 -40.24
C ASP A 619 -19.83 46.92 -41.38
N SER A 620 -20.82 46.89 -42.27
CA SER A 620 -20.84 45.87 -43.32
C SER A 620 -19.73 46.00 -44.39
N PRO A 621 -19.23 47.19 -44.76
CA PRO A 621 -17.96 47.20 -45.51
C PRO A 621 -16.76 46.75 -44.67
N ILE A 622 -16.86 46.84 -43.35
CA ILE A 622 -15.77 46.41 -42.49
C ILE A 622 -15.91 44.93 -42.12
N ILE A 623 -17.14 44.42 -42.02
CA ILE A 623 -17.38 43.05 -41.59
C ILE A 623 -16.93 42.04 -42.65
N ASN A 624 -17.24 42.30 -43.92
CA ASN A 624 -16.79 41.38 -44.97
C ASN A 624 -15.28 41.50 -45.20
N ASP A 625 -14.74 42.69 -45.02
CA ASP A 625 -13.29 42.87 -45.11
C ASP A 625 -12.58 42.14 -43.98
N PHE A 626 -13.22 42.06 -42.80
CA PHE A 626 -12.78 41.14 -41.77
C PHE A 626 -12.92 39.70 -42.23
N LEU A 627 -14.10 39.35 -42.75
CA LEU A 627 -14.41 37.94 -43.00
C LEU A 627 -13.69 37.39 -44.21
N THR A 628 -13.18 38.23 -45.11
CA THR A 628 -12.27 37.73 -46.13
C THR A 628 -10.86 37.55 -45.60
N LEU A 629 -10.48 38.31 -44.57
CA LEU A 629 -9.14 38.18 -44.02
C LEU A 629 -8.98 36.86 -43.29
N LEU A 630 -10.07 36.30 -42.78
CA LEU A 630 -10.05 34.98 -42.16
C LEU A 630 -9.75 33.91 -43.21
N ALA A 631 -10.31 34.06 -44.40
CA ALA A 631 -10.25 33.01 -45.41
C ALA A 631 -9.21 33.24 -46.50
N THR A 632 -8.40 34.29 -46.44
CA THR A 632 -7.47 34.55 -47.55
C THR A 632 -6.05 34.84 -47.10
N CYS A 633 -5.87 35.48 -45.94
CA CYS A 633 -4.55 35.94 -45.49
C CYS A 633 -3.62 34.80 -45.07
N HIS A 634 -4.16 33.60 -44.86
CA HIS A 634 -3.42 32.46 -44.33
C HIS A 634 -2.47 31.83 -45.35
N THR A 635 -1.88 30.70 -44.98
CA THR A 635 -1.05 29.90 -45.87
C THR A 635 -1.47 28.43 -45.76
N VAL A 636 -2.78 28.19 -45.77
CA VAL A 636 -3.30 26.84 -45.68
C VAL A 636 -3.43 26.24 -47.08
N ILE A 637 -3.05 24.97 -47.21
CA ILE A 637 -3.19 24.24 -48.46
C ILE A 637 -4.38 23.30 -48.34
N PRO A 638 -5.50 23.60 -48.98
CA PRO A 638 -6.69 22.76 -48.80
C PRO A 638 -6.62 21.50 -49.64
N GLU A 639 -7.44 20.53 -49.27
CA GLU A 639 -7.57 19.30 -50.05
C GLU A 639 -9.00 18.78 -49.91
N PHE A 640 -9.51 18.20 -50.97
CA PHE A 640 -10.85 17.64 -50.99
C PHE A 640 -10.83 16.16 -50.67
N GLN A 641 -11.98 15.66 -50.23
CA GLN A 641 -12.15 14.24 -50.00
C GLN A 641 -13.33 13.76 -50.83
N SER A 642 -13.56 12.44 -50.80
CA SER A 642 -14.62 11.85 -51.61
C SER A 642 -16.00 12.19 -51.05
N ASP A 643 -16.08 12.43 -49.75
CA ASP A 643 -17.34 12.85 -49.15
C ASP A 643 -17.68 14.30 -49.50
N GLY A 644 -16.68 15.10 -49.86
CA GLY A 644 -16.86 16.50 -50.13
C GLY A 644 -16.53 17.42 -48.98
N SER A 645 -16.47 16.90 -47.76
CA SER A 645 -16.08 17.67 -46.59
C SER A 645 -14.58 17.96 -46.69
N ILE A 646 -14.24 19.24 -46.86
CA ILE A 646 -12.88 19.63 -47.15
C ILE A 646 -12.06 19.66 -45.86
N LYS A 647 -10.87 19.06 -45.92
CA LYS A 647 -9.95 19.05 -44.79
C LYS A 647 -8.82 20.03 -45.10
N TYR A 648 -8.50 20.88 -44.12
CA TYR A 648 -7.48 21.91 -44.28
C TYR A 648 -6.16 21.44 -43.71
N GLN A 649 -5.09 21.67 -44.46
CA GLN A 649 -3.74 21.32 -44.03
C GLN A 649 -3.02 22.61 -43.64
N ALA A 650 -2.95 22.88 -42.34
CA ALA A 650 -2.40 24.12 -41.82
C ALA A 650 -1.09 23.84 -41.09
N ALA A 651 -0.10 24.70 -41.33
CA ALA A 651 1.19 24.54 -40.65
C ALA A 651 1.13 24.98 -39.20
N SER A 652 0.10 25.73 -38.80
CA SER A 652 -0.11 26.11 -37.42
C SER A 652 -1.59 25.95 -37.09
N PRO A 653 -1.91 25.42 -35.91
CA PRO A 653 -3.31 25.10 -35.61
C PRO A 653 -4.19 26.32 -35.36
N ASP A 654 -3.60 27.49 -35.10
CA ASP A 654 -4.39 28.69 -34.93
C ASP A 654 -4.87 29.23 -36.28
N GLU A 655 -4.00 29.16 -37.30
CA GLU A 655 -4.40 29.57 -38.64
C GLU A 655 -5.44 28.63 -39.22
N GLY A 656 -5.37 27.35 -38.88
CA GLY A 656 -6.37 26.41 -39.35
C GLY A 656 -7.72 26.63 -38.72
N ALA A 657 -7.73 27.14 -37.48
CA ALA A 657 -8.99 27.44 -36.82
C ALA A 657 -9.59 28.74 -37.30
N LEU A 658 -8.77 29.64 -37.84
CA LEU A 658 -9.29 30.89 -38.40
C LEU A 658 -10.02 30.62 -39.72
N VAL A 659 -9.49 29.69 -40.53
CA VAL A 659 -10.13 29.34 -41.80
C VAL A 659 -11.45 28.64 -41.55
N GLN A 660 -11.46 27.70 -40.61
CA GLN A 660 -12.70 27.04 -40.21
C GLN A 660 -13.64 28.01 -39.50
N GLY A 661 -13.09 29.02 -38.83
CA GLY A 661 -13.94 30.06 -38.25
C GLY A 661 -14.57 30.94 -39.30
N GLY A 662 -13.87 31.17 -40.41
CA GLY A 662 -14.48 31.86 -41.52
C GLY A 662 -15.43 30.97 -42.31
N ALA A 663 -15.23 29.65 -42.23
CA ALA A 663 -16.00 28.73 -43.05
C ALA A 663 -17.42 28.56 -42.51
N ASP A 664 -17.57 28.41 -41.20
CA ASP A 664 -18.92 28.24 -40.65
C ASP A 664 -19.64 29.57 -40.50
N LEU A 665 -18.92 30.69 -40.60
CA LEU A 665 -19.57 31.99 -40.64
C LEU A 665 -20.14 32.30 -42.01
N GLY A 666 -19.59 31.68 -43.06
CA GLY A 666 -20.18 31.80 -44.38
C GLY A 666 -19.18 31.92 -45.50
N TYR A 667 -17.92 32.20 -45.18
CA TYR A 667 -16.90 32.42 -46.21
C TYR A 667 -16.02 31.19 -46.26
N LYS A 668 -16.48 30.18 -46.99
CA LYS A 668 -15.72 28.94 -47.10
C LYS A 668 -14.53 29.13 -48.03
N PHE A 669 -13.40 28.59 -47.62
CA PHE A 669 -12.17 28.65 -48.39
C PHE A 669 -12.02 27.35 -49.18
N ILE A 670 -11.90 27.48 -50.50
CA ILE A 670 -11.76 26.35 -51.41
C ILE A 670 -10.55 26.63 -52.30
N ILE A 671 -10.47 25.88 -53.39
CA ILE A 671 -9.27 25.48 -54.16
C ILE A 671 -8.19 26.55 -54.27
N ARG A 672 -6.97 26.17 -53.90
CA ARG A 672 -5.84 27.08 -53.99
C ARG A 672 -4.89 26.62 -55.08
N LYS A 673 -4.86 27.35 -56.19
CA LYS A 673 -3.87 27.15 -57.22
C LYS A 673 -2.72 28.12 -56.99
N PRO A 674 -1.59 27.97 -57.67
CA PRO A 674 -0.49 28.95 -57.51
C PRO A 674 -0.88 30.37 -57.88
N ASN A 675 -0.57 31.29 -56.95
CA ASN A 675 -0.58 32.74 -57.15
C ASN A 675 -1.99 33.30 -57.39
N SER A 676 -3.00 32.59 -56.86
CA SER A 676 -4.32 33.14 -56.65
C SER A 676 -5.05 32.28 -55.62
N VAL A 677 -6.02 32.87 -54.95
CA VAL A 677 -6.78 32.22 -53.89
C VAL A 677 -8.27 32.36 -54.20
N THR A 678 -8.98 31.23 -54.19
CA THR A 678 -10.41 31.21 -54.50
C THR A 678 -11.19 31.00 -53.22
N VAL A 679 -12.23 31.82 -53.00
CA VAL A 679 -13.06 31.77 -51.81
C VAL A 679 -14.51 31.58 -52.24
N LEU A 680 -15.18 30.61 -51.64
CA LEU A 680 -16.60 30.34 -51.90
C LEU A 680 -17.44 31.09 -50.88
N LEU A 681 -18.29 31.99 -51.37
CA LEU A 681 -19.12 32.84 -50.50
C LEU A 681 -20.51 32.22 -50.39
N GLU A 682 -20.86 31.76 -49.19
CA GLU A 682 -22.16 31.12 -49.01
C GLU A 682 -23.26 32.15 -48.77
N GLU A 683 -22.89 33.42 -48.59
CA GLU A 683 -23.91 34.45 -48.44
C GLU A 683 -24.67 34.68 -49.75
N THR A 684 -23.94 34.93 -50.84
CA THR A 684 -24.57 35.10 -52.15
C THR A 684 -24.71 33.78 -52.90
N GLY A 685 -23.83 32.81 -52.64
CA GLY A 685 -23.80 31.58 -53.39
C GLY A 685 -22.86 31.58 -54.57
N GLU A 686 -22.20 32.70 -54.87
CA GLU A 686 -21.30 32.81 -56.01
C GLU A 686 -19.87 32.56 -55.56
N GLU A 687 -19.10 31.90 -56.42
CA GLU A 687 -17.73 31.52 -56.11
C GLU A 687 -16.78 32.61 -56.56
N LYS A 688 -16.11 33.26 -55.60
CA LYS A 688 -15.21 34.36 -55.95
C LYS A 688 -13.79 33.87 -56.22
N GLU A 689 -12.87 34.79 -56.42
CA GLU A 689 -11.46 34.49 -56.63
C GLU A 689 -10.66 35.75 -56.31
N TYR A 690 -9.49 35.55 -55.71
CA TYR A 690 -8.63 36.64 -55.30
C TYR A 690 -7.23 36.35 -55.80
N GLN A 691 -6.60 37.35 -56.43
CA GLN A 691 -5.28 37.20 -57.02
C GLN A 691 -4.24 37.52 -55.93
N LEU A 692 -3.57 36.48 -55.43
CA LEU A 692 -2.57 36.67 -54.39
C LEU A 692 -1.32 37.27 -54.99
N LEU A 693 -0.98 38.49 -54.59
CA LEU A 693 0.20 39.16 -55.10
C LEU A 693 1.46 38.75 -54.36
N ASN A 694 1.50 38.98 -53.05
CA ASN A 694 2.66 38.62 -52.27
C ASN A 694 2.24 38.41 -50.82
N ILE A 695 2.87 37.45 -50.15
CA ILE A 695 2.70 37.25 -48.73
C ILE A 695 4.07 37.32 -48.06
N CYS A 696 4.14 37.96 -46.92
CA CYS A 696 5.35 38.00 -46.10
C CYS A 696 5.20 36.96 -45.00
N GLU A 697 6.27 36.19 -44.77
CA GLU A 697 6.17 35.02 -43.92
C GLU A 697 6.05 35.43 -42.45
N PHE A 698 5.62 34.45 -41.65
CA PHE A 698 5.56 34.65 -40.20
C PHE A 698 6.96 34.64 -39.61
N ASN A 699 7.17 35.51 -38.62
CA ASN A 699 8.43 35.59 -37.92
C ASN A 699 8.10 35.82 -36.45
N SER A 700 8.85 35.16 -35.57
CA SER A 700 8.65 35.39 -34.14
C SER A 700 9.15 36.77 -33.74
N THR A 701 10.10 37.32 -34.49
CA THR A 701 10.54 38.69 -34.25
C THR A 701 9.50 39.69 -34.72
N ARG A 702 8.83 39.39 -35.85
CA ARG A 702 7.76 40.25 -36.34
C ARG A 702 6.48 40.09 -35.52
N LYS A 703 6.17 38.84 -35.13
CA LYS A 703 4.87 38.35 -34.66
C LYS A 703 3.70 38.91 -35.46
N ARG A 704 3.87 39.03 -36.77
CA ARG A 704 2.88 39.51 -37.70
C ARG A 704 2.77 38.51 -38.85
N MET A 705 1.79 38.72 -39.71
CA MET A 705 1.71 38.02 -40.99
C MET A 705 0.93 38.91 -41.93
N SER A 706 1.59 39.42 -42.97
CA SER A 706 1.02 40.42 -43.86
C SER A 706 0.85 39.84 -45.25
N ALA A 707 -0.20 40.28 -45.95
CA ALA A 707 -0.55 39.68 -47.23
C ALA A 707 -1.25 40.73 -48.10
N ILE A 708 -0.56 41.16 -49.15
CA ILE A 708 -1.12 42.09 -50.14
C ILE A 708 -1.88 41.25 -51.17
N PHE A 709 -3.01 41.76 -51.66
CA PHE A 709 -3.88 41.01 -52.54
C PHE A 709 -4.36 41.85 -53.72
N ARG A 710 -4.76 41.15 -54.79
CA ARG A 710 -5.42 41.78 -55.92
C ARG A 710 -6.81 41.18 -56.10
N PHE A 711 -7.79 42.03 -56.34
CA PHE A 711 -9.20 41.74 -56.23
C PHE A 711 -9.86 41.59 -57.61
N PRO A 712 -11.10 41.11 -57.66
CA PRO A 712 -11.89 41.27 -58.89
C PRO A 712 -12.17 42.71 -59.27
N ASP A 713 -12.06 43.65 -58.33
CA ASP A 713 -12.20 45.07 -58.61
C ASP A 713 -11.00 45.64 -59.37
N GLY A 714 -9.89 44.91 -59.42
CA GLY A 714 -8.63 45.47 -59.83
C GLY A 714 -7.94 46.32 -58.78
N SER A 715 -8.53 46.41 -57.58
CA SER A 715 -8.01 47.25 -56.52
C SER A 715 -7.09 46.44 -55.60
N ILE A 716 -6.09 47.12 -55.05
CA ILE A 716 -5.08 46.50 -54.22
C ILE A 716 -5.38 46.83 -52.76
N LYS A 717 -5.62 45.80 -51.95
CA LYS A 717 -5.82 45.93 -50.51
C LYS A 717 -4.79 45.09 -49.78
N LEU A 718 -4.38 45.56 -48.61
CA LEU A 718 -3.39 44.87 -47.79
C LEU A 718 -4.09 44.24 -46.60
N PHE A 719 -3.84 42.96 -46.38
CA PHE A 719 -4.33 42.26 -45.21
C PHE A 719 -3.17 41.94 -44.29
N CYS A 720 -3.34 42.15 -43.00
CA CYS A 720 -2.27 41.95 -42.03
C CYS A 720 -2.85 41.46 -40.72
N LYS A 721 -2.29 40.36 -40.21
CA LYS A 721 -2.67 39.78 -38.94
C LYS A 721 -1.44 39.68 -38.07
N GLY A 722 -1.60 39.93 -36.78
CA GLY A 722 -0.48 39.89 -35.87
C GLY A 722 -0.93 40.21 -34.46
N ALA A 723 0.03 40.22 -33.55
CA ALA A 723 -0.26 40.47 -32.15
C ALA A 723 -0.60 41.94 -31.92
N ASP A 724 -1.23 42.20 -30.78
CA ASP A 724 -1.65 43.53 -30.40
C ASP A 724 -0.48 44.45 -30.03
N THR A 725 0.67 43.88 -29.67
CA THR A 725 1.76 44.69 -29.18
C THR A 725 2.64 45.23 -30.32
N VAL A 726 2.37 44.84 -31.56
CA VAL A 726 3.23 45.23 -32.66
C VAL A 726 2.51 46.09 -33.70
N ILE A 727 1.27 45.72 -34.08
CA ILE A 727 0.66 46.46 -35.17
C ILE A 727 -0.06 47.70 -34.65
N LEU A 728 -0.44 47.72 -33.36
CA LEU A 728 -1.12 48.89 -32.80
C LEU A 728 -0.22 50.11 -32.76
N GLU A 729 1.09 49.91 -32.83
CA GLU A 729 2.03 51.01 -33.01
C GLU A 729 2.02 51.57 -34.42
N ARG A 730 1.56 50.79 -35.40
CA ARG A 730 1.68 51.15 -36.81
C ARG A 730 0.35 51.51 -37.46
N LEU A 731 -0.53 52.20 -36.76
CA LEU A 731 -1.82 52.59 -37.32
C LEU A 731 -1.91 54.09 -37.58
N ASP A 732 -2.99 54.46 -38.27
CA ASP A 732 -3.46 55.84 -38.35
C ASP A 732 -4.66 55.98 -37.42
N ASP A 733 -4.42 56.53 -36.23
CA ASP A 733 -5.50 56.66 -35.25
C ASP A 733 -6.49 57.75 -35.65
N GLU A 734 -6.10 58.62 -36.58
CA GLU A 734 -7.05 59.60 -37.11
C GLU A 734 -8.04 58.95 -38.07
N ALA A 735 -7.71 57.79 -38.62
CA ALA A 735 -8.57 57.17 -39.63
C ALA A 735 -9.63 56.28 -39.00
N ASN A 736 -9.22 55.42 -38.08
CA ASN A 736 -10.14 54.48 -37.44
C ASN A 736 -10.66 55.04 -36.12
N GLN A 737 -11.88 54.63 -35.76
CA GLN A 737 -12.57 55.21 -34.62
C GLN A 737 -12.92 54.20 -33.53
N TYR A 738 -12.49 52.94 -33.66
CA TYR A 738 -12.89 51.90 -32.72
C TYR A 738 -11.69 51.23 -32.05
N VAL A 739 -10.61 51.98 -31.84
CA VAL A 739 -9.41 51.40 -31.25
C VAL A 739 -9.56 51.24 -29.74
N GLU A 740 -10.29 52.15 -29.09
CA GLU A 740 -10.40 52.10 -27.62
C GLU A 740 -11.29 50.94 -27.18
N ALA A 741 -12.25 50.55 -28.02
CA ALA A 741 -13.10 49.41 -27.68
C ALA A 741 -12.35 48.09 -27.81
N THR A 742 -11.47 47.98 -28.79
CA THR A 742 -10.82 46.71 -29.05
C THR A 742 -9.70 46.44 -28.06
N MET A 743 -9.04 47.49 -27.56
CA MET A 743 -7.98 47.29 -26.58
C MET A 743 -8.56 46.85 -25.23
N ARG A 744 -9.75 47.33 -24.90
CA ARG A 744 -10.47 46.75 -23.76
C ARG A 744 -11.03 45.38 -24.10
N HIS A 745 -11.30 45.13 -25.39
CA HIS A 745 -11.70 43.79 -25.80
C HIS A 745 -10.49 42.87 -25.86
N LEU A 746 -9.29 43.43 -25.94
CA LEU A 746 -8.09 42.63 -25.77
C LEU A 746 -7.77 42.38 -24.30
N GLU A 747 -8.50 43.03 -23.39
CA GLU A 747 -8.20 42.90 -21.97
C GLU A 747 -9.04 41.81 -21.32
N ASP A 748 -10.30 41.66 -21.76
CA ASP A 748 -11.12 40.59 -21.19
C ASP A 748 -10.89 39.27 -21.90
N TYR A 749 -10.28 39.30 -23.09
CA TYR A 749 -9.85 38.04 -23.72
C TYR A 749 -8.66 37.46 -22.97
N ALA A 750 -7.71 38.31 -22.58
CA ALA A 750 -6.56 37.85 -21.82
C ALA A 750 -6.92 37.48 -20.38
N SER A 751 -8.07 37.93 -19.89
CA SER A 751 -8.57 37.50 -18.59
C SER A 751 -9.20 36.12 -18.65
N GLU A 752 -9.41 35.56 -19.84
CA GLU A 752 -9.87 34.19 -20.00
C GLU A 752 -8.79 33.31 -20.63
N GLY A 753 -7.62 33.85 -20.89
CA GLY A 753 -6.52 33.07 -21.43
C GLY A 753 -6.63 32.72 -22.90
N LEU A 754 -7.47 33.42 -23.66
CA LEU A 754 -7.58 33.15 -25.08
C LEU A 754 -6.42 33.79 -25.84
N ARG A 755 -5.97 33.12 -26.89
CA ARG A 755 -4.93 33.65 -27.75
C ARG A 755 -5.56 34.65 -28.71
N THR A 756 -4.93 35.82 -28.83
CA THR A 756 -5.49 36.92 -29.59
C THR A 756 -4.57 37.31 -30.74
N LEU A 757 -5.19 37.94 -31.74
CA LEU A 757 -4.48 38.53 -32.87
C LEU A 757 -5.30 39.73 -33.32
N CYS A 758 -4.61 40.82 -33.65
CA CYS A 758 -5.27 42.01 -34.16
C CYS A 758 -5.22 42.03 -35.68
N LEU A 759 -6.30 42.49 -36.30
CA LEU A 759 -6.46 42.45 -37.74
C LEU A 759 -6.55 43.87 -38.28
N ALA A 760 -5.67 44.20 -39.24
CA ALA A 760 -5.59 45.54 -39.78
C ALA A 760 -5.57 45.46 -41.30
N MET A 761 -5.94 46.58 -41.94
CA MET A 761 -6.03 46.65 -43.38
C MET A 761 -5.75 48.06 -43.87
N ARG A 762 -5.46 48.18 -45.16
CA ARG A 762 -5.35 49.46 -45.85
C ARG A 762 -5.42 49.26 -47.37
N ASP A 763 -6.19 50.10 -48.05
CA ASP A 763 -6.10 50.17 -49.50
C ASP A 763 -4.82 50.90 -49.91
N ILE A 764 -4.09 50.30 -50.85
CA ILE A 764 -2.91 50.92 -51.43
C ILE A 764 -3.12 51.04 -52.95
N SER A 765 -2.30 51.87 -53.58
CA SER A 765 -2.39 52.09 -55.02
C SER A 765 -1.28 51.36 -55.75
N GLU A 766 -1.39 51.32 -57.08
CA GLU A 766 -0.40 50.61 -57.90
C GLU A 766 0.94 51.33 -57.94
N GLY A 767 0.93 52.66 -57.95
CA GLY A 767 2.18 53.40 -58.16
C GLY A 767 3.15 53.26 -57.00
N GLU A 768 2.63 53.22 -55.78
CA GLU A 768 3.48 52.89 -54.64
C GLU A 768 3.78 51.39 -54.58
N TYR A 769 2.88 50.57 -55.16
CA TYR A 769 3.12 49.13 -55.23
C TYR A 769 4.13 48.78 -56.32
N GLU A 770 4.15 49.51 -57.43
CA GLU A 770 5.15 49.25 -58.47
C GLU A 770 6.56 49.57 -57.98
N GLU A 771 6.68 50.53 -57.06
CA GLU A 771 7.96 50.75 -56.40
C GLU A 771 8.18 49.72 -55.30
N TRP A 772 7.11 49.34 -54.59
CA TRP A 772 7.27 48.37 -53.51
C TRP A 772 7.53 46.96 -54.04
N ASN A 773 7.18 46.70 -55.30
CA ASN A 773 7.64 45.50 -55.96
C ASN A 773 9.15 45.51 -56.12
N SER A 774 9.72 46.69 -56.40
CA SER A 774 11.18 46.81 -56.45
C SER A 774 11.79 46.72 -55.06
N ILE A 775 11.02 47.12 -54.04
CA ILE A 775 11.44 46.89 -52.66
C ILE A 775 11.44 45.40 -52.35
N TYR A 776 10.50 44.66 -52.92
CA TYR A 776 10.58 43.21 -52.87
C TYR A 776 11.72 42.69 -53.74
N ASN A 777 12.02 43.38 -54.85
CA ASN A 777 13.20 43.05 -55.64
C ASN A 777 14.49 43.57 -55.02
N GLU A 778 14.39 44.49 -54.04
CA GLU A 778 15.56 44.76 -53.20
C GLU A 778 15.90 43.54 -52.36
N ALA A 779 14.87 42.81 -51.93
CA ALA A 779 15.10 41.61 -51.13
C ALA A 779 15.41 40.41 -52.03
N ALA A 780 15.08 40.51 -53.32
CA ALA A 780 15.45 39.45 -54.25
C ALA A 780 16.93 39.54 -54.62
N THR A 781 17.54 40.71 -54.43
CA THR A 781 18.96 40.87 -54.73
C THR A 781 19.83 40.28 -53.61
N THR A 782 19.37 40.35 -52.37
CA THR A 782 20.16 39.86 -51.23
C THR A 782 19.72 38.45 -50.88
N LEU A 783 20.32 37.46 -51.54
CA LEU A 783 20.19 36.08 -51.07
C LEU A 783 21.10 35.83 -49.88
N ASP A 784 22.14 36.65 -49.73
CA ASP A 784 23.07 36.50 -48.60
C ASP A 784 22.41 36.89 -47.28
N ASN A 785 21.51 37.87 -47.31
CA ASN A 785 20.84 38.38 -46.12
C ASN A 785 19.35 38.35 -46.39
N ARG A 786 18.61 37.52 -45.64
CA ARG A 786 17.18 37.36 -45.87
C ARG A 786 16.34 37.56 -44.62
N ALA A 787 16.88 37.26 -43.44
CA ALA A 787 16.15 37.51 -42.20
C ALA A 787 16.03 39.00 -41.93
N GLU A 788 17.10 39.73 -42.24
CA GLU A 788 17.13 41.17 -42.01
C GLU A 788 16.50 41.94 -43.17
N LYS A 789 16.68 41.44 -44.39
CA LYS A 789 16.33 42.27 -45.55
C LYS A 789 14.84 42.21 -45.89
N LEU A 790 14.26 40.99 -45.99
CA LEU A 790 12.90 40.85 -46.53
C LEU A 790 11.85 41.45 -45.62
N ASP A 791 11.95 41.20 -44.32
CA ASP A 791 10.81 41.40 -43.42
C ASP A 791 10.56 42.87 -43.14
N GLU A 792 11.63 43.65 -42.97
CA GLU A 792 11.47 45.09 -42.78
C GLU A 792 11.33 45.83 -44.10
N ALA A 793 11.68 45.19 -45.21
CA ALA A 793 11.28 45.72 -46.51
C ALA A 793 9.77 45.57 -46.71
N ALA A 794 9.19 44.52 -46.15
CA ALA A 794 7.74 44.43 -46.09
C ALA A 794 7.16 45.48 -45.16
N ASN A 795 7.85 45.75 -44.04
CA ASN A 795 7.38 46.72 -43.05
C ASN A 795 7.51 48.16 -43.54
N LEU A 796 8.14 48.38 -44.70
CA LEU A 796 8.08 49.67 -45.36
C LEU A 796 6.66 50.03 -45.76
N ILE A 797 5.84 49.02 -46.10
CA ILE A 797 4.48 49.29 -46.54
C ILE A 797 3.45 49.10 -45.44
N GLU A 798 3.84 48.51 -44.30
CA GLU A 798 2.97 48.50 -43.12
C GLU A 798 3.31 49.64 -42.16
N LYS A 799 3.61 50.82 -42.69
CA LYS A 799 3.86 51.99 -41.87
C LYS A 799 2.58 52.59 -41.31
N ASN A 800 1.44 52.33 -41.96
CA ASN A 800 0.15 52.83 -41.51
C ASN A 800 -0.97 51.89 -41.95
N LEU A 801 -1.91 51.64 -41.05
CA LEU A 801 -3.00 50.71 -41.33
C LEU A 801 -4.28 51.23 -40.71
N ILE A 802 -5.40 50.62 -41.10
CA ILE A 802 -6.70 50.83 -40.46
C ILE A 802 -7.12 49.53 -39.80
N LEU A 803 -7.42 49.61 -38.51
CA LEU A 803 -7.74 48.44 -37.71
C LEU A 803 -9.13 47.94 -38.03
N ILE A 804 -9.24 46.64 -38.27
CA ILE A 804 -10.53 45.99 -38.40
C ILE A 804 -11.05 45.49 -37.07
N GLY A 805 -10.20 44.92 -36.24
CA GLY A 805 -10.61 44.40 -34.96
C GLY A 805 -9.64 43.34 -34.50
N ALA A 806 -10.13 42.48 -33.60
CA ALA A 806 -9.30 41.44 -33.01
C ALA A 806 -10.07 40.13 -33.02
N THR A 807 -9.32 39.04 -32.95
CA THR A 807 -9.86 37.69 -32.90
C THR A 807 -9.38 37.00 -31.62
N ALA A 808 -10.08 35.93 -31.26
CA ALA A 808 -9.77 35.19 -30.04
C ALA A 808 -9.89 33.70 -30.33
N ILE A 809 -8.76 33.00 -30.27
CA ILE A 809 -8.71 31.56 -30.48
C ILE A 809 -8.43 30.90 -29.14
N GLU A 810 -9.27 29.95 -28.75
CA GLU A 810 -9.10 29.24 -27.49
C GLU A 810 -8.36 27.94 -27.71
N ASP A 811 -7.46 27.62 -26.79
CA ASP A 811 -6.84 26.30 -26.74
C ASP A 811 -7.68 25.44 -25.81
N LYS A 812 -8.30 24.42 -26.37
CA LYS A 812 -9.27 23.62 -25.63
C LYS A 812 -8.59 22.81 -24.54
N LEU A 813 -9.13 22.90 -23.33
CA LEU A 813 -8.71 22.05 -22.23
C LEU A 813 -9.57 20.80 -22.21
N GLN A 814 -9.12 19.81 -21.44
CA GLN A 814 -9.88 18.57 -21.33
C GLN A 814 -11.10 18.78 -20.45
N ASP A 815 -11.94 17.74 -20.38
CA ASP A 815 -13.16 17.83 -19.61
C ASP A 815 -12.85 17.82 -18.12
N GLY A 816 -13.42 18.79 -17.40
CA GLY A 816 -13.28 18.82 -15.96
C GLY A 816 -11.92 19.22 -15.44
N VAL A 817 -11.11 19.88 -16.26
CA VAL A 817 -9.78 20.34 -15.84
C VAL A 817 -9.86 21.48 -14.83
N PRO A 818 -10.64 22.57 -15.02
CA PRO A 818 -10.65 23.60 -13.96
C PRO A 818 -11.34 23.18 -12.68
N GLU A 819 -12.23 22.19 -12.74
CA GLU A 819 -12.91 21.75 -11.53
C GLU A 819 -12.02 20.87 -10.68
N THR A 820 -10.97 20.27 -11.26
CA THR A 820 -10.07 19.45 -10.47
C THR A 820 -8.80 20.20 -10.11
N ILE A 821 -8.47 21.27 -10.82
CA ILE A 821 -7.40 22.16 -10.34
C ILE A 821 -7.85 22.85 -9.07
N HIS A 822 -9.12 23.24 -9.01
CA HIS A 822 -9.66 23.92 -7.83
C HIS A 822 -9.86 22.96 -6.67
N THR A 823 -10.32 21.74 -6.94
CA THR A 823 -10.62 20.81 -5.86
C THR A 823 -9.36 20.23 -5.25
N LEU A 824 -8.33 19.96 -6.07
CA LEU A 824 -7.09 19.44 -5.53
C LEU A 824 -6.30 20.49 -4.76
N GLN A 825 -6.56 21.77 -5.02
CA GLN A 825 -5.95 22.82 -4.22
C GLN A 825 -6.71 23.09 -2.93
N GLU A 826 -7.98 22.69 -2.85
CA GLU A 826 -8.69 22.71 -1.59
C GLU A 826 -8.19 21.63 -0.65
N ALA A 827 -7.58 20.58 -1.19
CA ALA A 827 -7.02 19.50 -0.39
C ALA A 827 -5.59 19.77 0.05
N GLY A 828 -5.05 20.94 -0.26
CA GLY A 828 -3.71 21.29 0.17
C GLY A 828 -2.60 20.77 -0.71
N ILE A 829 -2.89 20.44 -1.96
CA ILE A 829 -1.89 19.94 -2.89
C ILE A 829 -1.45 21.10 -3.77
N LYS A 830 -0.15 21.37 -3.78
CA LYS A 830 0.41 22.45 -4.58
C LYS A 830 0.68 21.94 -5.99
N ILE A 831 0.02 22.55 -6.96
CA ILE A 831 0.04 22.08 -8.34
C ILE A 831 1.04 22.90 -9.13
N TRP A 832 2.10 22.25 -9.60
CA TRP A 832 3.04 22.85 -10.52
C TRP A 832 2.69 22.39 -11.93
N VAL A 833 3.16 23.13 -12.93
CA VAL A 833 2.95 22.79 -14.32
C VAL A 833 4.30 22.91 -15.03
N LEU A 834 4.79 21.82 -15.58
CA LEU A 834 6.04 21.79 -16.32
C LEU A 834 5.72 21.40 -17.75
N THR A 835 6.09 22.27 -18.70
CA THR A 835 5.76 22.06 -20.10
C THR A 835 6.98 22.32 -20.96
N GLY A 836 6.89 21.88 -22.21
CA GLY A 836 7.85 22.20 -23.23
C GLY A 836 7.43 23.31 -24.14
N ASP A 837 6.24 23.87 -23.92
CA ASP A 837 5.73 25.00 -24.70
C ASP A 837 6.52 26.28 -24.43
N ARG A 838 6.18 27.29 -25.21
CA ARG A 838 6.68 28.63 -25.01
C ARG A 838 5.99 29.27 -23.82
N GLN A 839 6.53 30.40 -23.37
CA GLN A 839 6.13 30.98 -22.09
C GLN A 839 4.76 31.62 -22.15
N GLU A 840 4.42 32.29 -23.26
CA GLU A 840 3.20 33.08 -23.32
C GLU A 840 1.96 32.21 -23.48
N THR A 841 2.11 30.99 -24.00
CA THR A 841 0.94 30.12 -24.11
C THR A 841 0.76 29.28 -22.87
N ALA A 842 1.76 29.23 -21.98
CA ALA A 842 1.59 28.52 -20.72
C ALA A 842 0.85 29.38 -19.71
N ILE A 843 1.05 30.70 -19.77
CA ILE A 843 0.29 31.62 -18.93
C ILE A 843 -1.16 31.68 -19.38
N ASN A 844 -1.38 31.60 -20.71
CA ASN A 844 -2.72 31.65 -21.25
C ASN A 844 -3.51 30.39 -20.87
N ILE A 845 -2.81 29.27 -20.71
CA ILE A 845 -3.50 28.07 -20.24
C ILE A 845 -3.82 28.19 -18.76
N GLY A 846 -2.90 28.75 -17.97
CA GLY A 846 -3.12 28.85 -16.54
C GLY A 846 -4.20 29.84 -16.16
N MET A 847 -4.42 30.85 -17.01
CA MET A 847 -5.55 31.76 -16.78
C MET A 847 -6.88 31.12 -17.14
N SER A 848 -6.88 30.07 -17.95
CA SER A 848 -8.13 29.46 -18.37
C SER A 848 -8.55 28.28 -17.51
N CYS A 849 -7.59 27.57 -16.91
CA CYS A 849 -7.92 26.56 -15.91
C CYS A 849 -7.96 27.11 -14.50
N ARG A 850 -7.87 28.45 -14.37
CA ARG A 850 -7.88 29.17 -13.10
C ARG A 850 -6.74 28.74 -12.17
N LEU A 851 -5.61 28.32 -12.76
CA LEU A 851 -4.41 28.16 -11.98
C LEU A 851 -3.79 29.50 -11.64
N LEU A 852 -3.97 30.48 -12.52
CA LEU A 852 -3.60 31.87 -12.27
C LEU A 852 -4.84 32.72 -12.38
N SER A 853 -5.04 33.62 -11.42
CA SER A 853 -6.17 34.53 -11.49
C SER A 853 -5.73 35.88 -12.05
N GLU A 854 -6.71 36.73 -12.35
CA GLU A 854 -6.41 38.05 -12.89
C GLU A 854 -5.85 38.97 -11.81
N ASP A 855 -6.26 38.76 -10.56
CA ASP A 855 -5.76 39.54 -9.43
C ASP A 855 -4.68 38.73 -8.71
N MET A 856 -3.62 38.41 -9.45
CA MET A 856 -2.49 37.68 -8.91
C MET A 856 -1.21 38.35 -9.37
N ASN A 857 -0.17 38.19 -8.57
CA ASN A 857 1.11 38.85 -8.80
C ASN A 857 2.11 37.81 -9.31
N LEU A 858 2.25 37.71 -10.63
CA LEU A 858 3.18 36.76 -11.22
C LEU A 858 4.60 37.28 -11.05
N LEU A 859 5.51 36.39 -10.64
CA LEU A 859 6.91 36.72 -10.47
C LEU A 859 7.69 36.03 -11.59
N ILE A 860 7.77 36.71 -12.72
CA ILE A 860 8.40 36.14 -13.91
C ILE A 860 9.91 36.20 -13.74
N ILE A 861 10.57 35.05 -13.87
CA ILE A 861 12.02 34.99 -13.85
C ILE A 861 12.53 34.55 -15.22
N ASN A 862 12.84 35.52 -16.08
CA ASN A 862 13.38 35.26 -17.41
C ASN A 862 14.76 35.91 -17.50
N GLU A 863 15.80 35.14 -17.20
CA GLU A 863 17.16 35.65 -17.29
C GLU A 863 18.01 34.71 -18.14
N GLU A 864 19.19 35.17 -18.50
CA GLU A 864 20.03 34.47 -19.45
C GLU A 864 21.41 34.10 -18.93
N THR A 865 21.83 34.63 -17.79
CA THR A 865 23.11 34.27 -17.21
C THR A 865 22.90 33.59 -15.86
N ARG A 866 24.00 33.11 -15.28
CA ARG A 866 23.91 32.35 -14.04
C ARG A 866 23.63 33.27 -12.86
N ASP A 867 24.22 34.46 -12.84
CA ASP A 867 24.11 35.36 -11.70
C ASP A 867 22.90 36.29 -11.78
N ASP A 868 22.36 36.52 -12.97
CA ASP A 868 21.15 37.33 -13.06
C ASP A 868 19.94 36.53 -12.60
N THR A 869 20.00 35.20 -12.74
CA THR A 869 19.01 34.35 -12.10
C THR A 869 19.12 34.40 -10.58
N GLU A 870 20.33 34.62 -10.05
CA GLU A 870 20.48 34.84 -8.62
C GLU A 870 19.94 36.19 -8.21
N ARG A 871 20.27 37.24 -8.97
CA ARG A 871 19.85 38.59 -8.64
C ARG A 871 18.35 38.77 -8.77
N ASN A 872 17.74 38.07 -9.72
CA ASN A 872 16.28 38.05 -9.80
C ASN A 872 15.68 37.28 -8.64
N LEU A 873 16.31 36.18 -8.24
CA LEU A 873 15.78 35.38 -7.14
C LEU A 873 15.97 36.09 -5.80
N LEU A 874 17.06 36.84 -5.67
CA LEU A 874 17.32 37.54 -4.41
C LEU A 874 16.38 38.71 -4.21
N GLU A 875 16.10 39.48 -5.26
CA GLU A 875 15.24 40.66 -5.12
C GLU A 875 13.79 40.25 -4.92
N LYS A 876 13.37 39.12 -5.49
CA LYS A 876 12.07 38.57 -5.16
C LYS A 876 12.01 38.15 -3.70
N ILE A 877 13.05 37.46 -3.22
CA ILE A 877 12.99 36.95 -1.86
C ILE A 877 13.38 38.04 -0.86
N ASN A 878 13.98 39.14 -1.33
CA ASN A 878 14.15 40.29 -0.45
C ASN A 878 12.83 41.02 -0.27
N ALA A 879 12.05 41.14 -1.34
CA ALA A 879 10.79 41.88 -1.27
C ALA A 879 9.63 41.05 -0.74
N LEU A 880 9.86 39.81 -0.34
CA LEU A 880 8.82 39.03 0.31
C LEU A 880 8.91 39.09 1.83
N ASN A 881 10.13 38.96 2.37
CA ASN A 881 10.29 39.13 3.80
C ASN A 881 10.41 40.60 4.19
N GLU A 882 10.44 41.50 3.20
CA GLU A 882 10.41 42.94 3.49
C GLU A 882 9.07 43.34 4.11
N HIS A 883 7.98 42.72 3.66
CA HIS A 883 6.65 43.04 4.12
C HIS A 883 6.05 41.84 4.83
N GLN A 884 5.12 42.11 5.75
CA GLN A 884 4.42 41.04 6.45
C GLN A 884 3.44 40.36 5.51
N LEU A 885 3.51 39.03 5.45
CA LEU A 885 2.70 38.26 4.52
C LEU A 885 1.27 38.19 5.03
N SER A 886 0.33 38.64 4.20
CA SER A 886 -1.08 38.54 4.54
C SER A 886 -1.57 37.12 4.30
N THR A 887 -2.75 36.82 4.83
CA THR A 887 -3.32 35.49 4.64
C THR A 887 -3.92 35.33 3.25
N HIS A 888 -4.16 36.43 2.53
CA HIS A 888 -4.61 36.39 1.15
C HIS A 888 -3.52 36.76 0.17
N ASP A 889 -2.44 37.41 0.62
CA ASP A 889 -1.33 37.70 -0.27
C ASP A 889 -0.52 36.45 -0.60
N MET A 890 -0.67 35.40 0.22
CA MET A 890 -0.09 34.11 -0.12
C MET A 890 -0.81 33.48 -1.31
N ASN A 891 -2.13 33.68 -1.41
CA ASN A 891 -2.93 33.10 -2.47
C ASN A 891 -3.08 34.04 -3.66
N THR A 892 -2.31 35.13 -3.72
CA THR A 892 -2.24 35.99 -4.89
C THR A 892 -0.80 36.10 -5.38
N LEU A 893 -0.05 35.01 -5.29
CA LEU A 893 1.35 34.99 -5.67
C LEU A 893 1.61 33.76 -6.54
N ALA A 894 2.27 33.96 -7.67
CA ALA A 894 2.57 32.88 -8.60
C ALA A 894 3.98 33.07 -9.13
N LEU A 895 4.50 32.00 -9.73
CA LEU A 895 5.88 31.96 -10.20
C LEU A 895 5.93 31.43 -11.62
N VAL A 896 6.74 32.06 -12.46
CA VAL A 896 6.92 31.63 -13.84
C VAL A 896 8.42 31.58 -14.12
N ILE A 897 8.92 30.41 -14.51
CA ILE A 897 10.34 30.20 -14.78
C ILE A 897 10.52 29.80 -16.24
N ASP A 898 11.56 30.34 -16.86
CA ASP A 898 11.99 29.90 -18.18
C ASP A 898 12.85 28.65 -18.04
N GLY A 899 12.94 27.88 -19.11
CA GLY A 899 13.77 26.68 -19.09
C GLY A 899 15.25 26.95 -19.09
N LYS A 900 15.66 28.17 -19.41
CA LYS A 900 17.06 28.56 -19.30
C LYS A 900 17.38 29.10 -17.91
N SER A 901 16.43 29.79 -17.29
CA SER A 901 16.60 30.21 -15.90
C SER A 901 16.53 29.03 -14.96
N LEU A 902 15.67 28.05 -15.25
CA LEU A 902 15.60 26.83 -14.45
C LEU A 902 16.83 25.98 -14.59
N GLY A 903 17.56 26.09 -15.70
CA GLY A 903 18.82 25.38 -15.83
C GLY A 903 19.93 25.94 -14.97
N PHE A 904 19.78 27.18 -14.50
CA PHE A 904 20.71 27.78 -13.54
C PHE A 904 20.19 27.72 -12.12
N ALA A 905 18.88 27.78 -11.93
CA ALA A 905 18.31 27.79 -10.58
C ALA A 905 18.28 26.41 -9.94
N LEU A 906 18.59 25.35 -10.68
CA LEU A 906 18.69 24.02 -10.09
C LEU A 906 20.11 23.69 -9.66
N GLU A 907 21.05 24.60 -9.84
CA GLU A 907 22.41 24.42 -9.38
C GLU A 907 22.44 24.43 -7.84
N PRO A 908 23.42 23.76 -7.22
CA PRO A 908 23.40 23.64 -5.75
C PRO A 908 23.58 24.95 -5.00
N GLU A 909 24.10 25.99 -5.65
CA GLU A 909 24.20 27.28 -4.99
C GLU A 909 22.84 27.97 -4.89
N LEU A 910 22.12 28.05 -6.01
CA LEU A 910 20.85 28.76 -6.07
C LEU A 910 19.65 27.84 -5.87
N GLU A 911 19.88 26.62 -5.41
CA GLU A 911 18.83 25.63 -5.22
C GLU A 911 17.84 26.04 -4.14
N ASP A 912 18.28 26.81 -3.14
CA ASP A 912 17.46 27.13 -1.99
C ASP A 912 16.67 28.43 -2.14
N TYR A 913 17.19 29.41 -2.86
CA TYR A 913 16.42 30.63 -3.11
C TYR A 913 15.24 30.35 -4.02
N LEU A 914 15.42 29.44 -4.99
CA LEU A 914 14.32 29.06 -5.87
C LEU A 914 13.26 28.30 -5.10
N LEU A 915 13.67 27.45 -4.18
CA LEU A 915 12.71 26.64 -3.44
C LEU A 915 12.00 27.41 -2.35
N THR A 916 12.59 28.48 -1.81
CA THR A 916 11.92 29.22 -0.76
C THR A 916 10.90 30.20 -1.32
N VAL A 917 11.07 30.60 -2.58
CA VAL A 917 10.05 31.42 -3.23
C VAL A 917 8.98 30.52 -3.84
N ALA A 918 9.33 29.28 -4.16
CA ALA A 918 8.35 28.34 -4.71
C ALA A 918 7.39 27.86 -3.63
N LYS A 919 7.81 27.89 -2.37
CA LYS A 919 6.94 27.47 -1.29
C LYS A 919 5.94 28.55 -0.93
N LEU A 920 6.24 29.81 -1.28
CA LEU A 920 5.35 30.90 -0.92
C LEU A 920 4.23 31.08 -1.93
N CYS A 921 4.53 30.89 -3.21
CA CYS A 921 3.57 31.16 -4.27
C CYS A 921 2.57 30.02 -4.39
N LYS A 922 1.36 30.36 -4.85
CA LYS A 922 0.29 29.38 -4.90
C LYS A 922 0.49 28.39 -6.04
N ALA A 923 0.98 28.86 -7.18
CA ALA A 923 1.11 28.02 -8.37
C ALA A 923 2.42 28.34 -9.07
N VAL A 924 3.14 27.29 -9.44
CA VAL A 924 4.39 27.43 -10.17
C VAL A 924 4.17 26.95 -11.60
N ILE A 925 4.77 27.65 -12.56
CA ILE A 925 4.69 27.29 -13.97
C ILE A 925 6.11 27.34 -14.51
N CYS A 926 6.58 26.24 -15.09
CA CYS A 926 7.89 26.18 -15.71
C CYS A 926 7.69 26.00 -17.21
N CYS A 927 8.34 26.84 -18.01
CA CYS A 927 8.18 26.84 -19.45
C CYS A 927 9.49 26.46 -20.11
N ARG A 928 9.40 26.03 -21.37
CA ARG A 928 10.54 25.67 -22.23
C ARG A 928 11.42 24.60 -21.61
N VAL A 929 10.83 23.70 -20.84
CA VAL A 929 11.59 22.80 -19.97
C VAL A 929 11.89 21.51 -20.71
N SER A 930 13.18 21.12 -20.71
CA SER A 930 13.74 19.91 -21.30
C SER A 930 13.14 18.65 -20.70
N PRO A 931 13.23 17.49 -21.36
CA PRO A 931 12.76 16.25 -20.72
C PRO A 931 13.51 15.86 -19.46
N LEU A 932 14.80 16.21 -19.37
CA LEU A 932 15.55 15.92 -18.15
C LEU A 932 15.24 16.93 -17.05
N GLN A 933 15.01 18.19 -17.43
CA GLN A 933 14.70 19.22 -16.45
C GLN A 933 13.32 19.02 -15.84
N LYS A 934 12.44 18.30 -16.54
CA LYS A 934 11.20 17.85 -15.91
C LYS A 934 11.46 16.82 -14.83
N ALA A 935 12.57 16.09 -14.92
CA ALA A 935 12.90 15.10 -13.90
C ALA A 935 13.77 15.70 -12.80
N LEU A 936 14.63 16.65 -13.16
CA LEU A 936 15.53 17.26 -12.18
C LEU A 936 14.77 18.15 -11.21
N VAL A 937 13.60 18.65 -11.59
CA VAL A 937 12.78 19.43 -10.67
C VAL A 937 12.14 18.52 -9.63
N VAL A 938 11.61 17.37 -10.07
CA VAL A 938 10.94 16.44 -9.16
C VAL A 938 11.96 15.78 -8.23
N LYS A 939 13.19 15.59 -8.71
CA LYS A 939 14.25 15.09 -7.83
C LYS A 939 14.66 16.15 -6.81
N MET A 940 14.62 17.43 -7.21
CA MET A 940 15.04 18.51 -6.32
C MET A 940 14.04 18.75 -5.20
N VAL A 941 12.76 18.47 -5.42
CA VAL A 941 11.77 18.68 -4.38
C VAL A 941 11.74 17.54 -3.36
N LYS A 942 11.89 16.30 -3.80
CA LYS A 942 11.86 15.19 -2.86
C LYS A 942 13.16 15.07 -2.07
N ARG A 943 14.25 15.66 -2.55
CA ARG A 943 15.49 15.66 -1.77
C ARG A 943 15.41 16.63 -0.60
N LYS A 944 14.86 17.82 -0.83
CA LYS A 944 14.89 18.86 0.20
C LYS A 944 13.68 18.79 1.12
N SER A 945 12.60 18.16 0.68
CA SER A 945 11.38 18.11 1.47
C SER A 945 11.01 16.66 1.77
N SER A 946 10.37 16.46 2.92
CA SER A 946 9.89 15.14 3.30
C SER A 946 8.43 14.97 2.87
N SER A 947 8.21 15.17 1.57
CA SER A 947 6.88 15.23 1.00
C SER A 947 6.79 14.27 -0.18
N LEU A 948 5.56 13.92 -0.54
CA LEU A 948 5.33 12.95 -1.58
C LEU A 948 4.80 13.61 -2.84
N LEU A 949 5.38 13.26 -3.99
CA LEU A 949 5.17 13.96 -5.24
C LEU A 949 4.55 13.05 -6.29
N LEU A 950 3.59 13.58 -7.03
CA LEU A 950 2.96 12.87 -8.12
C LEU A 950 3.29 13.60 -9.42
N ALA A 951 3.50 12.85 -10.49
CA ALA A 951 3.82 13.41 -11.80
C ALA A 951 2.90 12.77 -12.83
N ILE A 952 2.09 13.59 -13.49
CA ILE A 952 1.15 13.13 -14.51
C ILE A 952 1.55 13.73 -15.85
N GLY A 953 1.49 12.91 -16.90
CA GLY A 953 1.89 13.39 -18.21
C GLY A 953 1.50 12.42 -19.31
N ASP A 954 1.76 12.85 -20.54
CA ASP A 954 1.57 12.02 -21.71
C ASP A 954 2.75 12.23 -22.65
N GLY A 955 3.01 11.26 -23.51
CA GLY A 955 4.11 11.47 -24.41
C GLY A 955 5.44 11.14 -23.77
N ALA A 956 6.45 10.90 -24.61
CA ALA A 956 7.72 10.44 -24.07
C ALA A 956 8.64 11.59 -23.70
N ASN A 957 8.14 12.83 -23.65
CA ASN A 957 8.97 13.92 -23.13
C ASN A 957 8.93 13.98 -21.61
N ASP A 958 7.95 13.33 -20.99
CA ASP A 958 7.89 13.26 -19.53
C ASP A 958 7.81 11.82 -19.03
N VAL A 959 8.62 10.93 -19.60
CA VAL A 959 8.82 9.60 -19.02
C VAL A 959 9.79 9.70 -17.86
N SER A 960 10.82 10.54 -18.00
CA SER A 960 11.79 10.75 -16.92
C SER A 960 11.14 11.46 -15.74
N MET A 961 10.15 12.31 -15.99
CA MET A 961 9.41 12.94 -14.90
C MET A 961 8.56 11.92 -14.15
N ILE A 962 8.01 10.95 -14.86
CA ILE A 962 7.17 9.94 -14.24
C ILE A 962 7.98 8.92 -13.46
N GLN A 963 9.13 8.50 -13.98
CA GLN A 963 10.01 7.55 -13.30
C GLN A 963 10.77 8.16 -12.13
N ALA A 964 10.74 9.48 -11.95
CA ALA A 964 11.44 10.11 -10.84
C ALA A 964 10.51 10.54 -9.73
N ALA A 965 9.20 10.41 -9.91
CA ALA A 965 8.26 10.77 -8.86
C ALA A 965 8.00 9.57 -7.97
N HIS A 966 7.24 9.81 -6.90
CA HIS A 966 6.85 8.71 -6.04
C HIS A 966 5.71 7.92 -6.66
N VAL A 967 4.70 8.61 -7.17
CA VAL A 967 3.68 8.01 -8.02
C VAL A 967 3.78 8.67 -9.38
N GLY A 968 3.83 7.86 -10.44
CA GLY A 968 3.82 8.35 -11.80
C GLY A 968 2.55 7.92 -12.51
N VAL A 969 1.77 8.91 -12.93
CA VAL A 969 0.52 8.68 -13.64
C VAL A 969 0.74 8.99 -15.11
N GLY A 970 0.17 8.18 -15.99
CA GLY A 970 0.25 8.40 -17.42
C GLY A 970 -1.14 8.55 -18.02
N ILE A 971 -1.19 9.13 -19.20
CA ILE A 971 -2.44 9.32 -19.92
C ILE A 971 -2.51 8.30 -21.04
N SER A 972 -3.58 7.51 -21.07
CA SER A 972 -3.74 6.42 -22.01
C SER A 972 -4.95 6.66 -22.90
N GLY A 973 -5.01 5.91 -23.99
CA GLY A 973 -6.11 5.98 -24.92
C GLY A 973 -5.84 6.73 -26.21
N MET A 974 -4.65 7.31 -26.35
CA MET A 974 -4.30 8.09 -27.53
C MET A 974 -3.00 7.53 -28.11
N GLU A 975 -2.63 8.03 -29.28
CA GLU A 975 -1.41 7.55 -29.93
C GLU A 975 -0.19 8.18 -29.25
N GLY A 976 0.93 7.46 -29.33
CA GLY A 976 2.15 7.89 -28.66
C GLY A 976 2.06 7.82 -27.15
N MET A 977 1.52 6.71 -26.63
CA MET A 977 1.31 6.57 -25.19
C MET A 977 2.51 5.90 -24.53
N GLN A 978 3.69 6.49 -24.75
CA GLN A 978 4.90 5.98 -24.12
C GLN A 978 4.98 6.37 -22.65
N ALA A 979 4.15 7.32 -22.21
CA ALA A 979 4.09 7.63 -20.79
C ALA A 979 3.05 6.76 -20.09
N ALA A 980 2.09 6.22 -20.82
CA ALA A 980 1.13 5.31 -20.21
C ALA A 980 1.73 3.93 -20.01
N ARG A 981 2.82 3.61 -20.72
CA ARG A 981 3.49 2.34 -20.52
C ARG A 981 4.49 2.41 -19.38
N SER A 982 5.26 3.50 -19.31
CA SER A 982 6.33 3.62 -18.34
C SER A 982 5.84 4.03 -16.96
N ALA A 983 4.54 4.20 -16.77
CA ALA A 983 4.04 4.72 -15.52
C ALA A 983 3.63 3.60 -14.57
N ASP A 984 3.33 4.00 -13.33
CA ASP A 984 2.75 3.07 -12.37
C ASP A 984 1.24 2.98 -12.49
N ILE A 985 0.57 4.10 -12.78
CA ILE A 985 -0.85 4.13 -13.04
C ILE A 985 -1.05 4.78 -14.40
N ALA A 986 -2.01 4.27 -15.17
CA ALA A 986 -2.39 4.87 -16.44
C ALA A 986 -3.88 5.15 -16.41
N VAL A 987 -4.26 6.42 -16.49
CA VAL A 987 -5.66 6.82 -16.42
C VAL A 987 -6.12 7.27 -17.80
N GLY A 988 -7.43 7.42 -17.93
CA GLY A 988 -8.02 7.86 -19.17
C GLY A 988 -7.74 9.32 -19.47
N GLN A 989 -8.11 10.21 -18.56
CA GLN A 989 -7.88 11.64 -18.75
C GLN A 989 -7.54 12.28 -17.40
N PHE A 990 -7.30 13.58 -17.43
CA PHE A 990 -6.75 14.29 -16.27
C PHE A 990 -7.76 14.37 -15.13
N LYS A 991 -9.05 14.42 -15.45
CA LYS A 991 -10.05 14.66 -14.40
C LYS A 991 -10.28 13.45 -13.53
N PHE A 992 -9.73 12.28 -13.89
CA PHE A 992 -9.81 11.12 -13.03
C PHE A 992 -8.82 11.17 -11.88
N LEU A 993 -7.93 12.16 -11.86
CA LEU A 993 -7.02 12.37 -10.75
C LEU A 993 -7.72 12.83 -9.49
N LYS A 994 -8.96 13.33 -9.59
CA LYS A 994 -9.68 13.79 -8.41
C LYS A 994 -10.20 12.62 -7.59
N LYS A 995 -10.88 11.67 -8.23
CA LYS A 995 -11.38 10.52 -7.49
C LYS A 995 -10.28 9.53 -7.16
N LEU A 996 -9.22 9.47 -7.97
CA LEU A 996 -8.11 8.57 -7.69
C LEU A 996 -7.34 8.99 -6.44
N LEU A 997 -7.29 10.30 -6.16
CA LEU A 997 -6.58 10.77 -4.98
C LEU A 997 -7.50 10.91 -3.76
N LEU A 998 -8.64 11.58 -3.92
CA LEU A 998 -9.48 11.88 -2.78
C LEU A 998 -10.19 10.64 -2.26
N VAL A 999 -10.78 9.86 -3.16
CA VAL A 999 -11.55 8.70 -2.72
C VAL A 999 -10.68 7.46 -2.63
N HIS A 1000 -10.04 7.08 -3.72
CA HIS A 1000 -9.29 5.83 -3.74
C HIS A 1000 -7.94 5.93 -3.08
N GLY A 1001 -7.43 7.13 -2.85
CA GLY A 1001 -6.17 7.26 -2.15
C GLY A 1001 -6.36 7.25 -0.66
N SER A 1002 -7.31 8.05 -0.17
CA SER A 1002 -7.49 8.18 1.26
C SER A 1002 -8.18 6.96 1.86
N TRP A 1003 -8.88 6.19 1.02
CA TRP A 1003 -9.32 4.87 1.44
C TRP A 1003 -8.13 3.94 1.58
N SER A 1004 -7.28 3.89 0.55
CA SER A 1004 -6.18 2.94 0.53
C SER A 1004 -5.01 3.35 1.41
N TYR A 1005 -5.10 4.47 2.12
CA TYR A 1005 -4.15 4.77 3.18
C TYR A 1005 -4.67 4.35 4.54
N GLN A 1006 -5.95 4.59 4.80
CA GLN A 1006 -6.55 4.15 6.06
C GLN A 1006 -6.72 2.65 6.09
N ARG A 1007 -6.85 2.01 4.92
CA ARG A 1007 -7.01 0.57 4.88
C ARG A 1007 -5.71 -0.14 5.19
N ILE A 1008 -4.61 0.23 4.52
CA ILE A 1008 -3.36 -0.47 4.73
C ILE A 1008 -2.72 -0.10 6.06
N SER A 1009 -3.06 1.04 6.65
CA SER A 1009 -2.41 1.40 7.90
C SER A 1009 -3.08 0.69 9.08
N VAL A 1010 -4.38 0.48 9.00
CA VAL A 1010 -5.09 -0.16 10.08
C VAL A 1010 -4.93 -1.68 10.01
N ALA A 1011 -4.86 -2.23 8.80
CA ALA A 1011 -4.71 -3.67 8.65
C ALA A 1011 -3.29 -4.12 8.98
N ILE A 1012 -2.33 -3.20 8.99
CA ILE A 1012 -0.96 -3.56 9.39
C ILE A 1012 -0.82 -3.51 10.90
N LEU A 1013 -1.40 -2.48 11.52
CA LEU A 1013 -1.32 -2.34 12.97
C LEU A 1013 -2.13 -3.41 13.67
N TYR A 1014 -3.20 -3.89 13.04
CA TYR A 1014 -3.96 -5.00 13.60
C TYR A 1014 -3.18 -6.30 13.50
N SER A 1015 -2.39 -6.47 12.44
CA SER A 1015 -1.63 -7.70 12.28
C SER A 1015 -0.43 -7.74 13.21
N PHE A 1016 0.13 -6.58 13.54
CA PHE A 1016 1.16 -6.53 14.59
C PHE A 1016 0.55 -6.78 15.95
N TYR A 1017 -0.69 -6.35 16.16
CA TYR A 1017 -1.34 -6.47 17.46
C TYR A 1017 -1.69 -7.92 17.78
N LYS A 1018 -2.28 -8.62 16.82
CA LYS A 1018 -2.84 -9.93 17.10
C LYS A 1018 -1.75 -10.99 17.20
N ASN A 1019 -0.56 -10.72 16.67
CA ASN A 1019 0.56 -11.61 16.90
C ASN A 1019 1.12 -11.40 18.29
N THR A 1020 0.96 -10.20 18.84
CA THR A 1020 1.41 -9.92 20.19
C THR A 1020 0.46 -10.53 21.22
N ALA A 1021 -0.85 -10.43 20.99
CA ALA A 1021 -1.82 -10.86 21.98
C ALA A 1021 -1.93 -12.38 22.14
N LEU A 1022 -1.25 -13.16 21.31
CA LEU A 1022 -1.14 -14.59 21.51
C LEU A 1022 0.27 -14.98 21.98
N TYR A 1023 1.30 -14.50 21.29
CA TYR A 1023 2.66 -14.91 21.59
C TYR A 1023 3.30 -14.13 22.73
N MET A 1024 2.52 -13.40 23.52
CA MET A 1024 3.04 -12.84 24.76
C MET A 1024 2.63 -13.63 25.98
N THR A 1025 1.67 -14.55 25.84
CA THR A 1025 1.43 -15.53 26.89
C THR A 1025 2.56 -16.56 26.96
N GLN A 1026 3.40 -16.63 25.94
CA GLN A 1026 4.65 -17.38 26.00
C GLN A 1026 5.72 -16.69 26.82
N PHE A 1027 5.57 -15.39 27.09
CA PHE A 1027 6.53 -14.69 27.93
C PHE A 1027 6.09 -14.56 29.38
N TRP A 1028 4.80 -14.40 29.64
CA TRP A 1028 4.36 -14.43 31.03
C TRP A 1028 4.43 -15.82 31.63
N TYR A 1029 4.61 -16.85 30.81
CA TYR A 1029 4.81 -18.22 31.26
C TYR A 1029 6.23 -18.52 31.69
N VAL A 1030 7.21 -17.68 31.37
CA VAL A 1030 8.58 -18.00 31.77
C VAL A 1030 8.80 -17.75 33.25
N PHE A 1031 7.88 -17.08 33.92
CA PHE A 1031 7.95 -16.92 35.36
C PHE A 1031 7.25 -18.05 36.11
N ALA A 1032 6.55 -18.94 35.41
CA ALA A 1032 5.84 -20.04 36.03
C ALA A 1032 6.33 -21.40 35.58
N ASN A 1033 7.41 -21.48 34.80
CA ASN A 1033 8.01 -22.76 34.46
C ASN A 1033 9.52 -22.77 34.66
N ALA A 1034 10.00 -21.93 35.60
CA ALA A 1034 11.42 -21.82 35.97
C ALA A 1034 12.31 -21.44 34.78
N PHE A 1035 11.80 -20.54 33.94
CA PHE A 1035 12.55 -19.89 32.86
C PHE A 1035 13.09 -20.89 31.85
N SER A 1036 12.29 -21.91 31.53
CA SER A 1036 12.70 -22.96 30.62
C SER A 1036 12.32 -22.69 29.18
N GLY A 1037 11.26 -21.94 28.95
CA GLY A 1037 10.80 -21.64 27.62
C GLY A 1037 9.78 -22.59 27.06
N GLN A 1038 9.05 -23.30 27.90
CA GLN A 1038 8.06 -24.24 27.43
C GLN A 1038 6.85 -23.51 26.89
N SER A 1039 6.37 -23.92 25.73
CA SER A 1039 5.18 -23.35 25.11
C SER A 1039 3.94 -23.92 25.77
N ILE A 1040 2.84 -23.18 25.64
CA ILE A 1040 1.57 -23.60 26.23
C ILE A 1040 0.57 -24.05 25.20
N MET A 1041 0.91 -24.00 23.91
CA MET A 1041 0.09 -24.59 22.87
C MET A 1041 0.96 -25.50 22.02
N GLU A 1042 0.31 -26.47 21.37
CA GLU A 1042 1.00 -27.33 20.42
C GLU A 1042 1.34 -26.57 19.16
N SER A 1043 2.54 -26.84 18.63
CA SER A 1043 3.12 -26.02 17.56
C SER A 1043 2.35 -26.15 16.25
N TRP A 1044 1.56 -27.22 16.09
CA TRP A 1044 0.65 -27.27 14.94
C TRP A 1044 -0.49 -26.29 15.11
N THR A 1045 -1.03 -26.17 16.31
CA THR A 1045 -2.13 -25.25 16.55
C THR A 1045 -1.67 -23.80 16.57
N MET A 1046 -0.42 -23.54 16.93
CA MET A 1046 0.09 -22.17 16.84
C MET A 1046 0.32 -21.75 15.40
N SER A 1047 0.65 -22.71 14.53
CA SER A 1047 0.84 -22.39 13.12
C SER A 1047 -0.48 -22.10 12.43
N PHE A 1048 -1.58 -22.63 12.96
CA PHE A 1048 -2.90 -22.39 12.39
C PHE A 1048 -3.46 -21.04 12.78
N TYR A 1049 -2.77 -20.29 13.63
CA TYR A 1049 -3.24 -18.97 14.05
C TYR A 1049 -3.06 -17.95 12.93
N ASN A 1050 -1.88 -17.88 12.35
CA ASN A 1050 -1.60 -16.96 11.27
C ASN A 1050 -1.88 -17.55 9.90
N LEU A 1051 -2.61 -18.65 9.81
CA LEU A 1051 -2.95 -19.28 8.54
C LEU A 1051 -4.43 -19.51 8.35
N PHE A 1052 -5.18 -19.83 9.40
CA PHE A 1052 -6.59 -20.17 9.25
C PHE A 1052 -7.53 -19.20 9.95
N PHE A 1053 -7.33 -18.95 11.24
CA PHE A 1053 -8.35 -18.30 12.04
C PHE A 1053 -8.15 -16.80 12.22
N THR A 1054 -7.00 -16.26 11.84
CA THR A 1054 -6.80 -14.82 11.89
C THR A 1054 -6.12 -14.34 10.60
N VAL A 1055 -6.59 -14.77 9.45
CA VAL A 1055 -6.07 -14.23 8.20
C VAL A 1055 -7.09 -13.34 7.51
N TRP A 1056 -8.36 -13.65 7.67
CA TRP A 1056 -9.40 -12.91 6.98
C TRP A 1056 -9.76 -11.54 7.56
N PRO A 1057 -9.79 -11.32 8.89
CA PRO A 1057 -10.01 -9.94 9.38
C PRO A 1057 -8.92 -8.94 9.00
N PRO A 1058 -7.66 -9.34 8.74
CA PRO A 1058 -6.79 -8.38 8.04
C PRO A 1058 -7.18 -8.11 6.60
N PHE A 1059 -7.74 -9.10 5.90
CA PHE A 1059 -8.06 -8.91 4.49
C PHE A 1059 -9.30 -8.06 4.31
N VAL A 1060 -10.30 -8.23 5.19
CA VAL A 1060 -11.53 -7.48 5.07
C VAL A 1060 -11.32 -6.02 5.48
N ILE A 1061 -10.47 -5.80 6.48
CA ILE A 1061 -10.10 -4.44 6.87
C ILE A 1061 -9.26 -3.79 5.77
N GLY A 1062 -8.38 -4.54 5.13
CA GLY A 1062 -7.52 -3.96 4.14
C GLY A 1062 -8.08 -3.81 2.76
N VAL A 1063 -9.26 -4.37 2.44
CA VAL A 1063 -9.77 -4.32 1.08
C VAL A 1063 -11.17 -3.73 1.06
N PHE A 1064 -11.94 -3.93 2.11
CA PHE A 1064 -13.36 -3.60 2.07
C PHE A 1064 -13.82 -2.58 3.10
N ASP A 1065 -12.89 -1.95 3.82
CA ASP A 1065 -13.26 -1.01 4.88
C ASP A 1065 -13.31 0.39 4.32
N GLN A 1066 -14.48 1.02 4.42
CA GLN A 1066 -14.68 2.40 4.01
C GLN A 1066 -14.97 3.21 5.28
N PHE A 1067 -13.95 3.91 5.76
CA PHE A 1067 -14.09 4.67 7.00
C PHE A 1067 -14.98 5.88 6.83
N VAL A 1068 -15.00 6.46 5.63
CA VAL A 1068 -15.95 7.51 5.29
C VAL A 1068 -16.28 7.32 3.81
N SER A 1069 -17.50 7.69 3.44
CA SER A 1069 -18.08 7.32 2.15
C SER A 1069 -17.40 7.99 0.96
N SER A 1070 -17.82 7.62 -0.24
CA SER A 1070 -17.21 8.18 -1.44
C SER A 1070 -17.80 9.54 -1.78
N ARG A 1071 -19.09 9.74 -1.49
CA ARG A 1071 -19.72 11.01 -1.82
C ARG A 1071 -19.39 12.07 -0.79
N LEU A 1072 -18.90 11.67 0.38
CA LEU A 1072 -18.50 12.65 1.39
C LEU A 1072 -17.01 12.92 1.36
N LEU A 1073 -16.23 12.04 0.74
CA LEU A 1073 -14.81 12.33 0.52
C LEU A 1073 -14.59 13.36 -0.56
N GLU A 1074 -15.55 13.53 -1.47
CA GLU A 1074 -15.43 14.51 -2.54
C GLU A 1074 -16.12 15.81 -2.21
N ARG A 1075 -17.07 15.80 -1.28
CA ARG A 1075 -17.69 17.04 -0.83
C ARG A 1075 -16.79 17.82 0.11
N TYR A 1076 -15.95 17.14 0.89
CA TYR A 1076 -15.05 17.78 1.85
C TYR A 1076 -13.62 17.39 1.51
N PRO A 1077 -12.94 18.16 0.65
CA PRO A 1077 -11.55 17.84 0.33
C PRO A 1077 -10.55 18.14 1.44
N GLN A 1078 -11.00 18.73 2.55
CA GLN A 1078 -10.12 18.95 3.69
C GLN A 1078 -9.77 17.66 4.41
N LEU A 1079 -10.55 16.60 4.17
CA LEU A 1079 -10.26 15.28 4.75
C LEU A 1079 -9.06 14.61 4.10
N TYR A 1080 -8.46 15.21 3.08
CA TYR A 1080 -7.23 14.66 2.51
C TYR A 1080 -6.04 14.97 3.39
N LYS A 1081 -6.18 15.89 4.35
CA LYS A 1081 -5.08 16.25 5.22
C LYS A 1081 -4.93 15.28 6.39
N LEU A 1082 -5.81 14.29 6.50
CA LEU A 1082 -5.60 13.23 7.48
C LEU A 1082 -4.43 12.35 7.06
N GLY A 1083 -4.45 11.84 5.83
CA GLY A 1083 -3.34 11.06 5.34
C GLY A 1083 -2.12 11.89 5.03
N GLN A 1084 -2.32 13.14 4.62
CA GLN A 1084 -1.23 14.03 4.21
C GLN A 1084 -0.30 14.37 5.35
N LYS A 1085 -0.80 14.42 6.58
CA LYS A 1085 0.03 14.60 7.76
C LYS A 1085 0.61 13.30 8.27
N GLY A 1086 -0.08 12.18 8.05
CA GLY A 1086 0.34 10.91 8.58
C GLY A 1086 -0.37 10.58 9.88
N GLN A 1087 -1.69 10.73 9.89
CA GLN A 1087 -2.46 10.61 11.12
C GLN A 1087 -3.07 9.24 11.33
N PHE A 1088 -2.65 8.23 10.58
CA PHE A 1088 -3.11 6.88 10.82
C PHE A 1088 -1.97 5.88 10.95
N PHE A 1089 -0.73 6.28 10.68
CA PHE A 1089 0.38 5.35 10.66
C PHE A 1089 1.65 6.07 11.07
N SER A 1090 2.11 5.81 12.29
CA SER A 1090 3.44 6.23 12.73
C SER A 1090 3.88 5.25 13.81
N VAL A 1091 5.08 5.49 14.33
CA VAL A 1091 5.61 4.64 15.39
C VAL A 1091 4.89 4.91 16.71
N TYR A 1092 4.36 6.11 16.89
CA TYR A 1092 3.68 6.44 18.15
C TYR A 1092 2.31 5.77 18.24
N ILE A 1093 1.60 5.66 17.11
CA ILE A 1093 0.37 4.90 17.09
C ILE A 1093 0.67 3.41 17.16
N PHE A 1094 1.84 3.01 16.65
CA PHE A 1094 2.26 1.61 16.66
C PHE A 1094 2.48 1.10 18.07
N TRP A 1095 2.98 1.97 18.95
CA TRP A 1095 3.21 1.56 20.34
C TRP A 1095 1.92 1.31 21.08
N GLY A 1096 0.82 1.93 20.67
CA GLY A 1096 -0.43 1.71 21.36
C GLY A 1096 -1.13 0.42 20.96
N TRP A 1097 -0.74 -0.16 19.84
CA TRP A 1097 -1.29 -1.45 19.46
C TRP A 1097 -0.48 -2.58 20.07
N ILE A 1098 0.77 -2.30 20.46
CA ILE A 1098 1.58 -3.29 21.16
C ILE A 1098 1.25 -3.27 22.65
N ILE A 1099 1.13 -2.08 23.24
CA ILE A 1099 0.78 -1.95 24.65
C ILE A 1099 -0.65 -2.43 24.89
N ASN A 1100 -1.52 -2.33 23.89
CA ASN A 1100 -2.80 -3.01 24.00
C ASN A 1100 -2.65 -4.52 23.83
N GLY A 1101 -1.62 -4.96 23.11
CA GLY A 1101 -1.39 -6.39 22.97
C GLY A 1101 -0.74 -6.99 24.20
N PHE A 1102 0.12 -6.21 24.87
CA PHE A 1102 0.65 -6.63 26.16
C PHE A 1102 -0.44 -6.68 27.21
N PHE A 1103 -1.35 -5.71 27.18
CA PHE A 1103 -2.42 -5.64 28.16
C PHE A 1103 -3.43 -6.75 27.95
N HIS A 1104 -3.72 -7.09 26.70
CA HIS A 1104 -4.70 -8.13 26.43
C HIS A 1104 -4.14 -9.50 26.74
N SER A 1105 -2.83 -9.68 26.56
CA SER A 1105 -2.20 -10.95 26.85
C SER A 1105 -2.07 -11.19 28.35
N ALA A 1106 -1.96 -10.13 29.14
CA ALA A 1106 -1.85 -10.28 30.58
C ALA A 1106 -3.19 -10.59 31.21
N ILE A 1107 -4.28 -10.17 30.57
CA ILE A 1107 -5.62 -10.53 31.05
C ILE A 1107 -5.88 -12.01 30.79
N VAL A 1108 -5.40 -12.52 29.66
CA VAL A 1108 -5.59 -13.93 29.31
C VAL A 1108 -4.77 -14.81 30.23
N PHE A 1109 -3.52 -14.43 30.50
CA PHE A 1109 -2.64 -15.25 31.31
C PHE A 1109 -3.07 -15.24 32.77
N ILE A 1110 -3.09 -14.06 33.40
CA ILE A 1110 -3.41 -13.94 34.81
C ILE A 1110 -4.87 -14.32 35.08
N GLY A 1111 -5.74 -14.16 34.10
CA GLY A 1111 -7.10 -14.61 34.26
C GLY A 1111 -7.27 -16.11 34.26
N THR A 1112 -6.36 -16.85 33.64
CA THR A 1112 -6.50 -18.30 33.53
C THR A 1112 -5.62 -19.07 34.51
N ILE A 1113 -4.55 -18.48 35.05
CA ILE A 1113 -3.82 -19.18 36.10
C ILE A 1113 -4.54 -19.05 37.43
N LEU A 1114 -5.48 -18.11 37.54
CA LEU A 1114 -6.28 -18.01 38.76
C LEU A 1114 -7.47 -18.96 38.71
N ILE A 1115 -8.03 -19.19 37.53
CA ILE A 1115 -9.16 -20.11 37.42
C ILE A 1115 -8.66 -21.54 37.48
N TYR A 1116 -7.72 -21.89 36.62
CA TYR A 1116 -7.09 -23.21 36.63
C TYR A 1116 -5.99 -23.22 37.68
N ARG A 1117 -6.41 -23.28 38.95
CA ARG A 1117 -5.50 -22.96 40.05
C ARG A 1117 -4.50 -24.08 40.29
N TYR A 1118 -4.99 -25.29 40.53
CA TYR A 1118 -4.14 -26.46 40.72
C TYR A 1118 -4.36 -27.47 39.60
N GLY A 1119 -4.90 -27.02 38.48
CA GLY A 1119 -5.52 -27.95 37.56
C GLY A 1119 -6.88 -28.40 38.03
N PHE A 1120 -7.48 -27.66 38.95
CA PHE A 1120 -8.62 -28.14 39.72
C PHE A 1120 -9.84 -27.32 39.34
N ALA A 1121 -10.05 -27.14 38.04
CA ALA A 1121 -11.19 -26.40 37.55
C ALA A 1121 -12.29 -27.29 36.96
N LEU A 1122 -12.18 -28.61 37.07
CA LEU A 1122 -13.10 -29.50 36.38
C LEU A 1122 -14.08 -30.13 37.35
N ASN A 1123 -15.13 -30.73 36.79
CA ASN A 1123 -16.16 -31.44 37.54
C ASN A 1123 -16.41 -32.81 36.92
N MET A 1124 -15.35 -33.54 36.64
CA MET A 1124 -15.46 -34.85 36.01
C MET A 1124 -14.78 -35.89 36.89
N HIS A 1125 -15.52 -36.35 37.91
CA HIS A 1125 -15.15 -37.48 38.77
C HIS A 1125 -13.79 -37.30 39.44
N GLY A 1126 -13.46 -36.05 39.78
CA GLY A 1126 -12.20 -35.75 40.41
C GLY A 1126 -11.01 -35.64 39.49
N GLU A 1127 -11.19 -35.87 38.18
CA GLU A 1127 -10.09 -35.72 37.25
C GLU A 1127 -9.77 -34.25 37.06
N LEU A 1128 -8.53 -33.98 36.67
CA LEU A 1128 -7.98 -32.63 36.66
C LEU A 1128 -7.76 -32.15 35.23
N ALA A 1129 -7.41 -30.87 35.13
CA ALA A 1129 -7.05 -30.26 33.86
C ALA A 1129 -5.54 -30.09 33.80
N ASP A 1130 -4.92 -30.67 32.79
CA ASP A 1130 -3.48 -30.72 32.69
C ASP A 1130 -2.94 -29.50 31.94
N HIS A 1131 -1.69 -29.58 31.49
CA HIS A 1131 -1.07 -28.54 30.68
C HIS A 1131 -1.87 -28.24 29.42
N TRP A 1132 -2.21 -29.28 28.66
CA TRP A 1132 -2.77 -29.05 27.34
C TRP A 1132 -4.26 -28.73 27.39
N SER A 1133 -4.94 -29.10 28.46
CA SER A 1133 -6.34 -28.72 28.62
C SER A 1133 -6.49 -27.29 29.08
N TRP A 1134 -5.42 -26.68 29.59
CA TRP A 1134 -5.41 -25.28 29.98
C TRP A 1134 -4.91 -24.39 28.85
N GLY A 1135 -3.95 -24.86 28.05
CA GLY A 1135 -3.43 -24.06 26.97
C GLY A 1135 -4.38 -23.95 25.78
N VAL A 1136 -5.42 -24.79 25.74
CA VAL A 1136 -6.50 -24.59 24.79
C VAL A 1136 -7.39 -23.45 25.23
N THR A 1137 -7.57 -23.28 26.55
CA THR A 1137 -8.34 -22.16 27.07
C THR A 1137 -7.59 -20.84 26.87
N VAL A 1138 -6.26 -20.90 26.91
CA VAL A 1138 -5.46 -19.71 26.62
C VAL A 1138 -5.54 -19.37 25.13
N TYR A 1139 -5.57 -20.39 24.28
CA TYR A 1139 -5.59 -20.16 22.84
C TYR A 1139 -6.94 -19.65 22.38
N THR A 1140 -8.01 -20.25 22.88
CA THR A 1140 -9.36 -19.88 22.42
C THR A 1140 -9.75 -18.50 22.90
N THR A 1141 -9.40 -18.16 24.14
CA THR A 1141 -9.71 -16.83 24.66
C THR A 1141 -8.89 -15.76 23.96
N SER A 1142 -7.70 -16.11 23.49
CA SER A 1142 -6.89 -15.16 22.73
C SER A 1142 -7.33 -15.08 21.27
N VAL A 1143 -8.32 -15.89 20.87
CA VAL A 1143 -8.90 -15.76 19.53
C VAL A 1143 -10.12 -14.85 19.58
N ILE A 1144 -10.95 -15.00 20.61
CA ILE A 1144 -12.15 -14.18 20.74
C ILE A 1144 -11.80 -12.73 21.05
N ILE A 1145 -10.61 -12.49 21.59
CA ILE A 1145 -10.20 -11.13 21.87
C ILE A 1145 -9.71 -10.45 20.59
N VAL A 1146 -8.85 -11.12 19.83
CA VAL A 1146 -8.29 -10.50 18.62
C VAL A 1146 -9.32 -10.47 17.51
N LEU A 1147 -10.40 -11.26 17.62
CA LEU A 1147 -11.52 -11.11 16.72
C LEU A 1147 -12.55 -10.15 17.27
N GLY A 1148 -12.53 -9.93 18.58
CA GLY A 1148 -13.40 -8.91 19.16
C GLY A 1148 -12.81 -7.53 19.01
N LYS A 1149 -11.48 -7.44 18.90
CA LYS A 1149 -10.85 -6.16 18.63
C LYS A 1149 -11.12 -5.71 17.20
N ALA A 1150 -11.13 -6.66 16.25
CA ALA A 1150 -11.40 -6.32 14.87
C ALA A 1150 -12.83 -5.86 14.66
N ALA A 1151 -13.76 -6.38 15.45
CA ALA A 1151 -15.16 -5.97 15.33
C ALA A 1151 -15.43 -4.59 15.90
N LEU A 1152 -14.49 -4.01 16.64
CA LEU A 1152 -14.58 -2.62 17.05
C LEU A 1152 -13.86 -1.70 16.08
N VAL A 1153 -12.85 -2.24 15.41
CA VAL A 1153 -12.06 -1.47 14.46
C VAL A 1153 -12.82 -1.18 13.18
N THR A 1154 -13.62 -2.13 12.69
CA THR A 1154 -14.32 -1.98 11.42
C THR A 1154 -15.41 -0.92 11.50
N ASN A 1155 -15.57 -0.20 10.40
CA ASN A 1155 -16.53 0.90 10.28
C ASN A 1155 -17.82 0.48 9.61
N GLN A 1156 -17.76 -0.46 8.68
CA GLN A 1156 -18.93 -0.94 7.96
C GLN A 1156 -18.97 -2.46 7.97
N TRP A 1157 -20.18 -3.01 8.00
CA TRP A 1157 -20.38 -4.45 8.13
C TRP A 1157 -21.10 -4.97 6.88
N THR A 1158 -20.34 -5.43 5.90
CA THR A 1158 -20.89 -6.01 4.69
C THR A 1158 -21.17 -7.50 4.95
N LYS A 1159 -21.48 -8.25 3.89
CA LYS A 1159 -21.58 -9.70 4.02
C LYS A 1159 -20.21 -10.35 4.04
N PHE A 1160 -19.17 -9.65 3.58
CA PHE A 1160 -17.81 -10.19 3.62
C PHE A 1160 -17.16 -9.99 4.98
N THR A 1161 -17.69 -9.07 5.78
CA THR A 1161 -17.20 -8.91 7.15
C THR A 1161 -17.84 -9.96 8.05
N LEU A 1162 -19.09 -10.32 7.77
CA LEU A 1162 -19.84 -11.22 8.63
C LEU A 1162 -19.37 -12.67 8.47
N ILE A 1163 -18.56 -12.96 7.45
CA ILE A 1163 -17.93 -14.27 7.32
C ILE A 1163 -16.46 -14.26 7.73
N ALA A 1164 -15.89 -13.09 8.03
CA ALA A 1164 -14.48 -13.05 8.39
C ALA A 1164 -14.28 -12.92 9.89
N ILE A 1165 -14.98 -11.98 10.52
CA ILE A 1165 -14.83 -11.81 11.97
C ILE A 1165 -15.64 -12.85 12.76
N PRO A 1166 -16.96 -13.05 12.56
CA PRO A 1166 -17.61 -14.14 13.32
C PRO A 1166 -17.54 -15.48 12.61
N GLY A 1167 -16.96 -15.53 11.41
CA GLY A 1167 -16.83 -16.79 10.72
C GLY A 1167 -15.46 -17.41 10.86
N SER A 1168 -14.53 -16.71 11.51
CA SER A 1168 -13.27 -17.32 11.88
C SER A 1168 -13.36 -17.91 13.28
N LEU A 1169 -14.21 -17.32 14.13
CA LEU A 1169 -14.45 -17.88 15.45
C LEU A 1169 -15.25 -19.17 15.34
N LEU A 1170 -16.30 -19.15 14.52
CA LEU A 1170 -17.10 -20.35 14.29
C LEU A 1170 -16.31 -21.39 13.51
N PHE A 1171 -15.30 -20.97 12.75
CA PHE A 1171 -14.39 -21.92 12.13
C PHE A 1171 -13.58 -22.67 13.17
N TRP A 1172 -13.03 -21.97 14.16
CA TRP A 1172 -12.17 -22.63 15.15
C TRP A 1172 -12.97 -23.51 16.11
N LEU A 1173 -14.18 -23.10 16.47
CA LEU A 1173 -15.01 -23.88 17.38
C LEU A 1173 -15.50 -25.18 16.78
N ILE A 1174 -15.45 -25.32 15.46
CA ILE A 1174 -15.78 -26.59 14.82
C ILE A 1174 -14.52 -27.31 14.31
N PHE A 1175 -13.43 -26.58 14.05
CA PHE A 1175 -12.21 -27.23 13.61
C PHE A 1175 -11.58 -28.05 14.72
N PHE A 1176 -11.71 -27.60 15.97
CA PHE A 1176 -10.97 -28.24 17.06
C PHE A 1176 -11.53 -29.60 17.49
N PRO A 1177 -12.85 -29.83 17.63
CA PRO A 1177 -13.29 -31.21 17.89
C PRO A 1177 -13.18 -32.14 16.69
N ILE A 1178 -12.88 -31.62 15.50
CA ILE A 1178 -12.59 -32.46 14.35
C ILE A 1178 -11.10 -32.76 14.25
N TYR A 1179 -10.26 -31.76 14.52
CA TYR A 1179 -8.82 -31.94 14.41
C TYR A 1179 -8.29 -32.83 15.52
N ALA A 1180 -8.72 -32.59 16.74
CA ALA A 1180 -8.11 -33.27 17.88
C ALA A 1180 -8.68 -34.66 18.09
N SER A 1181 -9.72 -35.03 17.36
CA SER A 1181 -10.31 -36.36 17.45
C SER A 1181 -9.89 -37.27 16.30
N ILE A 1182 -9.26 -36.73 15.27
CA ILE A 1182 -8.91 -37.49 14.08
C ILE A 1182 -7.40 -37.55 13.94
N PHE A 1183 -6.73 -36.42 14.17
CA PHE A 1183 -5.29 -36.32 13.94
C PHE A 1183 -4.39 -36.97 15.00
N PRO A 1184 -4.70 -36.95 16.32
CA PRO A 1184 -3.91 -37.78 17.24
C PRO A 1184 -3.88 -39.26 16.93
N HIS A 1185 -4.91 -39.82 16.29
CA HIS A 1185 -4.86 -41.21 15.89
C HIS A 1185 -3.87 -41.44 14.76
N ALA A 1186 -3.51 -40.39 14.02
CA ALA A 1186 -2.51 -40.49 12.96
C ALA A 1186 -1.14 -40.00 13.40
N ASN A 1187 -0.85 -40.06 14.71
CA ASN A 1187 0.44 -39.69 15.30
C ASN A 1187 0.83 -38.25 15.00
N ILE A 1188 -0.17 -37.37 14.91
CA ILE A 1188 0.02 -35.96 14.64
C ILE A 1188 -0.65 -35.18 15.76
N SER A 1189 0.14 -34.38 16.48
CA SER A 1189 -0.29 -33.63 17.66
C SER A 1189 -0.92 -34.55 18.70
N ARG A 1190 -0.09 -35.44 19.24
CA ARG A 1190 -0.57 -36.49 20.15
C ARG A 1190 -0.92 -35.96 21.53
N GLU A 1191 -0.76 -34.66 21.79
CA GLU A 1191 -1.08 -34.09 23.08
C GLU A 1191 -2.59 -34.01 23.33
N TYR A 1192 -3.37 -34.11 22.26
CA TYR A 1192 -4.80 -33.81 22.29
C TYR A 1192 -5.68 -35.03 22.48
N TYR A 1193 -5.24 -36.01 23.27
CA TYR A 1193 -5.98 -37.27 23.39
C TYR A 1193 -7.28 -37.11 24.17
N GLY A 1194 -7.23 -36.42 25.30
CA GLY A 1194 -8.43 -36.27 26.08
C GLY A 1194 -8.80 -34.83 26.29
N VAL A 1195 -8.26 -33.96 25.43
CA VAL A 1195 -8.41 -32.51 25.63
C VAL A 1195 -9.83 -32.05 25.32
N VAL A 1196 -10.47 -32.64 24.29
CA VAL A 1196 -11.81 -32.23 23.91
C VAL A 1196 -12.84 -32.60 24.97
N LYS A 1197 -12.67 -33.74 25.65
CA LYS A 1197 -13.55 -34.06 26.77
C LYS A 1197 -13.32 -33.15 27.96
N HIS A 1198 -12.09 -32.67 28.15
CA HIS A 1198 -11.75 -31.89 29.32
C HIS A 1198 -11.67 -30.40 29.06
N THR A 1199 -11.79 -29.97 27.80
CA THR A 1199 -12.09 -28.56 27.56
C THR A 1199 -13.55 -28.39 27.22
N TYR A 1200 -14.01 -28.99 26.12
CA TYR A 1200 -15.37 -28.74 25.64
C TYR A 1200 -16.42 -29.38 26.53
N GLY A 1201 -16.07 -30.47 27.23
CA GLY A 1201 -17.01 -31.07 28.15
C GLY A 1201 -17.04 -30.43 29.51
N SER A 1202 -16.12 -29.53 29.80
CA SER A 1202 -16.05 -28.84 31.07
C SER A 1202 -16.91 -27.58 31.04
N GLY A 1203 -17.52 -27.28 32.19
CA GLY A 1203 -18.32 -26.08 32.30
C GLY A 1203 -17.50 -24.83 32.55
N VAL A 1204 -16.22 -24.99 32.89
CA VAL A 1204 -15.41 -23.83 33.23
C VAL A 1204 -14.77 -23.25 31.97
N PHE A 1205 -14.80 -24.00 30.87
CA PHE A 1205 -14.26 -23.50 29.61
C PHE A 1205 -15.20 -22.50 28.98
N TRP A 1206 -16.50 -22.79 29.03
CA TRP A 1206 -17.52 -21.91 28.48
C TRP A 1206 -17.83 -20.73 29.38
N LEU A 1207 -17.21 -20.64 30.55
CA LEU A 1207 -17.32 -19.48 31.43
C LEU A 1207 -16.08 -18.61 31.37
N THR A 1208 -14.91 -19.22 31.11
CA THR A 1208 -13.71 -18.45 30.85
C THR A 1208 -13.78 -17.78 29.48
N LEU A 1209 -14.55 -18.37 28.57
CA LEU A 1209 -14.66 -17.79 27.23
C LEU A 1209 -15.63 -16.63 27.20
N ILE A 1210 -16.44 -16.45 28.24
CA ILE A 1210 -17.40 -15.34 28.25
C ILE A 1210 -16.79 -14.12 28.92
N VAL A 1211 -16.34 -14.26 30.17
CA VAL A 1211 -16.02 -13.08 30.97
C VAL A 1211 -14.64 -12.53 30.61
N LEU A 1212 -13.71 -13.39 30.23
CA LEU A 1212 -12.33 -12.97 30.04
C LEU A 1212 -12.11 -12.17 28.75
N PRO A 1213 -12.84 -12.41 27.64
CA PRO A 1213 -12.81 -11.41 26.56
C PRO A 1213 -13.43 -10.08 26.94
N ILE A 1214 -14.56 -10.09 27.66
CA ILE A 1214 -15.26 -8.84 28.00
C ILE A 1214 -14.45 -8.04 29.02
N PHE A 1215 -13.65 -8.72 29.83
CA PHE A 1215 -12.70 -8.02 30.69
C PHE A 1215 -11.67 -7.25 29.88
N ALA A 1216 -11.19 -7.84 28.78
CA ALA A 1216 -10.08 -7.23 28.06
C ALA A 1216 -10.55 -6.22 27.02
N LEU A 1217 -11.80 -6.33 26.58
CA LEU A 1217 -12.34 -5.43 25.58
C LEU A 1217 -13.26 -4.37 26.16
N VAL A 1218 -13.21 -4.14 27.47
CA VAL A 1218 -14.05 -3.09 28.05
C VAL A 1218 -13.31 -1.76 28.04
N ARG A 1219 -11.99 -1.81 27.89
CA ARG A 1219 -11.24 -0.56 27.78
C ARG A 1219 -11.25 -0.05 26.34
N ASP A 1220 -11.24 -0.96 25.37
CA ASP A 1220 -11.31 -0.55 23.97
C ASP A 1220 -12.70 -0.07 23.60
N PHE A 1221 -13.71 -0.53 24.32
CA PHE A 1221 -15.09 -0.15 24.00
C PHE A 1221 -15.45 1.16 24.66
N LEU A 1222 -14.94 1.41 25.86
CA LEU A 1222 -15.31 2.62 26.58
C LEU A 1222 -14.48 3.82 26.13
N TRP A 1223 -13.33 3.56 25.50
CA TRP A 1223 -12.59 4.67 24.91
C TRP A 1223 -13.13 5.01 23.54
N LYS A 1224 -13.71 4.04 22.84
CA LYS A 1224 -14.32 4.32 21.54
C LYS A 1224 -15.57 5.17 21.70
N TYR A 1225 -16.27 5.04 22.83
CA TYR A 1225 -17.42 5.90 23.09
C TYR A 1225 -16.98 7.28 23.53
N TYR A 1226 -15.90 7.37 24.31
CA TYR A 1226 -15.48 8.66 24.83
C TYR A 1226 -14.74 9.47 23.77
N LYS A 1227 -14.08 8.80 22.83
CA LYS A 1227 -13.37 9.53 21.79
C LYS A 1227 -14.32 10.19 20.82
N ARG A 1228 -15.40 9.52 20.43
CA ARG A 1228 -16.25 10.11 19.41
C ARG A 1228 -17.26 11.09 19.99
N MET A 1229 -17.47 11.08 21.31
CA MET A 1229 -18.52 11.91 21.87
C MET A 1229 -17.97 13.19 22.48
N TYR A 1230 -16.90 13.09 23.25
CA TYR A 1230 -16.40 14.23 24.02
C TYR A 1230 -15.02 14.68 23.58
N GLU A 1231 -14.40 14.03 22.60
CA GLU A 1231 -13.12 14.49 22.09
C GLU A 1231 -12.90 14.11 20.63
N PRO A 1232 -13.77 14.49 19.71
CA PRO A 1232 -13.73 13.89 18.38
C PRO A 1232 -12.71 14.54 17.46
N GLU A 1233 -12.25 13.76 16.49
CA GLU A 1233 -11.44 14.27 15.40
C GLU A 1233 -12.36 14.86 14.34
N THR A 1234 -11.79 15.31 13.23
CA THR A 1234 -12.63 15.97 12.23
C THR A 1234 -13.36 14.96 11.35
N TYR A 1235 -12.86 13.74 11.25
CA TYR A 1235 -13.59 12.74 10.47
C TYR A 1235 -14.64 12.01 11.28
N HIS A 1236 -14.62 12.13 12.61
CA HIS A 1236 -15.65 11.50 13.43
C HIS A 1236 -16.99 12.22 13.28
N VAL A 1237 -16.95 13.48 12.87
CA VAL A 1237 -18.18 14.24 12.65
C VAL A 1237 -18.74 13.91 11.27
N ILE A 1238 -17.86 13.73 10.28
CA ILE A 1238 -18.30 13.37 8.92
C ILE A 1238 -18.87 11.96 8.90
N GLN A 1239 -18.36 11.08 9.76
CA GLN A 1239 -18.96 9.75 9.90
C GLN A 1239 -20.33 9.83 10.55
N GLU A 1240 -20.55 10.82 11.41
CA GLU A 1240 -21.87 11.00 12.01
C GLU A 1240 -22.83 11.65 11.03
N MET A 1241 -22.31 12.49 10.14
CA MET A 1241 -23.13 13.01 9.03
C MET A 1241 -23.54 11.88 8.10
N GLN A 1242 -22.64 10.93 7.90
CA GLN A 1242 -22.91 9.80 7.01
C GLN A 1242 -23.98 8.88 7.57
N LYS A 1243 -24.03 8.73 8.88
CA LYS A 1243 -24.95 7.81 9.52
C LYS A 1243 -26.35 8.38 9.68
N TYR A 1244 -26.47 9.67 9.98
CA TYR A 1244 -27.75 10.24 10.38
C TYR A 1244 -28.39 11.18 9.37
N ASN A 1245 -27.70 11.54 8.30
CA ASN A 1245 -28.31 12.39 7.27
C ASN A 1245 -28.62 11.59 6.02
N THR B 19 -18.14 -1.71 -25.42
CA THR B 19 -17.78 -1.86 -24.02
C THR B 19 -17.07 -3.19 -23.79
N SER B 20 -16.00 -3.44 -24.56
CA SER B 20 -15.27 -4.69 -24.43
C SER B 20 -14.39 -4.70 -23.20
N LYS B 21 -13.66 -3.61 -22.97
CA LYS B 21 -12.75 -3.50 -21.84
C LYS B 21 -13.38 -2.81 -20.64
N LYS B 22 -14.66 -2.53 -20.69
CA LYS B 22 -15.33 -1.84 -19.59
C LYS B 22 -15.55 -2.80 -18.42
N PRO B 23 -15.21 -2.40 -17.20
CA PRO B 23 -15.41 -3.28 -16.03
C PRO B 23 -16.88 -3.46 -15.72
N PRO B 24 -17.26 -4.55 -15.06
CA PRO B 24 -18.69 -4.81 -14.83
C PRO B 24 -19.29 -3.87 -13.80
N ASN B 25 -20.59 -3.61 -13.98
CA ASN B 25 -21.35 -2.75 -13.09
C ASN B 25 -22.12 -3.65 -12.12
N THR B 26 -21.39 -4.23 -11.17
CA THR B 26 -21.98 -5.01 -10.11
C THR B 26 -21.66 -4.34 -8.79
N ALA B 27 -22.38 -4.75 -7.74
CA ALA B 27 -22.22 -4.13 -6.43
C ALA B 27 -20.85 -4.46 -5.81
N PHE B 28 -20.28 -5.60 -6.18
CA PHE B 28 -18.98 -5.97 -5.63
C PHE B 28 -17.85 -5.19 -6.29
N ARG B 29 -17.87 -5.10 -7.62
CA ARG B 29 -16.77 -4.47 -8.33
C ARG B 29 -16.78 -2.95 -8.19
N GLN B 30 -17.95 -2.36 -7.98
CA GLN B 30 -18.07 -0.92 -7.86
C GLN B 30 -17.96 -0.45 -6.41
N GLN B 31 -17.64 -1.36 -5.48
CA GLN B 31 -17.37 -1.06 -4.07
C GLN B 31 -18.56 -0.40 -3.38
N ARG B 32 -19.77 -0.71 -3.83
CA ARG B 32 -21.00 -0.26 -3.18
C ARG B 32 -21.78 -1.51 -2.77
N LEU B 33 -21.43 -2.05 -1.61
CA LEU B 33 -22.09 -3.22 -1.06
C LEU B 33 -23.04 -2.80 0.03
N LYS B 34 -24.04 -3.63 0.28
CA LYS B 34 -25.04 -3.33 1.31
C LYS B 34 -24.40 -3.49 2.68
N ALA B 35 -24.09 -2.36 3.31
CA ALA B 35 -23.36 -2.36 4.58
C ALA B 35 -24.18 -1.65 5.65
N TRP B 36 -23.90 -2.04 6.89
CA TRP B 36 -24.49 -1.41 8.06
C TRP B 36 -23.38 -0.72 8.84
N GLN B 37 -23.64 0.50 9.26
CA GLN B 37 -22.62 1.30 9.95
C GLN B 37 -22.97 1.46 11.42
N PRO B 38 -22.21 0.85 12.33
CA PRO B 38 -22.48 1.03 13.76
C PRO B 38 -21.99 2.37 14.25
N ILE B 39 -22.74 2.92 15.20
CA ILE B 39 -22.35 4.17 15.87
C ILE B 39 -22.44 3.92 17.37
N LEU B 40 -21.59 4.60 18.13
CA LEU B 40 -21.57 4.45 19.59
C LEU B 40 -22.34 5.60 20.22
N SER B 41 -23.62 5.62 19.95
CA SER B 41 -24.53 6.59 20.53
C SER B 41 -24.75 6.28 22.00
N PRO B 42 -25.16 7.27 22.80
CA PRO B 42 -25.59 6.96 24.17
C PRO B 42 -26.88 6.17 24.25
N GLN B 43 -27.64 6.07 23.15
CA GLN B 43 -28.82 5.22 23.15
C GLN B 43 -28.45 3.75 22.99
N SER B 44 -27.21 3.46 22.62
CA SER B 44 -26.74 2.10 22.40
C SER B 44 -25.72 1.64 23.43
N VAL B 45 -24.71 2.46 23.72
CA VAL B 45 -23.66 2.09 24.67
C VAL B 45 -24.19 2.04 26.10
N LEU B 46 -24.97 3.02 26.54
CA LEU B 46 -25.46 3.05 27.91
C LEU B 46 -26.51 1.98 28.24
N PRO B 47 -27.43 1.57 27.36
CA PRO B 47 -28.23 0.38 27.72
C PRO B 47 -27.47 -0.92 27.61
N LEU B 48 -26.28 -0.92 27.02
CA LEU B 48 -25.48 -2.14 27.00
C LEU B 48 -24.82 -2.38 28.35
N LEU B 49 -24.28 -1.32 28.95
CA LEU B 49 -23.55 -1.46 30.21
C LEU B 49 -24.49 -1.76 31.37
N ILE B 50 -25.73 -1.29 31.30
CA ILE B 50 -26.69 -1.62 32.34
C ILE B 50 -27.17 -3.06 32.18
N PHE B 51 -27.23 -3.53 30.93
CA PHE B 51 -27.68 -4.90 30.70
C PHE B 51 -26.59 -5.91 31.03
N VAL B 52 -25.32 -5.55 30.79
CA VAL B 52 -24.20 -6.42 31.14
C VAL B 52 -24.07 -6.54 32.66
N ALA B 53 -24.30 -5.45 33.38
CA ALA B 53 -24.17 -5.48 34.84
C ALA B 53 -25.30 -6.29 35.47
N CYS B 54 -26.47 -6.31 34.84
CA CYS B 54 -27.60 -7.04 35.40
C CYS B 54 -27.65 -8.49 34.96
N ILE B 55 -26.65 -8.99 34.24
CA ILE B 55 -26.54 -10.41 33.96
C ILE B 55 -25.22 -10.99 34.43
N PHE B 56 -24.21 -10.15 34.69
CA PHE B 56 -22.95 -10.64 35.24
C PHE B 56 -22.93 -10.64 36.76
N THR B 57 -23.92 -10.01 37.41
CA THR B 57 -24.10 -10.19 38.85
C THR B 57 -24.84 -11.47 39.28
N PRO B 58 -25.88 -11.98 38.59
CA PRO B 58 -26.39 -13.30 39.03
C PRO B 58 -25.44 -14.44 38.74
N ILE B 59 -24.58 -14.30 37.74
CA ILE B 59 -23.54 -15.31 37.51
C ILE B 59 -22.38 -15.09 38.47
N GLY B 60 -22.14 -13.85 38.87
CA GLY B 60 -21.04 -13.58 39.78
C GLY B 60 -21.33 -14.05 41.20
N ILE B 61 -22.55 -13.83 41.68
CA ILE B 61 -22.93 -14.34 42.99
C ILE B 61 -23.20 -15.84 42.91
N GLY B 62 -23.63 -16.32 41.73
CA GLY B 62 -23.88 -17.73 41.58
C GLY B 62 -22.62 -18.57 41.56
N LEU B 63 -21.50 -17.98 41.14
CA LEU B 63 -20.24 -18.73 41.09
C LEU B 63 -19.39 -18.48 42.32
N ILE B 64 -19.79 -17.56 43.20
CA ILE B 64 -19.11 -17.41 44.48
C ILE B 64 -19.78 -18.28 45.53
N VAL B 65 -21.10 -18.44 45.46
CA VAL B 65 -21.82 -19.35 46.33
C VAL B 65 -21.40 -20.80 46.06
N SER B 66 -21.15 -21.15 44.80
CA SER B 66 -20.73 -22.51 44.48
C SER B 66 -19.29 -22.77 44.92
N ALA B 67 -18.47 -21.73 44.95
CA ALA B 67 -17.11 -21.88 45.46
C ALA B 67 -17.04 -21.73 46.96
N THR B 68 -18.09 -21.20 47.59
CA THR B 68 -18.16 -21.16 49.06
C THR B 68 -18.67 -22.49 49.60
N LYS B 69 -19.60 -23.13 48.87
CA LYS B 69 -20.20 -24.40 49.23
C LYS B 69 -19.20 -25.56 49.26
N VAL B 70 -18.03 -25.43 48.65
CA VAL B 70 -16.98 -26.44 48.73
C VAL B 70 -16.35 -26.40 50.11
N GLN B 71 -16.29 -27.56 50.76
CA GLN B 71 -15.67 -27.70 52.07
C GLN B 71 -14.55 -28.72 52.00
N ASP B 72 -13.38 -28.37 52.53
CA ASP B 72 -12.20 -29.20 52.36
C ASP B 72 -11.35 -29.15 53.63
N LEU B 73 -10.15 -29.71 53.51
CA LEU B 73 -9.18 -29.82 54.61
C LEU B 73 -7.82 -30.08 54.01
N THR B 74 -6.82 -29.30 54.41
CA THR B 74 -5.47 -29.41 53.87
C THR B 74 -4.48 -29.49 55.02
N ILE B 75 -3.64 -30.52 55.02
CA ILE B 75 -2.62 -30.70 56.04
C ILE B 75 -1.28 -30.78 55.33
N ASP B 76 -0.42 -29.80 55.58
CA ASP B 76 0.93 -29.84 55.04
C ASP B 76 1.77 -30.78 55.90
N TYR B 77 1.91 -32.03 55.49
CA TYR B 77 2.64 -33.02 56.27
C TYR B 77 4.13 -33.06 55.95
N SER B 78 4.64 -32.10 55.17
CA SER B 78 6.08 -31.92 55.13
C SER B 78 6.54 -31.39 56.48
N HIS B 79 7.80 -31.69 56.82
CA HIS B 79 8.35 -31.59 58.18
C HIS B 79 7.51 -32.37 59.19
N CYS B 80 7.09 -33.57 58.83
CA CYS B 80 6.66 -34.55 59.82
C CYS B 80 7.83 -35.38 60.30
N ASP B 81 8.92 -35.38 59.52
CA ASP B 81 10.10 -36.17 59.83
C ASP B 81 10.77 -35.69 61.12
N THR B 82 10.77 -34.39 61.36
CA THR B 82 11.49 -33.81 62.48
C THR B 82 10.60 -33.17 63.53
N LYS B 83 9.45 -32.60 63.13
CA LYS B 83 8.64 -31.82 64.07
C LYS B 83 7.71 -32.71 64.88
N ALA B 84 7.29 -33.83 64.32
CA ALA B 84 6.27 -34.64 64.97
C ALA B 84 6.84 -35.42 66.16
N SER B 85 5.94 -35.95 66.97
CA SER B 85 6.29 -36.71 68.16
C SER B 85 6.10 -38.20 67.89
N THR B 86 7.05 -39.01 68.37
CA THR B 86 6.98 -40.44 68.09
C THR B 86 6.02 -41.16 69.03
N THR B 87 5.94 -40.70 70.29
CA THR B 87 5.22 -41.49 71.30
C THR B 87 3.73 -41.17 71.33
N ALA B 88 3.35 -39.90 71.24
CA ALA B 88 1.96 -39.52 71.42
C ALA B 88 1.53 -38.52 70.35
N PHE B 89 0.22 -38.46 70.14
CA PHE B 89 -0.34 -37.49 69.20
C PHE B 89 -0.24 -36.09 69.78
N GLU B 90 0.56 -35.24 69.14
CA GLU B 90 0.68 -33.85 69.53
C GLU B 90 0.10 -32.97 68.44
N ASP B 91 -0.13 -31.70 68.79
CA ASP B 91 -0.91 -30.83 67.93
C ASP B 91 -0.06 -30.31 66.77
N ILE B 92 -0.67 -30.26 65.59
CA ILE B 92 -0.04 -29.68 64.41
C ILE B 92 -0.11 -28.16 64.52
N PRO B 93 0.97 -27.43 64.16
CA PRO B 93 0.93 -25.95 64.16
C PRO B 93 -0.16 -25.30 63.32
N LYS B 94 -0.34 -24.00 63.53
CA LYS B 94 -1.41 -23.25 62.88
C LYS B 94 -1.17 -23.06 61.40
N LYS B 95 0.08 -22.98 60.96
CA LYS B 95 0.36 -22.67 59.56
C LYS B 95 0.17 -23.86 58.65
N TYR B 96 0.24 -25.07 59.17
CA TYR B 96 0.13 -26.25 58.32
C TYR B 96 -1.31 -26.62 58.03
N ILE B 97 -2.23 -26.21 58.86
CA ILE B 97 -3.64 -26.57 58.67
C ILE B 97 -4.36 -25.45 57.96
N LYS B 98 -5.13 -25.82 56.94
CA LYS B 98 -6.10 -24.94 56.31
C LYS B 98 -7.37 -25.74 56.07
N TYR B 99 -8.45 -25.36 56.73
CA TYR B 99 -9.69 -26.11 56.67
C TYR B 99 -10.84 -25.16 56.42
N HIS B 100 -11.83 -25.62 55.68
CA HIS B 100 -13.06 -24.87 55.44
C HIS B 100 -14.21 -25.85 55.65
N PHE B 101 -15.09 -25.55 56.58
CA PHE B 101 -16.21 -26.41 56.90
C PHE B 101 -17.46 -25.59 57.15
N LYS B 102 -18.61 -26.24 57.07
CA LYS B 102 -19.87 -25.58 57.39
C LYS B 102 -20.03 -25.33 58.88
N SER B 103 -19.30 -26.06 59.71
CA SER B 103 -19.32 -25.91 61.16
C SER B 103 -17.94 -25.49 61.63
N LYS B 104 -17.79 -25.37 62.95
CA LYS B 104 -16.50 -25.09 63.58
C LYS B 104 -15.88 -26.39 64.06
N VAL B 105 -14.56 -26.44 64.08
CA VAL B 105 -13.87 -27.61 64.62
C VAL B 105 -13.61 -27.35 66.11
N GLU B 106 -13.66 -28.42 66.90
CA GLU B 106 -13.34 -28.27 68.31
C GLU B 106 -11.91 -28.71 68.61
N ASN B 107 -11.53 -29.88 68.12
CA ASN B 107 -10.18 -30.41 68.30
C ASN B 107 -9.41 -30.16 67.01
N LYS B 108 -8.35 -29.36 67.11
CA LYS B 108 -7.49 -29.09 65.98
C LYS B 108 -6.68 -30.35 65.64
N PRO B 109 -6.26 -30.51 64.38
CA PRO B 109 -5.62 -31.77 63.94
C PRO B 109 -4.27 -32.06 64.60
N GLN B 110 -3.97 -33.34 64.74
CA GLN B 110 -2.79 -33.85 65.43
C GLN B 110 -2.04 -34.82 64.53
N TRP B 111 -0.70 -34.81 64.60
CA TRP B 111 0.07 -35.85 63.94
C TRP B 111 0.75 -36.78 64.93
N ARG B 112 1.49 -37.75 64.39
CA ARG B 112 2.40 -38.65 65.08
C ARG B 112 3.28 -39.31 64.05
N LEU B 113 4.54 -39.54 64.42
CA LEU B 113 5.47 -40.29 63.60
C LEU B 113 5.47 -41.74 64.08
N THR B 114 5.46 -42.68 63.16
CA THR B 114 5.45 -44.09 63.47
C THR B 114 6.46 -44.83 62.61
N GLU B 115 7.41 -45.50 63.26
CA GLU B 115 8.49 -46.16 62.56
C GLU B 115 8.30 -47.67 62.60
N ASN B 116 8.61 -48.31 61.48
CA ASN B 116 8.51 -49.75 61.34
C ASN B 116 9.89 -50.39 61.49
N GLU B 117 9.97 -51.68 61.13
CA GLU B 117 11.12 -52.50 61.50
C GLU B 117 12.41 -52.08 60.80
N ASN B 118 12.33 -51.53 59.57
CA ASN B 118 13.54 -51.09 58.86
C ASN B 118 13.33 -49.68 58.29
N GLY B 119 13.55 -48.68 59.13
CA GLY B 119 13.78 -47.30 58.69
C GLY B 119 12.67 -46.65 57.90
N GLU B 120 11.45 -47.19 57.96
CA GLU B 120 10.34 -46.69 57.16
C GLU B 120 9.33 -46.02 58.08
N GLN B 121 9.33 -44.70 58.09
CA GLN B 121 8.44 -43.91 58.93
C GLN B 121 7.11 -43.74 58.23
N SER B 122 6.06 -43.53 59.01
CA SER B 122 4.74 -43.20 58.48
C SER B 122 4.13 -42.11 59.34
N CYS B 123 3.79 -41.00 58.71
CA CYS B 123 3.13 -39.90 59.41
C CYS B 123 1.67 -40.26 59.63
N GLU B 124 1.19 -40.05 60.85
CA GLU B 124 -0.17 -40.43 61.23
C GLU B 124 -0.94 -39.16 61.57
N LEU B 125 -1.51 -38.54 60.56
CA LEU B 125 -2.36 -37.39 60.77
C LEU B 125 -3.68 -37.83 61.37
N GLN B 126 -4.19 -37.03 62.31
CA GLN B 126 -5.45 -37.35 62.99
C GLN B 126 -6.26 -36.06 63.07
N PHE B 127 -7.14 -35.88 62.09
CA PHE B 127 -7.95 -34.67 61.96
C PHE B 127 -9.36 -34.96 62.47
N GLU B 128 -10.22 -33.95 62.36
CA GLU B 128 -11.60 -34.06 62.79
C GLU B 128 -12.49 -33.46 61.70
N ILE B 129 -13.56 -34.18 61.35
CA ILE B 129 -14.53 -33.70 60.37
C ILE B 129 -15.79 -33.28 61.10
N PRO B 130 -16.07 -31.98 61.21
CA PRO B 130 -17.15 -31.52 62.09
C PRO B 130 -18.56 -31.67 61.54
N ASN B 131 -18.74 -32.21 60.34
CA ASN B 131 -20.07 -32.30 59.75
C ASN B 131 -20.08 -33.43 58.74
N ASP B 132 -21.27 -33.97 58.49
CA ASP B 132 -21.43 -34.98 57.45
C ASP B 132 -21.31 -34.34 56.08
N ILE B 133 -20.23 -34.62 55.37
CA ILE B 133 -20.03 -34.11 54.02
C ILE B 133 -20.80 -35.03 53.09
N LYS B 134 -21.98 -34.59 52.66
CA LYS B 134 -22.91 -35.48 51.95
C LYS B 134 -22.52 -35.74 50.50
N LYS B 135 -21.53 -35.03 49.98
CA LYS B 135 -21.15 -35.23 48.59
C LYS B 135 -19.92 -36.12 48.50
N SER B 136 -19.42 -36.30 47.27
CA SER B 136 -18.33 -37.22 47.02
C SER B 136 -17.01 -36.66 47.55
N ILE B 137 -16.17 -37.54 48.07
CA ILE B 137 -14.90 -37.18 48.70
C ILE B 137 -13.77 -37.58 47.77
N PHE B 138 -12.84 -36.66 47.55
CA PHE B 138 -11.65 -36.94 46.75
C PHE B 138 -10.43 -36.62 47.59
N ILE B 139 -9.36 -37.39 47.38
CA ILE B 139 -8.11 -37.24 48.12
C ILE B 139 -7.02 -36.92 47.12
N TYR B 140 -6.32 -35.82 47.34
CA TYR B 140 -5.24 -35.38 46.49
C TYR B 140 -3.95 -35.32 47.29
N TYR B 141 -2.85 -35.07 46.59
CA TYR B 141 -1.66 -34.57 47.24
C TYR B 141 -1.19 -33.33 46.50
N LYS B 142 -0.96 -32.25 47.23
CA LYS B 142 -0.56 -30.99 46.66
C LYS B 142 0.96 -30.89 46.74
N ILE B 143 1.59 -30.74 45.59
CA ILE B 143 3.03 -30.52 45.51
C ILE B 143 3.25 -29.08 45.09
N THR B 144 4.10 -28.38 45.81
CA THR B 144 4.48 -27.03 45.46
C THR B 144 5.96 -27.01 45.09
N ASN B 145 6.33 -26.03 44.25
CA ASN B 145 7.70 -25.81 43.77
C ASN B 145 8.24 -27.02 42.99
N PHE B 146 7.37 -27.77 42.32
CA PHE B 146 7.79 -28.85 41.43
C PHE B 146 7.52 -28.41 39.99
N TYR B 147 8.59 -28.33 39.20
CA TYR B 147 8.48 -27.84 37.83
C TYR B 147 8.17 -29.01 36.92
N GLN B 148 6.89 -29.42 36.97
CA GLN B 148 6.35 -30.40 36.06
C GLN B 148 6.24 -29.86 34.64
N ASN B 149 6.24 -28.54 34.47
CA ASN B 149 6.07 -27.89 33.19
C ASN B 149 7.37 -27.36 32.62
N HIS B 150 8.50 -27.89 33.07
CA HIS B 150 9.79 -27.54 32.49
C HIS B 150 9.88 -28.07 31.07
N ARG B 151 10.62 -27.37 30.21
CA ARG B 151 10.72 -27.80 28.81
C ARG B 151 11.58 -29.04 28.68
N ARG B 152 12.55 -29.23 29.57
CA ARG B 152 13.32 -30.46 29.61
C ARG B 152 12.51 -31.62 30.16
N TYR B 153 11.44 -31.34 30.91
CA TYR B 153 10.71 -32.35 31.66
C TYR B 153 9.47 -32.86 30.94
N VAL B 154 8.76 -32.00 30.21
CA VAL B 154 7.43 -32.35 29.69
C VAL B 154 7.50 -33.43 28.62
N GLN B 155 8.51 -33.42 27.77
CA GLN B 155 8.60 -34.37 26.69
C GLN B 155 9.45 -35.59 27.00
N SER B 156 10.11 -35.64 28.15
CA SER B 156 11.11 -36.68 28.44
C SER B 156 10.41 -37.98 28.85
N PHE B 157 9.85 -38.64 27.85
CA PHE B 157 9.41 -40.03 27.97
C PHE B 157 9.45 -40.65 26.58
N ASP B 158 8.93 -41.86 26.45
CA ASP B 158 8.83 -42.53 25.15
C ASP B 158 7.42 -43.07 25.01
N THR B 159 6.71 -42.62 23.98
CA THR B 159 5.29 -42.93 23.86
C THR B 159 5.02 -44.30 23.28
N LYS B 160 6.05 -45.02 22.86
CA LYS B 160 5.85 -46.38 22.34
C LYS B 160 6.00 -47.42 23.45
N GLN B 161 6.88 -47.15 24.42
CA GLN B 161 6.96 -48.00 25.61
C GLN B 161 5.70 -47.94 26.44
N ILE B 162 5.03 -46.77 26.43
CA ILE B 162 3.74 -46.63 27.08
C ILE B 162 2.69 -47.50 26.40
N LEU B 163 2.76 -47.63 25.07
CA LEU B 163 1.81 -48.43 24.33
C LEU B 163 2.03 -49.93 24.51
N GLY B 164 3.27 -50.35 24.78
CA GLY B 164 3.50 -51.71 25.21
C GLY B 164 4.44 -52.52 24.36
N GLU B 165 4.91 -51.95 23.27
CA GLU B 165 5.70 -52.72 22.32
C GLU B 165 7.17 -52.73 22.72
N PRO B 166 7.90 -53.84 22.53
CA PRO B 166 9.29 -53.91 22.98
C PRO B 166 10.26 -53.11 22.12
N ILE B 167 10.33 -51.80 22.37
CA ILE B 167 11.22 -50.96 21.59
C ILE B 167 12.66 -51.22 21.98
N LYS B 168 13.51 -51.35 20.97
CA LYS B 168 14.93 -51.63 21.17
C LYS B 168 15.66 -50.36 21.55
N LYS B 169 16.96 -50.51 21.82
CA LYS B 169 17.72 -49.45 22.47
C LYS B 169 17.98 -48.25 21.57
N ASP B 170 18.40 -48.48 20.32
CA ASP B 170 18.70 -47.34 19.47
C ASP B 170 17.48 -46.92 18.66
N ASP B 171 16.45 -47.76 18.61
CA ASP B 171 15.16 -47.37 18.08
C ASP B 171 14.30 -46.65 19.11
N LEU B 172 14.81 -46.45 20.32
CA LEU B 172 14.06 -45.78 21.37
C LEU B 172 14.16 -44.27 21.19
N ASP B 173 13.27 -43.56 21.89
CA ASP B 173 13.23 -42.10 21.80
C ASP B 173 14.50 -41.47 22.35
N THR B 174 14.76 -40.24 21.90
CA THR B 174 15.90 -39.47 22.39
C THR B 174 15.50 -38.37 23.35
N SER B 175 14.22 -38.27 23.69
CA SER B 175 13.80 -37.27 24.67
C SER B 175 14.17 -37.69 26.08
N CYS B 176 14.38 -38.99 26.30
CA CYS B 176 15.00 -39.44 27.54
C CYS B 176 16.48 -39.10 27.46
N SER B 177 16.89 -37.94 27.96
CA SER B 177 18.26 -37.56 27.67
C SER B 177 19.27 -38.26 28.60
N PRO B 178 19.16 -38.22 29.96
CA PRO B 178 20.11 -39.02 30.74
C PRO B 178 19.56 -40.36 31.24
N ILE B 179 18.27 -40.62 31.05
CA ILE B 179 17.59 -41.76 31.66
C ILE B 179 17.12 -42.67 30.53
N ARG B 180 17.91 -42.74 29.46
CA ARG B 180 17.56 -43.58 28.33
C ARG B 180 17.93 -45.04 28.58
N SER B 181 19.21 -45.32 28.78
CA SER B 181 19.67 -46.68 28.97
C SER B 181 20.73 -46.73 30.05
N ARG B 182 20.69 -47.80 30.86
CA ARG B 182 21.66 -48.03 31.92
C ARG B 182 22.34 -49.37 31.67
N GLU B 183 23.67 -49.37 31.77
CA GLU B 183 24.59 -50.50 31.48
C GLU B 183 24.20 -51.28 30.22
N ASP B 184 23.85 -50.52 29.17
CA ASP B 184 23.39 -51.04 27.87
C ASP B 184 22.17 -51.94 28.01
N LYS B 185 21.29 -51.58 28.92
CA LYS B 185 19.97 -52.21 29.04
C LYS B 185 18.91 -51.14 28.98
N ILE B 186 17.72 -51.53 28.58
CA ILE B 186 16.64 -50.58 28.31
C ILE B 186 15.90 -50.27 29.61
N ILE B 187 15.87 -49.00 29.98
CA ILE B 187 15.02 -48.57 31.09
C ILE B 187 13.58 -48.56 30.60
N TYR B 188 12.73 -49.37 31.22
CA TYR B 188 11.39 -49.54 30.64
C TYR B 188 10.49 -48.32 30.87
N PRO B 189 10.22 -47.82 32.09
CA PRO B 189 9.57 -46.50 32.12
C PRO B 189 10.65 -45.46 31.91
N CYS B 190 10.72 -44.93 30.70
CA CYS B 190 11.87 -44.15 30.29
C CYS B 190 11.68 -42.67 30.63
N GLY B 191 12.79 -41.99 30.80
CA GLY B 191 12.77 -40.54 30.87
C GLY B 191 12.76 -40.00 32.29
N LEU B 192 12.29 -38.77 32.38
CA LEU B 192 12.33 -37.99 33.61
C LEU B 192 11.02 -37.98 34.35
N ILE B 193 9.89 -38.06 33.63
CA ILE B 193 8.59 -38.02 34.29
C ILE B 193 8.34 -39.29 35.06
N ALA B 194 8.83 -40.44 34.59
CA ALA B 194 8.66 -41.68 35.31
C ALA B 194 9.72 -41.90 36.37
N ASN B 195 10.90 -41.31 36.19
CA ASN B 195 11.98 -41.50 37.16
C ASN B 195 11.69 -40.78 38.46
N SER B 196 11.00 -39.65 38.40
CA SER B 196 10.76 -38.79 39.55
C SER B 196 9.36 -38.96 40.11
N MET B 197 8.81 -40.16 40.03
CA MET B 197 7.42 -40.40 40.42
C MET B 197 7.24 -40.26 41.93
N PHE B 198 6.11 -39.69 42.32
CA PHE B 198 5.76 -39.50 43.72
C PHE B 198 5.33 -40.83 44.31
N ASN B 199 5.99 -41.27 45.38
CA ASN B 199 5.82 -42.61 45.90
C ASN B 199 5.50 -42.64 47.38
N ASP B 200 4.87 -41.60 47.91
CA ASP B 200 4.30 -41.69 49.24
C ASP B 200 2.98 -42.42 49.14
N THR B 201 2.89 -43.58 49.76
CA THR B 201 1.74 -44.45 49.60
C THR B 201 0.69 -44.06 50.63
N PHE B 202 -0.38 -43.43 50.15
CA PHE B 202 -1.50 -43.07 51.00
C PHE B 202 -2.28 -44.33 51.30
N SER B 203 -2.59 -44.56 52.58
CA SER B 203 -3.34 -45.75 52.94
C SER B 203 -4.78 -45.64 52.46
N GLN B 204 -5.32 -46.75 51.98
CA GLN B 204 -6.58 -46.75 51.23
C GLN B 204 -7.81 -46.75 52.11
N VAL B 205 -7.70 -46.36 53.37
CA VAL B 205 -8.84 -46.32 54.28
C VAL B 205 -8.65 -45.15 55.24
N LEU B 206 -9.71 -44.40 55.48
CA LEU B 206 -9.74 -43.40 56.54
C LEU B 206 -10.15 -44.13 57.80
N SER B 207 -9.17 -44.55 58.60
CA SER B 207 -9.43 -45.40 59.76
C SER B 207 -10.12 -44.61 60.86
N GLY B 208 -11.35 -45.02 61.19
CA GLY B 208 -12.12 -44.30 62.18
C GLY B 208 -11.66 -44.58 63.60
N ILE B 209 -11.59 -43.51 64.38
CA ILE B 209 -11.10 -43.55 65.75
C ILE B 209 -12.22 -43.10 66.68
N ASP B 210 -12.45 -43.88 67.75
CA ASP B 210 -13.43 -43.58 68.80
C ASP B 210 -14.87 -43.48 68.28
N ASP B 211 -15.46 -44.65 67.97
CA ASP B 211 -16.87 -44.94 67.72
C ASP B 211 -17.32 -44.56 66.31
N THR B 212 -16.48 -43.89 65.53
CA THR B 212 -16.80 -43.64 64.13
C THR B 212 -16.27 -44.81 63.30
N GLU B 213 -17.01 -45.18 62.26
CA GLU B 213 -16.64 -46.32 61.43
C GLU B 213 -15.55 -45.92 60.45
N ASP B 214 -14.87 -46.92 59.90
CA ASP B 214 -13.88 -46.66 58.88
C ASP B 214 -14.55 -46.24 57.57
N TYR B 215 -13.83 -45.44 56.79
CA TYR B 215 -14.35 -44.89 55.54
C TYR B 215 -13.43 -45.36 54.43
N ASN B 216 -13.91 -46.33 53.63
CA ASN B 216 -13.06 -46.92 52.61
C ASN B 216 -12.98 -46.03 51.37
N LEU B 217 -11.79 -45.98 50.79
CA LEU B 217 -11.50 -45.24 49.58
C LEU B 217 -11.07 -46.24 48.52
N THR B 218 -11.06 -45.80 47.26
CA THR B 218 -10.69 -46.70 46.18
C THR B 218 -9.55 -46.11 45.36
N ASN B 219 -8.89 -46.98 44.61
CA ASN B 219 -7.71 -46.66 43.83
C ASN B 219 -7.92 -46.90 42.34
N LYS B 220 -9.16 -47.10 41.91
CA LYS B 220 -9.43 -47.41 40.52
C LYS B 220 -10.18 -46.26 39.86
N HIS B 221 -9.98 -46.13 38.55
CA HIS B 221 -10.52 -45.07 37.70
C HIS B 221 -10.14 -43.69 38.24
N ILE B 222 -8.84 -43.54 38.51
CA ILE B 222 -8.28 -42.27 38.91
C ILE B 222 -7.92 -41.41 37.72
N SER B 223 -7.25 -42.00 36.74
CA SER B 223 -6.69 -41.27 35.62
C SER B 223 -7.74 -40.95 34.58
N TRP B 224 -7.28 -40.34 33.48
CA TRP B 224 -8.14 -40.07 32.35
C TRP B 224 -8.48 -41.39 31.66
N SER B 225 -9.63 -41.42 30.99
CA SER B 225 -10.06 -42.66 30.35
C SER B 225 -9.25 -42.95 29.09
N ILE B 226 -8.62 -41.93 28.51
CA ILE B 226 -7.72 -42.19 27.39
C ILE B 226 -6.36 -42.67 27.90
N ASP B 227 -6.06 -42.44 29.18
CA ASP B 227 -4.81 -42.96 29.73
C ASP B 227 -4.93 -44.42 30.12
N ARG B 228 -6.13 -44.85 30.49
CA ARG B 228 -6.36 -46.27 30.77
C ARG B 228 -6.45 -47.10 29.51
N HIS B 229 -6.55 -46.46 28.35
CA HIS B 229 -6.59 -47.18 27.08
C HIS B 229 -5.23 -47.23 26.41
N ARG B 230 -4.42 -46.18 26.55
CA ARG B 230 -3.13 -46.14 25.88
C ARG B 230 -2.07 -46.89 26.67
N PHE B 231 -2.09 -46.76 27.99
CA PHE B 231 -1.11 -47.44 28.83
C PHE B 231 -1.47 -48.92 28.86
N LYS B 232 -0.62 -49.74 28.26
CA LYS B 232 -0.87 -51.16 28.14
C LYS B 232 0.30 -51.94 28.72
N THR B 233 0.03 -53.20 29.07
CA THR B 233 1.02 -54.09 29.63
C THR B 233 2.15 -54.32 28.65
N THR B 234 3.37 -54.34 29.16
CA THR B 234 4.54 -54.37 28.29
C THR B 234 4.76 -55.75 27.70
N LYS B 235 5.67 -55.80 26.72
CA LYS B 235 5.93 -57.03 25.99
C LYS B 235 7.39 -57.45 26.00
N TYR B 236 8.27 -56.73 26.70
CA TYR B 236 9.57 -57.29 27.00
C TYR B 236 9.44 -58.39 28.04
N ASN B 237 10.29 -59.41 27.91
CA ASN B 237 10.64 -60.16 29.09
C ASN B 237 11.73 -59.41 29.85
N ALA B 238 11.87 -59.75 31.13
CA ALA B 238 12.65 -58.92 32.04
C ALA B 238 14.16 -59.06 31.84
N SER B 239 14.61 -59.91 30.92
CA SER B 239 16.04 -60.11 30.74
C SER B 239 16.69 -58.93 30.03
N ASP B 240 15.92 -58.14 29.30
CA ASP B 240 16.46 -57.01 28.56
C ASP B 240 16.40 -55.70 29.32
N ILE B 241 15.52 -55.58 30.31
CA ILE B 241 15.19 -54.28 30.86
C ILE B 241 15.76 -54.11 32.26
N VAL B 242 15.63 -52.90 32.79
CA VAL B 242 16.20 -52.50 34.07
C VAL B 242 15.34 -51.33 34.59
N PRO B 243 15.12 -51.20 35.89
CA PRO B 243 14.28 -50.10 36.41
C PRO B 243 14.97 -48.76 36.29
N PRO B 244 14.24 -47.66 36.45
CA PRO B 244 14.87 -46.32 36.50
C PRO B 244 15.74 -46.17 37.74
N PRO B 245 16.65 -45.17 37.77
CA PRO B 245 17.58 -45.06 38.92
C PRO B 245 16.91 -44.78 40.25
N ASN B 246 15.81 -44.03 40.27
CA ASN B 246 15.10 -43.78 41.50
C ASN B 246 14.03 -44.81 41.78
N TRP B 247 14.09 -45.97 41.14
CA TRP B 247 13.16 -47.06 41.41
C TRP B 247 13.86 -48.28 41.99
N MET B 248 15.17 -48.16 42.27
CA MET B 248 15.96 -49.33 42.63
C MET B 248 15.68 -49.77 44.06
N LYS B 249 15.23 -48.84 44.92
CA LYS B 249 14.85 -49.23 46.27
C LYS B 249 13.55 -50.02 46.28
N LYS B 250 12.67 -49.78 45.30
CA LYS B 250 11.44 -50.55 45.18
C LYS B 250 11.67 -51.87 44.46
N TYR B 251 12.50 -51.87 43.43
CA TYR B 251 12.87 -53.07 42.68
C TYR B 251 14.36 -53.29 42.81
N PRO B 252 14.83 -53.93 43.88
CA PRO B 252 16.22 -54.36 43.92
C PRO B 252 16.41 -55.58 43.04
N ASP B 253 17.66 -55.81 42.64
CA ASP B 253 18.09 -56.89 41.75
C ASP B 253 17.41 -56.85 40.38
N GLY B 254 17.00 -55.66 39.93
CA GLY B 254 16.39 -55.50 38.61
C GLY B 254 15.00 -56.09 38.53
N TYR B 255 14.56 -56.29 37.30
CA TYR B 255 13.25 -56.86 37.01
C TYR B 255 13.33 -58.38 36.90
N THR B 256 12.30 -59.04 37.40
CA THR B 256 12.04 -60.43 37.10
C THR B 256 10.69 -60.52 36.40
N ASP B 257 10.27 -61.74 36.06
CA ASP B 257 9.01 -61.90 35.34
C ASP B 257 7.81 -61.65 36.23
N GLU B 258 7.94 -61.90 37.53
CA GLU B 258 6.86 -61.61 38.47
C GLU B 258 7.01 -60.25 39.11
N ASN B 259 8.17 -59.61 38.96
CA ASN B 259 8.43 -58.27 39.46
C ASN B 259 7.94 -57.19 38.51
N LEU B 260 7.41 -57.56 37.36
CA LEU B 260 7.19 -56.58 36.30
C LEU B 260 5.93 -55.76 36.58
N PRO B 261 6.01 -54.43 36.51
CA PRO B 261 4.82 -53.61 36.69
C PRO B 261 4.07 -53.40 35.38
N ASP B 262 2.82 -53.82 35.34
CA ASP B 262 1.93 -53.43 34.25
C ASP B 262 1.49 -52.00 34.50
N ILE B 263 1.65 -51.15 33.50
CA ILE B 263 1.28 -49.75 33.68
C ILE B 263 -0.14 -49.55 33.17
N HIS B 264 -0.83 -50.64 32.89
CA HIS B 264 -2.22 -50.57 32.47
C HIS B 264 -3.15 -50.46 33.68
N THR B 265 -2.85 -51.21 34.73
CA THR B 265 -3.65 -51.20 35.96
C THR B 265 -3.06 -50.30 37.03
N TRP B 266 -1.89 -49.73 36.79
CA TRP B 266 -1.20 -48.88 37.75
C TRP B 266 -1.68 -47.45 37.53
N GLU B 267 -2.76 -47.08 38.22
CA GLU B 267 -3.40 -45.79 37.97
C GLU B 267 -2.57 -44.63 38.51
N GLU B 268 -1.73 -44.89 39.52
CA GLU B 268 -0.91 -43.81 40.07
C GLU B 268 0.21 -43.43 39.12
N PHE B 269 0.60 -44.34 38.24
CA PHE B 269 1.59 -44.01 37.22
C PHE B 269 0.96 -43.15 36.14
N GLN B 270 -0.28 -43.42 35.79
CA GLN B 270 -0.94 -42.68 34.71
C GLN B 270 -1.30 -41.26 35.17
N VAL B 271 -1.58 -41.10 36.45
CA VAL B 271 -1.91 -39.78 36.98
C VAL B 271 -0.68 -38.89 37.06
N TRP B 272 0.45 -39.45 37.49
CA TRP B 272 1.68 -38.68 37.57
C TRP B 272 2.24 -38.35 36.19
N MET B 273 2.08 -39.22 35.21
CA MET B 273 2.64 -38.96 33.88
C MET B 273 1.85 -37.94 33.10
N ARG B 274 0.62 -37.64 33.50
CA ARG B 274 -0.17 -36.55 32.92
C ARG B 274 0.30 -35.26 33.59
N THR B 275 1.28 -34.61 32.95
CA THR B 275 1.98 -33.49 33.56
C THR B 275 1.08 -32.27 33.68
N ALA B 276 1.35 -31.47 34.71
CA ALA B 276 0.51 -30.34 35.07
C ALA B 276 1.07 -29.04 34.49
N ALA B 277 0.26 -27.98 34.60
CA ALA B 277 0.59 -26.71 33.96
C ALA B 277 1.44 -25.82 34.85
N PHE B 278 1.29 -25.94 36.17
CA PHE B 278 1.81 -24.96 37.11
C PHE B 278 2.68 -25.63 38.17
N PRO B 279 3.53 -24.88 38.88
CA PRO B 279 4.37 -25.51 39.93
C PRO B 279 3.64 -25.82 41.22
N LYS B 280 2.36 -25.52 41.34
CA LYS B 280 1.55 -25.96 42.47
C LYS B 280 0.40 -26.77 41.89
N PHE B 281 0.44 -28.08 42.06
CA PHE B 281 -0.55 -28.94 41.41
C PHE B 281 -1.10 -29.97 42.37
N TYR B 282 -2.32 -30.39 42.08
CA TYR B 282 -2.93 -31.54 42.71
C TYR B 282 -2.68 -32.77 41.84
N LYS B 283 -2.77 -33.95 42.47
CA LYS B 283 -2.83 -35.22 41.75
C LYS B 283 -3.80 -36.10 42.51
N LEU B 284 -4.81 -36.63 41.82
CA LEU B 284 -5.81 -37.45 42.50
C LEU B 284 -5.22 -38.80 42.89
N THR B 285 -5.57 -39.25 44.11
CA THR B 285 -5.04 -40.51 44.61
C THR B 285 -6.14 -41.47 45.02
N LEU B 286 -7.16 -40.97 45.71
CA LEU B 286 -8.19 -41.81 46.26
C LEU B 286 -9.51 -41.07 46.19
N LYS B 287 -10.61 -41.83 46.18
CA LYS B 287 -11.93 -41.25 46.19
C LYS B 287 -12.94 -42.28 46.66
N ASN B 288 -14.06 -41.80 47.21
CA ASN B 288 -15.27 -42.59 47.33
C ASN B 288 -16.42 -41.74 46.83
N GLU B 289 -17.20 -42.28 45.91
CA GLU B 289 -18.35 -41.60 45.35
C GLU B 289 -19.67 -42.29 45.66
N SER B 290 -19.64 -43.39 46.43
CA SER B 290 -20.85 -44.15 46.71
C SER B 290 -21.56 -43.65 47.96
N ALA B 291 -20.86 -43.51 49.08
CA ALA B 291 -21.46 -43.08 50.32
C ALA B 291 -20.72 -41.89 50.89
N SER B 292 -21.39 -41.17 51.78
CA SER B 292 -20.84 -40.01 52.45
C SER B 292 -20.15 -40.42 53.74
N LEU B 293 -19.16 -39.64 54.14
CA LEU B 293 -18.48 -39.90 55.41
C LEU B 293 -19.20 -39.15 56.52
N PRO B 294 -19.61 -39.82 57.59
CA PRO B 294 -20.20 -39.09 58.72
C PRO B 294 -19.13 -38.34 59.51
N LYS B 295 -19.61 -37.56 60.47
CA LYS B 295 -18.71 -36.74 61.27
C LYS B 295 -17.98 -37.60 62.30
N GLY B 296 -16.74 -37.22 62.59
CA GLY B 296 -15.97 -37.92 63.58
C GLY B 296 -14.49 -37.59 63.45
N LYS B 297 -13.71 -38.29 64.28
CA LYS B 297 -12.26 -38.18 64.26
C LYS B 297 -11.69 -39.30 63.40
N TYR B 298 -10.87 -38.95 62.42
CA TYR B 298 -10.34 -39.92 61.48
C TYR B 298 -8.82 -39.91 61.55
N GLN B 299 -8.22 -40.86 60.84
CA GLN B 299 -6.78 -40.99 60.77
C GLN B 299 -6.38 -41.47 59.39
N MET B 300 -5.32 -40.87 58.85
CA MET B 300 -4.77 -41.25 57.55
C MET B 300 -3.29 -41.55 57.73
N ASN B 301 -2.91 -42.80 57.52
CA ASN B 301 -1.51 -43.18 57.59
C ASN B 301 -0.83 -42.94 56.25
N ILE B 302 0.27 -42.19 56.26
CA ILE B 302 1.01 -41.84 55.06
C ILE B 302 2.46 -42.24 55.27
N GLU B 303 2.91 -43.27 54.55
CA GLU B 303 4.31 -43.64 54.64
C GLU B 303 5.16 -42.71 53.79
N LEU B 304 6.24 -42.22 54.37
CA LEU B 304 6.99 -41.10 53.83
C LEU B 304 8.22 -41.63 53.09
N ASN B 305 8.05 -41.85 51.78
CA ASN B 305 9.14 -42.26 50.94
C ASN B 305 9.77 -41.10 50.19
N TYR B 306 8.95 -40.14 49.74
CA TYR B 306 9.40 -39.06 48.88
C TYR B 306 9.92 -37.91 49.72
N PRO B 307 11.20 -37.58 49.67
CA PRO B 307 11.72 -36.48 50.50
C PRO B 307 11.56 -35.15 49.80
N ILE B 308 11.23 -34.12 50.60
CA ILE B 308 11.00 -32.79 50.05
C ILE B 308 12.29 -32.04 49.76
N SER B 309 13.45 -32.62 50.11
CA SER B 309 14.72 -32.01 49.72
C SER B 309 15.02 -32.22 48.25
N LEU B 310 14.29 -33.11 47.58
CA LEU B 310 14.48 -33.34 46.16
C LEU B 310 14.04 -32.14 45.34
N PHE B 311 12.94 -31.52 45.72
CA PHE B 311 12.39 -30.41 44.96
C PHE B 311 12.25 -29.11 45.74
N GLY B 312 12.25 -29.14 47.06
CA GLY B 312 12.27 -27.91 47.83
C GLY B 312 10.94 -27.25 48.04
N GLY B 313 9.86 -28.04 48.08
CA GLY B 313 8.55 -27.47 48.29
C GLY B 313 7.82 -28.18 49.41
N THR B 314 6.49 -28.12 49.40
CA THR B 314 5.68 -28.70 50.47
C THR B 314 4.75 -29.74 49.87
N LYS B 315 5.03 -31.01 50.12
CA LYS B 315 4.01 -32.03 49.85
C LYS B 315 2.94 -31.94 50.92
N SER B 316 1.71 -32.24 50.55
CA SER B 316 0.58 -31.96 51.42
C SER B 316 -0.52 -32.98 51.18
N PHE B 317 -1.45 -33.04 52.12
CA PHE B 317 -2.58 -33.96 52.04
C PHE B 317 -3.85 -33.14 51.96
N VAL B 318 -4.59 -33.28 50.86
CA VAL B 318 -5.76 -32.47 50.60
C VAL B 318 -6.97 -33.39 50.55
N LEU B 319 -8.06 -32.99 51.21
CA LEU B 319 -9.30 -33.78 51.28
C LEU B 319 -10.45 -32.90 50.84
N THR B 320 -10.83 -33.00 49.56
CA THR B 320 -11.66 -31.95 48.96
C THR B 320 -13.01 -32.54 48.58
N THR B 321 -13.92 -31.64 48.21
CA THR B 321 -15.18 -31.94 47.56
C THR B 321 -15.16 -31.20 46.22
N ASN B 322 -16.12 -31.49 45.35
CA ASN B 322 -16.17 -30.84 44.04
C ASN B 322 -17.33 -29.86 43.98
N GLY B 323 -17.18 -28.86 43.13
CA GLY B 323 -18.24 -27.92 42.84
C GLY B 323 -18.49 -27.88 41.36
N ALA B 324 -19.27 -26.92 40.88
CA ALA B 324 -19.47 -26.77 39.43
C ALA B 324 -18.19 -26.31 38.76
N ILE B 325 -17.47 -25.39 39.40
CA ILE B 325 -16.16 -24.97 38.91
C ILE B 325 -15.03 -25.76 39.55
N GLY B 326 -15.34 -26.73 40.40
CA GLY B 326 -14.39 -27.73 40.82
C GLY B 326 -13.56 -27.41 42.05
N GLY B 327 -14.05 -26.62 42.98
CA GLY B 327 -13.31 -26.42 44.20
C GLY B 327 -13.62 -25.08 44.83
N ARG B 328 -12.84 -24.76 45.86
CA ARG B 328 -12.96 -23.48 46.55
C ARG B 328 -12.02 -22.50 45.87
N ASN B 329 -12.49 -21.94 44.75
CA ASN B 329 -11.76 -20.94 43.99
C ASN B 329 -12.72 -19.81 43.65
N MET B 330 -12.52 -18.65 44.28
CA MET B 330 -13.37 -17.49 44.08
C MET B 330 -13.04 -16.71 42.83
N SER B 331 -11.96 -17.06 42.13
CA SER B 331 -11.39 -16.18 41.11
C SER B 331 -12.21 -16.16 39.82
N LEU B 332 -13.20 -17.04 39.67
CA LEU B 332 -14.06 -16.96 38.50
C LEU B 332 -15.29 -16.10 38.80
N GLY B 333 -15.88 -16.30 39.98
CA GLY B 333 -17.01 -15.47 40.37
C GLY B 333 -16.63 -14.05 40.72
N VAL B 334 -15.37 -13.78 41.03
CA VAL B 334 -14.92 -12.42 41.25
C VAL B 334 -14.76 -11.67 39.92
N LEU B 335 -14.25 -12.36 38.90
CA LEU B 335 -14.07 -11.74 37.58
C LEU B 335 -15.41 -11.42 36.92
N TYR B 336 -16.47 -12.15 37.28
CA TYR B 336 -17.80 -11.79 36.81
C TYR B 336 -18.34 -10.59 37.56
N LEU B 337 -17.72 -10.24 38.69
CA LEU B 337 -18.18 -9.09 39.47
C LEU B 337 -17.34 -7.86 39.22
N ILE B 338 -16.11 -8.02 38.72
CA ILE B 338 -15.33 -6.86 38.33
C ILE B 338 -15.88 -6.24 37.05
N VAL B 339 -16.27 -7.08 36.09
CA VAL B 339 -16.83 -6.57 34.83
C VAL B 339 -18.23 -6.03 35.08
N ALA B 340 -18.93 -6.59 36.06
CA ALA B 340 -20.24 -6.06 36.43
C ALA B 340 -20.10 -4.78 37.25
N GLY B 341 -18.94 -4.60 37.89
CA GLY B 341 -18.72 -3.39 38.64
C GLY B 341 -18.15 -2.27 37.78
N LEU B 342 -17.28 -2.62 36.83
CA LEU B 342 -16.73 -1.64 35.90
C LEU B 342 -17.80 -1.11 34.95
N CYS B 343 -18.67 -1.98 34.46
CA CYS B 343 -19.67 -1.53 33.50
C CYS B 343 -20.79 -0.78 34.19
N ALA B 344 -21.01 -1.02 35.48
CA ALA B 344 -21.99 -0.25 36.21
C ALA B 344 -21.40 0.99 36.86
N LEU B 345 -20.08 1.14 36.85
CA LEU B 345 -19.47 2.38 37.27
C LEU B 345 -19.43 3.39 36.12
N PHE B 346 -18.99 2.94 34.94
CA PHE B 346 -18.94 3.83 33.80
C PHE B 346 -20.30 4.03 33.15
N GLY B 347 -21.31 3.24 33.54
CA GLY B 347 -22.67 3.61 33.24
C GLY B 347 -23.22 4.72 34.10
N ILE B 348 -22.49 5.11 35.14
CA ILE B 348 -22.84 6.26 35.97
C ILE B 348 -21.98 7.47 35.63
N ILE B 349 -20.70 7.25 35.36
CA ILE B 349 -19.79 8.34 34.98
C ILE B 349 -20.21 8.95 33.65
N PHE B 350 -20.59 8.10 32.69
CA PHE B 350 -21.03 8.62 31.40
C PHE B 350 -22.48 9.11 31.43
N LEU B 351 -23.20 8.85 32.51
CA LEU B 351 -24.57 9.35 32.61
C LEU B 351 -24.62 10.72 33.28
N VAL B 352 -23.70 11.00 34.22
CA VAL B 352 -23.64 12.31 34.83
C VAL B 352 -22.90 13.30 33.93
N LYS B 353 -22.19 12.77 32.93
CA LYS B 353 -21.64 13.63 31.90
C LYS B 353 -22.66 13.89 30.81
N LEU B 354 -23.63 13.00 30.65
CA LEU B 354 -24.70 13.20 29.68
C LEU B 354 -25.69 14.27 30.12
N ILE B 355 -25.74 14.58 31.41
CA ILE B 355 -26.72 15.51 31.94
C ILE B 355 -26.04 16.84 32.26
N PHE B 356 -24.92 16.78 32.97
CA PHE B 356 -24.28 17.98 33.48
C PHE B 356 -23.18 18.52 32.57
N GLN B 357 -22.82 17.79 31.51
CA GLN B 357 -21.86 18.31 30.54
C GLN B 357 -22.26 17.94 29.12
N PRO B 358 -23.36 18.49 28.58
CA PRO B 358 -23.77 18.09 27.23
C PRO B 358 -22.93 18.74 26.14
C1 NAG C . -17.67 -45.92 49.97
C2 NAG C . -17.10 -47.29 49.56
C3 NAG C . -17.97 -48.40 50.13
C4 NAG C . -17.90 -48.41 51.64
C5 NAG C . -18.27 -47.04 52.21
C6 NAG C . -17.21 -46.41 53.10
C7 NAG C . -15.87 -47.34 47.41
C8 NAG C . -14.60 -47.17 48.19
N2 NAG C . -17.02 -47.39 48.12
O3 NAG C . -17.52 -49.65 49.60
O4 NAG C . -18.80 -49.41 52.12
O5 NAG C . -18.57 -46.07 51.18
O6 NAG C . -17.40 -46.77 54.45
O7 NAG C . -15.87 -47.42 46.18
C1 NAG C . -18.61 -49.75 53.52
C2 NAG C . -19.88 -50.46 54.02
C3 NAG C . -19.51 -51.50 55.06
C4 NAG C . -18.71 -52.61 54.41
C5 NAG C . -17.47 -52.04 53.70
C6 NAG C . -17.37 -52.42 52.23
C7 NAG C . -21.74 -48.87 53.84
C8 NAG C . -22.63 -47.91 54.58
N2 NAG C . -20.81 -49.50 54.58
O3 NAG C . -20.70 -52.04 55.63
O4 NAG C . -18.29 -53.52 55.43
O5 NAG C . -17.40 -50.62 53.79
O6 NAG C . -18.54 -53.08 51.78
O7 NAG C . -21.86 -49.07 52.64
C1 BMA C . -18.17 -54.87 54.93
C2 BMA C . -17.80 -55.79 56.12
C3 BMA C . -17.60 -57.22 55.60
C4 BMA C . -18.83 -57.72 54.80
C5 BMA C . -19.27 -56.66 53.73
C6 BMA C . -20.60 -57.00 53.08
O2 BMA C . -18.85 -55.84 57.07
O3 BMA C . -17.31 -58.16 56.65
O4 BMA C . -18.53 -58.94 54.16
O5 BMA C . -19.38 -55.35 54.35
O6 BMA C . -20.78 -58.41 53.07
C1 BMA C . -15.90 -58.44 56.83
C2 BMA C . -15.55 -59.86 56.23
C3 BMA C . -14.04 -60.14 56.39
C4 BMA C . -13.17 -58.95 55.92
C5 BMA C . -13.64 -57.64 56.58
C6 BMA C . -12.89 -56.43 56.10
O2 BMA C . -15.82 -59.91 54.85
O3 BMA C . -13.66 -61.33 55.70
O4 BMA C . -11.80 -59.18 56.25
O5 BMA C . -15.03 -57.46 56.25
O6 BMA C . -13.33 -55.31 56.86
C1 NAG D . -12.92 -51.62 53.97
C2 NAG D . -12.03 -52.52 53.09
C3 NAG D . -11.46 -53.67 53.91
C4 NAG D . -10.76 -53.17 55.17
C5 NAG D . -11.69 -52.26 55.96
C6 NAG D . -11.02 -51.62 57.15
C7 NAG D . -12.23 -53.18 50.74
C8 NAG D . -13.15 -53.72 49.67
N2 NAG D . -12.78 -53.02 51.95
O3 NAG D . -10.56 -54.42 53.11
O4 NAG D . -10.40 -54.27 55.99
O5 NAG D . -12.17 -51.19 55.12
O6 NAG D . -9.66 -51.31 56.88
O7 NAG D . -11.07 -52.91 50.51
C1 NAG D . -8.98 -54.50 56.02
C2 NAG D . -8.60 -55.07 57.39
C3 NAG D . -7.11 -55.40 57.43
C4 NAG D . -6.74 -56.33 56.28
C5 NAG D . -7.17 -55.73 54.95
C6 NAG D . -6.96 -56.65 53.78
C7 NAG D . -9.81 -54.42 59.42
C8 NAG D . -10.04 -53.33 60.44
N2 NAG D . -8.94 -54.13 58.44
O3 NAG D . -6.80 -56.02 58.67
O4 NAG D . -5.33 -56.53 56.26
O5 NAG D . -8.58 -55.44 54.99
O6 NAG D . -6.46 -57.91 54.19
O7 NAG D . -10.39 -55.50 59.47
C1 NAG E . 10.65 -43.01 46.58
C2 NAG E . 11.71 -44.11 46.69
C3 NAG E . 13.06 -43.50 47.09
C4 NAG E . 13.43 -42.32 46.21
C5 NAG E . 12.29 -41.32 46.14
C6 NAG E . 12.53 -40.20 45.16
C7 NAG E . 10.54 -46.17 47.35
C8 NAG E . 10.24 -47.11 48.48
N2 NAG E . 11.31 -45.12 47.65
O3 NAG E . 14.05 -44.51 46.99
O4 NAG E . 14.56 -41.66 46.78
O5 NAG E . 11.10 -42.00 45.70
O6 NAG E . 12.09 -40.54 43.86
O7 NAG E . 10.12 -46.35 46.22
C1 NAG E . 15.74 -41.82 45.98
C2 NAG E . 16.88 -41.10 46.70
C3 NAG E . 18.19 -41.26 45.94
C4 NAG E . 18.49 -42.74 45.74
C5 NAG E . 17.31 -43.42 45.05
C6 NAG E . 17.48 -44.92 44.94
C7 NAG E . 16.33 -38.72 46.13
C8 NAG E . 16.07 -37.37 46.73
N2 NAG E . 16.58 -39.70 47.01
O3 NAG E . 19.22 -40.60 46.66
O4 NAG E . 19.66 -42.91 44.94
O5 NAG E . 16.10 -43.20 45.79
O6 NAG E . 17.14 -45.56 46.15
O7 NAG E . 16.32 -38.89 44.91
C1 BMA E . 20.79 -43.30 45.77
C2 BMA E . 21.22 -44.74 45.36
C3 BMA E . 22.76 -44.89 45.13
C4 BMA E . 23.70 -43.82 45.79
C5 BMA E . 22.95 -42.64 46.42
C6 BMA E . 23.80 -41.38 46.49
O2 BMA E . 20.64 -45.07 44.13
O3 BMA E . 23.02 -45.02 43.74
O4 BMA E . 24.52 -44.44 46.76
O5 BMA E . 21.84 -42.38 45.59
O6 BMA E . 23.40 -40.64 47.64
C1 BMA E . 23.88 -46.16 43.46
C2 BMA E . 23.08 -47.48 43.56
C3 BMA E . 23.65 -48.62 42.66
C4 BMA E . 25.02 -48.36 41.94
C5 BMA E . 25.51 -46.90 41.96
C6 BMA E . 26.19 -46.47 40.68
O2 BMA E . 21.73 -47.31 43.14
O3 BMA E . 22.68 -49.07 41.72
O4 BMA E . 26.02 -49.20 42.50
O5 BMA E . 24.40 -46.04 42.17
O6 BMA E . 26.69 -45.15 40.85
MG MG F . 2.16 16.38 -22.87
C1 2Y5 G . -8.50 4.69 19.29
O1 2Y5 G . -7.72 3.55 19.53
P1 2Y5 G . -7.26 3.23 21.08
C2 2Y5 G . -9.99 4.34 19.45
O2 2Y5 G . -10.13 2.97 19.70
C3 2Y5 G . -10.92 4.68 18.27
O3 2Y5 G . -12.20 4.89 18.80
C4 2Y5 G . -10.55 5.90 17.41
O4 2Y5 G . -10.79 5.57 16.06
P4 2Y5 G . -12.31 5.22 15.52
C5 2Y5 G . -9.10 6.38 17.52
O5 2Y5 G . -9.02 7.40 18.49
C6 2Y5 G . -8.13 5.27 17.92
O6 2Y5 G . -6.83 5.82 17.98
C7 2Y5 G . -4.71 3.08 20.66
C8 2Y5 G . -3.93 3.59 21.87
C9 2Y5 G . -3.75 2.47 22.87
C10 2Y5 G . -2.54 5.41 21.21
C11 2Y5 G . -3.46 2.35 25.20
O11 2Y5 G . -8.35 2.41 21.73
C12 2Y5 G . -1.85 6.23 22.29
O12 2Y5 G . -7.08 4.52 21.83
C13 2Y5 G . -0.34 6.11 22.12
O13 2Y5 G . -5.85 2.39 21.08
C14 2Y5 G . 0.21 5.11 23.15
C15 2Y5 G . 0.45 5.82 24.47
C16 2Y5 G . 1.57 5.70 25.15
O16 2Y5 G . -2.69 4.03 21.41
C17 2Y5 G . 2.72 4.82 24.64
O17 2Y5 G . -2.92 5.90 20.21
C18 2Y5 G . 3.75 5.68 23.91
O18 2Y5 G . -4.26 2.80 24.13
C19 2Y5 G . 5.00 5.29 23.74
O19 2Y5 G . -2.63 3.05 25.64
C20 2Y5 G . 5.50 3.96 24.30
C21 2Y5 G . 7.01 4.03 24.46
C22 2Y5 G . 7.73 2.99 24.83
C23 2Y5 G . 7.07 1.63 25.11
C24 2Y5 G . 7.14 1.34 26.61
C25 2Y5 G . 7.49 0.17 27.10
C26 2Y5 G . 7.87 -1.00 26.20
C27 2Y5 G . 8.82 -1.91 26.96
C28 2Y5 G . 8.78 -3.32 26.39
C29 2Y5 G . 9.84 -4.18 27.08
C30 2Y5 G . 9.16 -5.10 28.10
C31 2Y5 G . -3.68 0.96 25.80
C32 2Y5 G . -4.15 1.10 27.25
C33 2Y5 G . -3.88 -0.18 28.03
C34 2Y5 G . -2.51 -0.07 28.70
C35 2Y5 G . -2.50 -0.83 30.04
C36 2Y5 G . -1.06 -1.04 30.51
C37 2Y5 G . -0.52 -2.37 29.99
C38 2Y5 G . 0.82 -2.70 30.66
C39 2Y5 G . 1.21 -4.15 30.38
C40 2Y5 G . 0.63 -5.07 31.44
C41 2Y5 G . 1.67 -6.09 31.89
O41 2Y5 G . -12.56 3.73 15.55
C42 2Y5 G . 1.32 -6.59 33.29
O42 2Y5 G . -13.33 5.93 16.37
C43 2Y5 G . 2.40 -7.52 33.82
O43 2Y5 G . -12.44 5.70 14.10
C44 2Y5 G . 1.84 -8.94 34.02
C45 2Y5 G . 2.97 -9.91 34.36
C46 2Y5 G . 2.41 -11.32 34.50
C47 2Y5 G . 3.31 -12.17 35.39
#